data_8SZG
#
_entry.id   8SZG
#
_cell.length_a   1.00
_cell.length_b   1.00
_cell.length_c   1.00
_cell.angle_alpha   90.00
_cell.angle_beta   90.00
_cell.angle_gamma   90.00
#
_symmetry.space_group_name_H-M   'P 1'
#
loop_
_entity.id
_entity.type
_entity.pdbx_description
1 polymer 'Guanine nucleotide-binding protein G(I)/G(S)/G(T) subunit beta-1'
2 polymer 'Guanine nucleotide-binding protein G(I)/G(S)/G(O) subunit gamma-2'
3 polymer 'Extracellular calcium-sensing receptor'
4 polymer 'Extracellular calcium-sensing receptor'
5 polymer 'Guanine nucleotide-binding protein G(q) subunit alpha'
6 branched 2-acetamido-2-deoxy-beta-D-glucopyranose-(1-4)-2-acetamido-2-deoxy-beta-D-glucopyranose
7 non-polymer N-[(1R)-1-(naphthalen-1-yl)ethyl]-3-[3-(trifluoromethyl)phenyl]propan-1-amine
8 non-polymer 2-acetamido-2-deoxy-beta-D-glucopyranose
9 non-polymer 1,2-DIOLEOYL-SN-GLYCERO-3-PHOSPHOCHOLINE
10 non-polymer SPERMINE
11 non-polymer 'CALCIUM ION'
12 non-polymer TRYPTOPHAN
13 non-polymer 'PHOSPHATE ION'
14 non-polymer CHOLESTEROL
15 water water
#
loop_
_entity_poly.entity_id
_entity_poly.type
_entity_poly.pdbx_seq_one_letter_code
_entity_poly.pdbx_strand_id
1 'polypeptide(L)'
;GSSGSELDQLRQEAEQLKNQIRDARKACADATLSQITNNIDPVGRIQMRTRRTLRGHLAKIYAMHWGTDSRLLVSASQDG
KLIIWDSYTTNKVHAIPLRSSWVMTCAYAPSGNYVACGGLDNICSIYNLKTREGNVRVSRELAGHTGYLSCCRFLDDNQI
VTSSGDTTCALWDIETGQQTTTFTGHTGDVMSLSLAPDTRLFVSGACDASAKLWDVREGMCRQTFTGHESDINAICFFPN
GNAFATGSDDATCRLFDLRADQELMTYSHDNIICGITSVSFSKSGRLLLAGYDDFNCNVWDALKADRAGVLAGHDNRVSC
LGVTDDGMAVATGSWDSFLKIWNGSSGGGGSGGGGSSGVSGWRLFKKIS
;
D
2 'polypeptide(L)' MASNNTASIAQARKLVEQLKMEANIDRIKVSKAAADLMAYCEAHAKEDPLLTPVPASENPFREKKFFCAIL E
3 'polypeptide(L)'
;DYKDDDDKAAAYGPDQRAQKKGDIILGGLFPIHFGVAAKDQDLKSRPESVECIRYNFRGFRWLQAMIFAIEEINSSPALL
PNLTLGYRIFDTCNTVSKALEATLSFVAQNKIDSLNLDEFCNCSEHIPSTIAVVGATGSGVSTAVANLLGLFYIPQVSYA
SSSRLLSNKNQFKSFLRTIPNDEHQATAMADIIEYFRWNWVGTIAADDDYGRPGIEKFREEAEERDICIDFSELISQYSD
EEEIQHVVEVIQNSTAKVIVVFSSGPDLEPLIKEIVRRNITGKIWLASEAWASSSLIAMPQYFHVVGGTIGFALKAGQIP
GFREFLKKVHPRKSVHNGFAKEFWEETFNCHLQEGAKGPLPVDTFLRGHEESGDRFSNSSTAFRPLCTGDENISSVETPY
IDYTHLRISYNVYLAVYSIAHALQDIYTCLPGRGLFTNGSCADIKKVEAWQVLKHLRHLNFTNNMGEQVTFDECGDLVGN
YSIINWHLSPEDGSIVFKEVGYYNVYAKKGERLFINEEKILWSGFSREVPFSNCSRDCLAGTRKGIIEGEPTCCFECVEC
PDGEYSDETDASACNKCPDDFWSNENHTSCIAKEIEFLSWTEPFGIALTLFAVLGIFLTAFVLGVFIKFRNTPIVKATNR
ELSYLLLFSLLCCFSSSLFFIGEPQDWTCRLRQPAFGISFVLCISCILVKTNRVLLVFEAKIPTSFHRKWWGLNLQFLLV
FLCTFMQIVICVIWLYTAPPSSYRNQELEDEIIFITCHEGSLMALGFLIGYTCLLAAICFFFAFKSRKLPENFNEAKFIT
FSMLIFFIVWISFIPAYASTYGKFVSAVEVIAILAASFGLLACIFFNKIYIILFKPSRNTIEEVRCSTAAHAFKVAARAT
LRRSNVTSTSVTSVNQASTSRLEGLQSENHRLRMKITELDKDLEEVTMQLQDTPEKKTNSGGSVFTLEDFVGDWEQTAAY
NLDQVLEQGGVSSLLQNLAVSVTPIQRIVRSGENALKIDIHVIIPYEGLSADQMAQIEEVFKVVYPVDDHHFKVILPYGT
LVIDGVTPNMLNYFGRPYEGIAVFDGKKITVTGTLWNGNKIIDERLITPDGSMLFRVTINS
;
A
4 'polypeptide(L)'
;WSHPQFEKGGGSGGGSGGSAWSHPQFEKGSAAAYGPDQRAQKKGDIILGGLFPIHFGVAAKDQDLKSRPESVECIRYNFR
GFRWLQAMIFAIEEINSSPALLPNLTLGYRIFDTCNTVSKALEATLSFVAQNKIDSLNLDEFCNCSEHIPSTIAVVGATG
SGVSTAVANLLGLFYIPQVSYASSSRLLSNKNQFKSFLRTIPNDEHQATAMADIIEYFRWNWVGTIAADDDYGRPGIEKF
REEAEERDICIDFSELISQYSDEEEIQHVVEVIQNSTAKVIVVFSSGPDLEPLIKEIVRRNITGKIWLASEAWASSSLIA
MPQYFHVVGGTIGFALKAGQIPGFREFLKKVHPRKSVHNGFAKEFWEETFNCHLQEGAKGPLPVDTFLRGHEESGDRFSN
SSTAFRPLCTGDENISSVETPYIDYTHLRISYNVYLAVYSIAHALQDIYTCLPGRGLFTNGSCADIKKVEAWQVLKHLRH
LNFTNNMGEQVTFDECGDLVGNYSIINWHLSPEDGSIVFKEVGYYNVYAKKGERLFINEEKILWSGFSREVPFSNCSRDC
LAGTRKGIIEGEPTCCFECVECPDGEYSDETDASACNKCPDDFWSNENHTSCIAKEIEFLSWTEPFGIALTLFAVLGIFL
TAFVLGVFIKFRNTPIVKATNRELSYLLLFSLLCCFSSSLFFIGEPQDWTCRLRQPAFGISFVLCISCILVKTNRVLLVF
EAKIPTSFHRKWWGLNLQFLLVFLCTFMQIVICVIWLYTAPPSSYRNQELEDEIIFITCHEGSLMALGFLIGYTCLLAAI
CFFFAFKSRKLPENFNEAKFITFSMLIFFIVWISFIPAYASTYGKFVSAVEVIAILAASFGLLACIFFNKIYIILFKPSR
NTIEEVRCSTAAHAFKVAARATLRRSNVTGSSTNNNEEEKSRLLEKENRELEKIIAEKEERVSELRHQLQSRQQLKKTN
;
B
5 'polypeptide(L)'
;MGCTLSAEDKAAVERSKMIDRNLRRDKRDARRELKLLLLGTGESGKSTFIKQMRIIHGSGYSDEDKRGFTKLVYQNIFTA
MQAMIRAMDTLKIPYKYEHNKAHAQLVREVDVEKVSAFENPYVDAIKSLWNDPGIQECYDRRREYQLSDSTKYYLNDLDR
VADPAYLPTQQDVLRVRVPTTGIIEYPFDLQSVIFRMVDVGGQRSERRKWIHCFENVTSIMFLVALSEYDQVLVESDNEN
RMEESKALFRTIITYPWFQNSSVILFLNKKDLLEEKIMYSHLVDYFPEYDGPQRDAQAAREFILKMFVDLNPDSDKIIYS
HFTCATDTENIRFVFAAVKDTILQLNLKEYNLV
;
C
#
# COMPACT_ATOMS: atom_id res chain seq x y z
N GLN A 9 -4.77 -126.49 27.61
CA GLN A 9 -5.96 -126.75 28.41
C GLN A 9 -6.11 -125.73 29.53
N LEU A 10 -5.02 -125.02 29.82
CA LEU A 10 -5.07 -124.00 30.86
C LEU A 10 -6.04 -122.88 30.51
N ARG A 11 -6.03 -122.44 29.25
CA ARG A 11 -6.95 -121.39 28.83
C ARG A 11 -8.39 -121.87 28.86
N GLN A 12 -8.63 -123.12 28.47
CA GLN A 12 -9.98 -123.67 28.55
C GLN A 12 -10.47 -123.75 29.99
N GLU A 13 -9.59 -124.17 30.90
CA GLU A 13 -9.96 -124.21 32.32
C GLU A 13 -10.23 -122.82 32.85
N ALA A 14 -9.42 -121.83 32.43
CA ALA A 14 -9.65 -120.46 32.85
C ALA A 14 -10.99 -119.93 32.33
N GLU A 15 -11.34 -120.26 31.09
CA GLU A 15 -12.63 -119.85 30.54
C GLU A 15 -13.78 -120.50 31.29
N GLN A 16 -13.65 -121.79 31.62
CA GLN A 16 -14.69 -122.46 32.39
C GLN A 16 -14.84 -121.84 33.77
N LEU A 17 -13.72 -121.51 34.41
CA LEU A 17 -13.78 -120.85 35.72
C LEU A 17 -14.42 -119.48 35.61
N LYS A 18 -14.10 -118.73 34.54
CA LYS A 18 -14.73 -117.44 34.33
C LYS A 18 -16.24 -117.58 34.18
N ASN A 19 -16.69 -118.57 33.39
CA ASN A 19 -18.12 -118.77 33.22
C ASN A 19 -18.78 -119.15 34.54
N GLN A 20 -18.15 -120.04 35.31
CA GLN A 20 -18.72 -120.46 36.59
C GLN A 20 -18.81 -119.29 37.56
N ILE A 21 -17.75 -118.47 37.63
CA ILE A 21 -17.75 -117.36 38.58
C ILE A 21 -18.74 -116.29 38.14
N ARG A 22 -18.89 -116.07 36.84
CA ARG A 22 -19.90 -115.12 36.36
C ARG A 22 -21.30 -115.59 36.71
N ASP A 23 -21.58 -116.89 36.52
CA ASP A 23 -22.88 -117.42 36.88
C ASP A 23 -23.13 -117.31 38.38
N ALA A 24 -22.11 -117.61 39.19
CA ALA A 24 -22.25 -117.52 40.64
C ALA A 24 -22.50 -116.08 41.09
N ARG A 25 -21.78 -115.13 40.48
CA ARG A 25 -21.98 -113.72 40.81
C ARG A 25 -23.37 -113.25 40.41
N LYS A 26 -23.85 -113.68 39.25
CA LYS A 26 -25.19 -113.29 38.82
C LYS A 26 -26.26 -113.90 39.72
N ALA A 27 -26.04 -115.14 40.17
CA ALA A 27 -27.04 -115.82 41.00
C ALA A 27 -27.19 -115.14 42.36
N CYS A 28 -26.08 -114.69 42.95
CA CYS A 28 -26.11 -114.16 44.32
C CYS A 28 -26.77 -112.80 44.42
N ALA A 29 -27.00 -112.12 43.31
CA ALA A 29 -27.62 -110.79 43.33
C ALA A 29 -29.08 -110.92 43.74
N ASP A 30 -29.38 -110.57 44.99
CA ASP A 30 -30.74 -110.67 45.49
C ASP A 30 -31.67 -109.69 44.77
N ALA A 31 -31.27 -108.41 44.71
CA ALA A 31 -32.06 -107.38 44.06
C ALA A 31 -31.18 -106.16 43.84
N THR A 32 -31.30 -105.56 42.66
CA THR A 32 -30.46 -104.43 42.29
C THR A 32 -30.96 -103.17 43.01
N LEU A 33 -30.40 -102.01 42.64
CA LEU A 33 -30.80 -100.77 43.28
C LEU A 33 -32.20 -100.30 42.89
N SER A 34 -32.98 -101.12 42.19
CA SER A 34 -34.39 -100.87 41.98
C SER A 34 -35.25 -101.46 43.09
N GLN A 35 -34.66 -101.71 44.26
CA GLN A 35 -35.39 -102.31 45.38
C GLN A 35 -35.09 -101.66 46.71
N ILE A 36 -34.35 -100.55 46.74
CA ILE A 36 -34.07 -99.85 47.99
C ILE A 36 -34.51 -98.40 47.90
N THR A 37 -33.91 -97.65 46.97
CA THR A 37 -34.24 -96.23 46.77
C THR A 37 -35.34 -96.06 45.74
N ASN A 38 -36.43 -96.80 45.93
CA ASN A 38 -37.49 -96.85 44.92
C ASN A 38 -38.16 -95.49 44.75
N ASN A 39 -38.49 -94.84 45.85
CA ASN A 39 -39.26 -93.60 45.81
C ASN A 39 -38.69 -92.56 46.77
N ILE A 40 -37.37 -92.44 46.82
CA ILE A 40 -36.73 -91.44 47.66
C ILE A 40 -36.74 -90.11 46.94
N ASP A 41 -36.94 -89.03 47.69
CA ASP A 41 -37.05 -87.70 47.11
C ASP A 41 -35.70 -87.25 46.55
N PRO A 42 -35.71 -86.34 45.57
CA PRO A 42 -34.46 -85.76 45.09
C PRO A 42 -33.80 -84.90 46.17
N VAL A 43 -32.47 -84.83 46.11
CA VAL A 43 -31.73 -84.04 47.07
C VAL A 43 -31.97 -82.55 46.87
N GLY A 44 -32.40 -82.15 45.69
CA GLY A 44 -32.61 -80.74 45.38
C GLY A 44 -31.41 -80.14 44.68
N ARG A 45 -31.68 -79.13 43.86
CA ARG A 45 -30.62 -78.44 43.12
C ARG A 45 -29.71 -77.69 44.09
N ILE A 46 -28.50 -78.18 44.27
CA ILE A 46 -27.52 -77.58 45.19
C ILE A 46 -26.41 -76.96 44.37
N GLN A 47 -26.07 -75.72 44.70
CA GLN A 47 -25.04 -74.97 43.99
C GLN A 47 -24.16 -74.24 45.00
N MET A 48 -22.91 -73.98 44.61
CA MET A 48 -21.95 -73.30 45.44
C MET A 48 -21.25 -72.22 44.63
N ARG A 49 -20.58 -71.31 45.33
CA ARG A 49 -19.84 -70.23 44.71
C ARG A 49 -18.46 -70.13 45.34
N THR A 50 -17.48 -69.75 44.52
CA THR A 50 -16.11 -69.64 45.00
C THR A 50 -15.98 -68.51 46.02
N ARG A 51 -15.24 -68.77 47.09
CA ARG A 51 -15.06 -67.81 48.17
C ARG A 51 -13.66 -67.23 48.24
N ARG A 52 -12.63 -68.05 48.03
CA ARG A 52 -11.25 -67.58 47.99
C ARG A 52 -10.55 -68.23 46.80
N THR A 53 -9.94 -67.41 45.96
CA THR A 53 -9.27 -67.88 44.76
C THR A 53 -7.77 -67.69 44.90
N LEU A 54 -7.02 -68.78 44.70
CA LEU A 54 -5.57 -68.77 44.85
C LEU A 54 -4.91 -68.38 43.53
N ARG A 55 -3.88 -67.54 43.62
CA ARG A 55 -3.15 -67.08 42.45
C ARG A 55 -1.66 -67.18 42.71
N GLY A 56 -0.89 -67.32 41.64
CA GLY A 56 0.56 -67.38 41.76
C GLY A 56 1.21 -68.34 40.79
N HIS A 57 0.45 -69.31 40.29
CA HIS A 57 0.99 -70.26 39.32
C HIS A 57 1.05 -69.66 37.93
N LEU A 58 1.89 -70.26 37.08
CA LEU A 58 2.08 -69.80 35.72
C LEU A 58 2.07 -70.94 34.71
N ALA A 59 1.64 -72.14 35.12
CA ALA A 59 1.59 -73.28 34.23
C ALA A 59 0.37 -74.13 34.59
N LYS A 60 0.25 -75.29 33.97
CA LYS A 60 -0.86 -76.18 34.25
C LYS A 60 -0.76 -76.77 35.65
N ILE A 61 -1.92 -77.01 36.26
CA ILE A 61 -2.01 -77.62 37.58
C ILE A 61 -2.55 -79.03 37.42
N TYR A 62 -1.82 -80.01 37.92
CA TYR A 62 -2.20 -81.41 37.80
C TYR A 62 -2.52 -82.08 39.13
N ALA A 63 -2.30 -81.42 40.27
CA ALA A 63 -2.53 -82.07 41.55
C ALA A 63 -2.95 -81.04 42.58
N MET A 64 -3.65 -81.53 43.61
CA MET A 64 -4.05 -80.70 44.75
C MET A 64 -4.44 -81.63 45.88
N HIS A 65 -3.76 -81.50 47.02
CA HIS A 65 -4.01 -82.37 48.16
C HIS A 65 -4.07 -81.51 49.42
N TRP A 66 -4.96 -81.89 50.34
CA TRP A 66 -5.13 -81.16 51.58
C TRP A 66 -4.21 -81.71 52.67
N GLY A 67 -4.13 -80.96 53.77
CA GLY A 67 -3.36 -81.40 54.92
C GLY A 67 -4.22 -82.13 55.93
N THR A 68 -3.58 -82.51 57.04
CA THR A 68 -4.29 -83.23 58.09
C THR A 68 -5.20 -82.33 58.90
N ASP A 69 -4.98 -81.01 58.87
CA ASP A 69 -5.80 -80.06 59.61
C ASP A 69 -6.85 -79.39 58.73
N SER A 70 -7.04 -79.88 57.50
CA SER A 70 -8.04 -79.36 56.57
C SER A 70 -7.84 -77.87 56.28
N ARG A 71 -6.63 -77.37 56.47
CA ARG A 71 -6.32 -75.96 56.31
C ARG A 71 -5.31 -75.70 55.21
N LEU A 72 -4.16 -76.38 55.23
CA LEU A 72 -3.10 -76.14 54.27
C LEU A 72 -3.39 -76.86 52.95
N LEU A 73 -2.70 -76.44 51.90
CA LEU A 73 -2.84 -77.02 50.58
C LEU A 73 -1.47 -77.19 49.95
N VAL A 74 -1.33 -78.20 49.08
CA VAL A 74 -0.13 -78.43 48.31
C VAL A 74 -0.52 -78.61 46.85
N SER A 75 0.17 -77.90 45.96
CA SER A 75 -0.12 -77.95 44.53
C SER A 75 1.17 -78.10 43.75
N ALA A 76 1.12 -78.89 42.68
CA ALA A 76 2.27 -79.16 41.84
C ALA A 76 1.95 -78.76 40.41
N SER A 77 2.83 -77.99 39.78
CA SER A 77 2.66 -77.50 38.42
C SER A 77 3.80 -77.97 37.55
N GLN A 78 3.55 -78.04 36.24
CA GLN A 78 4.56 -78.50 35.30
C GLN A 78 5.77 -77.56 35.29
N ASP A 79 5.52 -76.26 35.24
CA ASP A 79 6.58 -75.26 35.27
C ASP A 79 6.42 -74.43 36.53
N GLY A 80 7.46 -74.40 37.35
CA GLY A 80 7.40 -73.67 38.61
C GLY A 80 7.94 -74.48 39.77
N LYS A 81 7.21 -74.46 40.89
CA LYS A 81 7.67 -75.11 42.11
C LYS A 81 6.46 -75.41 42.99
N LEU A 82 6.68 -76.25 43.99
CA LEU A 82 5.64 -76.53 44.96
C LEU A 82 5.30 -75.27 45.75
N ILE A 83 4.00 -75.07 45.99
CA ILE A 83 3.50 -73.95 46.78
C ILE A 83 2.67 -74.50 47.92
N ILE A 84 3.02 -74.13 49.14
CA ILE A 84 2.24 -74.49 50.32
C ILE A 84 1.37 -73.29 50.68
N TRP A 85 0.06 -73.47 50.60
CA TRP A 85 -0.89 -72.38 50.80
C TRP A 85 -1.52 -72.46 52.18
N ASP A 86 -2.18 -71.37 52.55
CA ASP A 86 -3.03 -71.29 53.74
C ASP A 86 -4.39 -70.82 53.23
N SER A 87 -5.34 -71.76 53.09
CA SER A 87 -6.59 -71.45 52.42
C SER A 87 -7.41 -70.41 53.17
N TYR A 88 -7.27 -70.34 54.50
CA TYR A 88 -8.07 -69.40 55.28
C TYR A 88 -7.59 -67.97 55.08
N THR A 89 -6.27 -67.75 55.13
CA THR A 89 -5.68 -66.46 54.80
C THR A 89 -4.57 -66.72 53.79
N THR A 90 -4.80 -66.30 52.55
CA THR A 90 -3.91 -66.68 51.45
C THR A 90 -2.49 -66.20 51.68
N ASN A 91 -1.59 -67.13 51.96
CA ASN A 91 -0.20 -66.81 52.25
C ASN A 91 0.66 -68.00 51.84
N LYS A 92 1.56 -67.78 50.89
CA LYS A 92 2.45 -68.84 50.41
C LYS A 92 3.53 -69.08 51.46
N VAL A 93 3.30 -70.08 52.30
CA VAL A 93 4.20 -70.32 53.43
C VAL A 93 5.57 -70.80 52.94
N HIS A 94 5.59 -71.73 51.98
CA HIS A 94 6.84 -72.30 51.49
C HIS A 94 6.80 -72.43 49.98
N ALA A 95 7.98 -72.43 49.37
CA ALA A 95 8.13 -72.68 47.94
C ALA A 95 9.33 -73.59 47.76
N ILE A 96 9.13 -74.74 47.13
CA ILE A 96 10.15 -75.76 46.97
C ILE A 96 10.42 -75.96 45.48
N PRO A 97 11.52 -75.42 44.96
CA PRO A 97 11.89 -75.70 43.56
C PRO A 97 12.19 -77.18 43.36
N LEU A 98 11.86 -77.67 42.17
CA LEU A 98 11.99 -79.09 41.83
C LEU A 98 12.96 -79.26 40.68
N ARG A 99 13.84 -80.26 40.80
CA ARG A 99 14.83 -80.51 39.76
C ARG A 99 14.18 -80.94 38.46
N SER A 100 13.17 -81.79 38.53
CA SER A 100 12.49 -82.30 37.34
C SER A 100 11.15 -81.57 37.19
N SER A 101 11.00 -80.82 36.10
CA SER A 101 9.78 -80.06 35.85
C SER A 101 8.78 -80.85 35.01
N TRP A 102 8.48 -82.08 35.43
CA TRP A 102 7.48 -82.91 34.77
C TRP A 102 6.64 -83.64 35.80
N VAL A 103 6.22 -82.93 36.84
CA VAL A 103 5.48 -83.54 37.95
C VAL A 103 4.08 -83.91 37.50
N MET A 104 3.62 -85.09 37.93
CA MET A 104 2.27 -85.55 37.63
C MET A 104 1.41 -85.79 38.85
N THR A 105 1.99 -85.92 40.04
CA THR A 105 1.19 -86.13 41.25
C THR A 105 2.00 -85.69 42.46
N CYS A 106 1.32 -85.05 43.41
CA CYS A 106 1.91 -84.64 44.67
C CYS A 106 1.06 -85.16 45.82
N ALA A 107 1.69 -85.34 46.98
CA ALA A 107 1.01 -85.88 48.15
C ALA A 107 1.45 -85.14 49.40
N TYR A 108 0.58 -85.14 50.40
CA TYR A 108 0.85 -84.53 51.70
C TYR A 108 0.75 -85.58 52.78
N ALA A 109 1.80 -85.69 53.60
CA ALA A 109 1.82 -86.68 54.66
C ALA A 109 0.86 -86.28 55.78
N PRO A 110 0.14 -87.22 56.37
CA PRO A 110 -0.73 -86.89 57.51
C PRO A 110 0.04 -86.38 58.72
N SER A 111 1.32 -86.71 58.85
CA SER A 111 2.11 -86.23 59.98
C SER A 111 2.35 -84.73 59.90
N GLY A 112 2.18 -84.11 58.74
CA GLY A 112 2.39 -82.69 58.60
C GLY A 112 3.83 -82.26 58.57
N ASN A 113 4.76 -83.17 58.24
CA ASN A 113 6.17 -82.85 58.22
C ASN A 113 6.89 -83.28 56.95
N TYR A 114 6.19 -83.82 55.96
CA TYR A 114 6.84 -84.30 54.75
C TYR A 114 5.90 -84.13 53.56
N VAL A 115 6.48 -83.97 52.37
CA VAL A 115 5.74 -83.88 51.13
C VAL A 115 6.44 -84.74 50.08
N ALA A 116 5.70 -85.09 49.03
CA ALA A 116 6.20 -85.98 48.00
C ALA A 116 5.79 -85.46 46.63
N CYS A 117 6.56 -85.86 45.62
CA CYS A 117 6.28 -85.50 44.24
C CYS A 117 6.79 -86.61 43.33
N GLY A 118 6.89 -86.30 42.04
CA GLY A 118 7.33 -87.27 41.05
C GLY A 118 6.61 -87.10 39.74
N GLY A 119 7.13 -87.70 38.67
CA GLY A 119 6.53 -87.57 37.37
C GLY A 119 7.14 -88.47 36.32
N LEU A 120 7.37 -87.91 35.13
CA LEU A 120 7.94 -88.70 34.04
C LEU A 120 9.36 -89.15 34.31
N ASP A 121 10.03 -88.56 35.29
CA ASP A 121 11.40 -88.95 35.64
C ASP A 121 11.46 -90.31 36.33
N ASN A 122 10.32 -90.90 36.69
CA ASN A 122 10.25 -92.24 37.28
C ASN A 122 11.04 -92.32 38.59
N ILE A 123 10.89 -91.30 39.43
CA ILE A 123 11.52 -91.29 40.75
C ILE A 123 10.73 -90.34 41.63
N CYS A 124 10.47 -90.76 42.86
CA CYS A 124 9.73 -89.99 43.84
C CYS A 124 10.65 -89.55 44.98
N SER A 125 10.43 -88.34 45.48
CA SER A 125 11.29 -87.76 46.49
C SER A 125 10.45 -87.32 47.67
N ILE A 126 11.09 -87.21 48.83
CA ILE A 126 10.45 -86.79 50.07
C ILE A 126 11.22 -85.60 50.62
N TYR A 127 10.52 -84.49 50.85
CA TYR A 127 11.12 -83.28 51.40
C TYR A 127 10.76 -83.14 52.87
N ASN A 128 11.60 -82.39 53.59
CA ASN A 128 11.43 -82.18 55.02
C ASN A 128 10.85 -80.78 55.25
N LEU A 129 9.54 -80.73 55.52
CA LEU A 129 8.92 -79.47 55.91
C LEU A 129 9.33 -79.02 57.31
N LYS A 130 9.94 -79.90 58.09
CA LYS A 130 10.38 -79.53 59.43
C LYS A 130 11.58 -78.59 59.34
N THR A 131 11.49 -77.47 60.06
CA THR A 131 12.56 -76.46 60.04
C THR A 131 13.59 -76.80 61.12
N ARG A 132 14.30 -77.90 60.88
CA ARG A 132 15.41 -78.26 61.75
C ARG A 132 16.52 -77.23 61.66
N GLU A 133 16.81 -76.75 60.45
CA GLU A 133 17.79 -75.70 60.23
C GLU A 133 17.52 -75.07 58.87
N GLY A 134 17.63 -73.75 58.79
CA GLY A 134 17.40 -73.06 57.54
C GLY A 134 15.98 -73.16 57.05
N ASN A 135 15.75 -73.93 56.00
CA ASN A 135 14.43 -74.08 55.41
C ASN A 135 14.31 -75.49 54.85
N VAL A 136 13.31 -75.71 53.99
CA VAL A 136 13.07 -77.02 53.42
C VAL A 136 14.23 -77.42 52.53
N ARG A 137 14.63 -78.70 52.61
CA ARG A 137 15.71 -79.23 51.80
C ARG A 137 15.38 -80.66 51.39
N VAL A 138 16.00 -81.10 50.30
CA VAL A 138 15.77 -82.47 49.81
C VAL A 138 16.44 -83.46 50.75
N SER A 139 15.69 -84.49 51.15
CA SER A 139 16.18 -85.49 52.10
C SER A 139 16.53 -86.80 51.42
N ARG A 140 15.59 -87.41 50.70
CA ARG A 140 15.82 -88.72 50.11
C ARG A 140 15.01 -88.85 48.83
N GLU A 141 15.53 -89.65 47.91
CA GLU A 141 14.86 -89.94 46.64
C GLU A 141 14.74 -91.45 46.49
N LEU A 142 13.55 -91.91 46.14
CA LEU A 142 13.28 -93.34 45.98
C LEU A 142 13.29 -93.68 44.50
N ALA A 143 14.19 -94.58 44.11
CA ALA A 143 14.36 -94.96 42.71
C ALA A 143 14.30 -96.48 42.58
N GLY A 144 13.91 -96.94 41.40
CA GLY A 144 13.80 -98.35 41.13
C GLY A 144 12.63 -98.69 40.24
N HIS A 145 11.78 -97.70 39.95
CA HIS A 145 10.65 -97.91 39.09
C HIS A 145 11.09 -98.00 37.63
N THR A 146 10.22 -98.58 36.80
CA THR A 146 10.45 -98.69 35.36
C THR A 146 9.67 -97.63 34.59
N GLY A 147 8.35 -97.58 34.77
CA GLY A 147 7.52 -96.60 34.10
C GLY A 147 7.44 -95.30 34.87
N TYR A 148 6.63 -94.39 34.33
CA TYR A 148 6.45 -93.09 34.94
C TYR A 148 5.53 -93.18 36.16
N LEU A 149 5.84 -92.40 37.18
CA LEU A 149 5.00 -92.34 38.37
C LEU A 149 3.67 -91.69 38.05
N SER A 150 2.61 -92.16 38.71
CA SER A 150 1.27 -91.64 38.47
C SER A 150 0.57 -91.17 39.74
N CYS A 151 0.85 -91.79 40.88
CA CYS A 151 0.21 -91.40 42.13
C CYS A 151 1.11 -91.75 43.30
N CYS A 152 0.85 -91.12 44.44
CA CYS A 152 1.60 -91.37 45.65
C CYS A 152 0.75 -90.98 46.86
N ARG A 153 0.76 -91.83 47.89
CA ARG A 153 0.05 -91.56 49.12
C ARG A 153 0.91 -92.03 50.30
N PHE A 154 0.68 -91.44 51.46
CA PHE A 154 1.45 -91.73 52.65
C PHE A 154 0.64 -92.62 53.58
N LEU A 155 1.13 -93.83 53.85
CA LEU A 155 0.51 -94.68 54.86
C LEU A 155 0.78 -94.13 56.25
N ASP A 156 2.02 -93.77 56.53
CA ASP A 156 2.43 -93.22 57.82
C ASP A 156 3.61 -92.29 57.57
N ASP A 157 4.34 -91.95 58.63
CA ASP A 157 5.50 -91.08 58.50
C ASP A 157 6.73 -91.81 57.97
N ASN A 158 6.67 -93.14 57.83
CA ASN A 158 7.83 -93.92 57.44
C ASN A 158 7.62 -94.78 56.20
N GLN A 159 6.43 -94.77 55.61
CA GLN A 159 6.15 -95.59 54.44
C GLN A 159 5.36 -94.77 53.42
N ILE A 160 5.44 -95.21 52.16
CA ILE A 160 4.76 -94.52 51.07
C ILE A 160 4.31 -95.57 50.06
N VAL A 161 3.16 -95.32 49.44
CA VAL A 161 2.59 -96.19 48.42
C VAL A 161 2.52 -95.41 47.12
N THR A 162 3.11 -95.97 46.06
CA THR A 162 3.18 -95.31 44.77
C THR A 162 2.77 -96.28 43.67
N SER A 163 2.26 -95.72 42.57
CA SER A 163 1.87 -96.50 41.40
C SER A 163 2.74 -96.07 40.23
N SER A 164 3.30 -97.05 39.53
CA SER A 164 4.26 -96.80 38.46
C SER A 164 3.62 -96.99 37.09
N GLY A 165 4.40 -96.66 36.05
CA GLY A 165 3.90 -96.79 34.70
C GLY A 165 3.65 -98.24 34.30
N ASP A 166 4.58 -99.13 34.63
CA ASP A 166 4.38 -100.53 34.33
C ASP A 166 3.25 -101.10 35.18
N THR A 167 2.89 -102.36 34.91
CA THR A 167 1.77 -103.00 35.59
C THR A 167 2.19 -103.48 36.98
N THR A 168 2.71 -102.54 37.76
CA THR A 168 3.20 -102.83 39.11
C THR A 168 2.77 -101.72 40.06
N CYS A 169 2.65 -102.08 41.33
CA CYS A 169 2.47 -101.13 42.43
C CYS A 169 3.41 -101.53 43.55
N ALA A 170 4.02 -100.55 44.20
CA ALA A 170 5.07 -100.80 45.17
C ALA A 170 4.74 -100.16 46.51
N LEU A 171 5.26 -100.77 47.57
CA LEU A 171 5.17 -100.25 48.93
C LEU A 171 6.60 -99.96 49.36
N TRP A 172 7.02 -98.70 49.19
CA TRP A 172 8.39 -98.31 49.46
C TRP A 172 8.63 -98.20 50.96
N ASP A 173 9.89 -97.91 51.32
CA ASP A 173 10.28 -97.67 52.69
C ASP A 173 11.18 -96.44 52.73
N ILE A 174 11.09 -95.69 53.82
CA ILE A 174 11.90 -94.48 53.97
C ILE A 174 13.14 -94.71 54.83
N GLU A 175 13.18 -95.81 55.60
CA GLU A 175 14.34 -96.08 56.44
C GLU A 175 15.62 -96.24 55.61
N THR A 176 15.54 -96.99 54.51
CA THR A 176 16.69 -97.18 53.63
C THR A 176 16.41 -96.87 52.17
N GLY A 177 15.15 -96.84 51.73
CA GLY A 177 14.82 -96.56 50.36
C GLY A 177 14.64 -97.77 49.46
N GLN A 178 14.55 -98.97 50.02
CA GLN A 178 14.39 -100.18 49.24
C GLN A 178 12.97 -100.70 49.38
N GLN A 179 12.34 -101.03 48.26
CA GLN A 179 10.98 -101.54 48.27
C GLN A 179 10.94 -102.90 48.95
N THR A 180 9.91 -103.13 49.77
CA THR A 180 9.75 -104.37 50.50
C THR A 180 8.64 -105.26 49.95
N THR A 181 7.80 -104.76 49.06
CA THR A 181 6.72 -105.54 48.49
C THR A 181 6.38 -104.99 47.11
N THR A 182 6.18 -105.89 46.15
CA THR A 182 5.82 -105.52 44.79
C THR A 182 4.55 -106.25 44.40
N PHE A 183 3.52 -105.50 44.02
CA PHE A 183 2.25 -106.06 43.58
C PHE A 183 2.23 -106.13 42.05
N THR A 184 1.86 -107.29 41.52
CA THR A 184 1.83 -107.50 40.08
C THR A 184 0.54 -108.21 39.71
N GLY A 185 0.17 -108.09 38.44
CA GLY A 185 -1.01 -108.78 37.93
C GLY A 185 -1.79 -107.99 36.90
N HIS A 186 -1.56 -106.68 36.84
CA HIS A 186 -2.28 -105.85 35.89
C HIS A 186 -1.78 -106.09 34.46
N THR A 187 -2.58 -105.62 33.50
CA THR A 187 -2.25 -105.73 32.09
C THR A 187 -2.27 -104.37 31.40
N GLY A 188 -1.96 -103.32 32.15
CA GLY A 188 -1.96 -101.98 31.58
C GLY A 188 -1.33 -100.98 32.53
N ASP A 189 -1.18 -99.76 32.02
CA ASP A 189 -0.58 -98.70 32.81
C ASP A 189 -1.52 -98.27 33.93
N VAL A 190 -0.98 -98.15 35.14
CA VAL A 190 -1.75 -97.71 36.30
C VAL A 190 -1.69 -96.19 36.39
N MET A 191 -2.85 -95.56 36.53
CA MET A 191 -2.92 -94.10 36.54
C MET A 191 -3.56 -93.51 37.79
N SER A 192 -4.25 -94.30 38.61
CA SER A 192 -4.92 -93.77 39.79
C SER A 192 -4.72 -94.72 40.95
N LEU A 193 -4.80 -94.17 42.16
CA LEU A 193 -4.62 -94.95 43.39
C LEU A 193 -5.26 -94.18 44.54
N SER A 194 -6.20 -94.81 45.24
CA SER A 194 -6.88 -94.21 46.36
C SER A 194 -6.82 -95.16 47.54
N LEU A 195 -6.14 -94.74 48.61
CA LEU A 195 -5.95 -95.58 49.79
C LEU A 195 -7.21 -95.57 50.64
N ALA A 196 -7.65 -96.75 51.05
CA ALA A 196 -8.82 -96.87 51.91
C ALA A 196 -8.48 -96.36 53.31
N PRO A 197 -9.46 -95.79 54.03
CA PRO A 197 -9.19 -95.31 55.39
C PRO A 197 -8.79 -96.40 56.36
N ASP A 198 -9.07 -97.67 56.05
CA ASP A 198 -8.75 -98.77 56.96
C ASP A 198 -7.26 -98.99 57.12
N THR A 199 -6.42 -98.38 56.28
CA THR A 199 -4.96 -98.55 56.32
C THR A 199 -4.57 -100.01 56.18
N ARG A 200 -5.38 -100.79 55.46
CA ARG A 200 -5.09 -102.18 55.19
C ARG A 200 -5.28 -102.58 53.73
N LEU A 201 -6.08 -101.84 52.96
CA LEU A 201 -6.31 -102.15 51.56
C LEU A 201 -6.23 -100.85 50.76
N PHE A 202 -6.04 -101.02 49.45
CA PHE A 202 -6.09 -99.88 48.53
C PHE A 202 -6.42 -100.42 47.14
N VAL A 203 -6.87 -99.51 46.28
CA VAL A 203 -7.28 -99.84 44.92
C VAL A 203 -6.43 -99.06 43.93
N SER A 204 -6.24 -99.64 42.75
CA SER A 204 -5.46 -99.02 41.70
C SER A 204 -6.18 -99.20 40.37
N GLY A 205 -6.20 -98.14 39.57
CA GLY A 205 -6.83 -98.17 38.27
C GLY A 205 -5.81 -98.29 37.16
N ALA A 206 -5.95 -99.33 36.37
CA ALA A 206 -5.03 -99.63 35.28
C ALA A 206 -5.61 -99.20 33.94
N CYS A 207 -4.74 -99.21 32.92
CA CYS A 207 -5.18 -98.87 31.57
C CYS A 207 -6.18 -99.87 31.03
N ASP A 208 -6.07 -101.13 31.43
CA ASP A 208 -7.06 -102.13 31.04
C ASP A 208 -8.40 -101.82 31.69
N ALA A 209 -9.47 -102.29 31.06
CA ALA A 209 -10.82 -102.00 31.53
C ALA A 209 -11.14 -102.82 32.77
N SER A 210 -10.43 -102.57 33.87
CA SER A 210 -10.65 -103.29 35.11
C SER A 210 -9.92 -102.58 36.23
N ALA A 211 -10.49 -102.64 37.43
CA ALA A 211 -9.86 -102.14 38.65
C ALA A 211 -9.77 -103.28 39.65
N LYS A 212 -8.64 -103.37 40.34
CA LYS A 212 -8.34 -104.52 41.19
C LYS A 212 -8.02 -104.07 42.60
N LEU A 213 -8.46 -104.87 43.58
CA LEU A 213 -8.11 -104.66 44.97
C LEU A 213 -6.69 -105.11 45.24
N TRP A 214 -6.17 -104.72 46.41
CA TRP A 214 -4.83 -105.08 46.82
C TRP A 214 -4.77 -105.11 48.34
N ASP A 215 -3.73 -105.75 48.86
CA ASP A 215 -3.46 -105.81 50.28
C ASP A 215 -2.22 -104.99 50.60
N VAL A 216 -1.90 -104.89 51.89
CA VAL A 216 -0.71 -104.20 52.35
C VAL A 216 0.23 -105.09 53.15
N ARG A 217 -0.22 -106.27 53.58
CA ARG A 217 0.62 -107.20 54.32
C ARG A 217 0.83 -108.51 53.59
N GLU A 218 -0.26 -109.17 53.17
CA GLU A 218 -0.13 -110.42 52.42
C GLU A 218 0.45 -110.19 51.04
N GLY A 219 0.21 -109.02 50.45
CA GLY A 219 0.76 -108.70 49.15
C GLY A 219 0.24 -109.57 48.02
N MET A 220 -1.07 -109.82 47.99
CA MET A 220 -1.67 -110.64 46.96
C MET A 220 -3.03 -110.08 46.58
N CYS A 221 -3.47 -110.40 45.36
CA CYS A 221 -4.79 -110.00 44.91
C CYS A 221 -5.88 -110.73 45.66
N ARG A 222 -7.01 -110.07 45.82
CA ARG A 222 -8.15 -110.68 46.51
C ARG A 222 -9.43 -110.65 45.69
N GLN A 223 -9.70 -109.56 44.98
CA GLN A 223 -10.91 -109.44 44.18
C GLN A 223 -10.61 -108.64 42.93
N THR A 224 -11.35 -108.93 41.86
CA THR A 224 -11.23 -108.23 40.59
C THR A 224 -12.61 -107.85 40.08
N PHE A 225 -12.67 -106.75 39.33
CA PHE A 225 -13.90 -106.27 38.72
C PHE A 225 -13.63 -106.02 37.24
N THR A 226 -14.15 -106.88 36.39
CA THR A 226 -13.89 -106.84 34.95
C THR A 226 -15.15 -106.57 34.14
N GLY A 227 -16.10 -105.87 34.74
CA GLY A 227 -17.33 -105.50 34.05
C GLY A 227 -17.34 -104.12 33.42
N HIS A 228 -16.17 -103.49 33.23
CA HIS A 228 -16.14 -102.08 32.72
C HIS A 228 -15.60 -102.01 31.29
N GLU A 229 -15.55 -100.81 30.68
CA GLU A 229 -15.10 -100.65 29.26
C GLU A 229 -14.17 -99.43 29.12
N SER A 230 -13.46 -99.33 28.00
CA SER A 230 -12.49 -98.22 27.78
C SER A 230 -11.39 -98.24 28.83
N ASP A 231 -11.09 -97.09 29.44
CA ASP A 231 -9.97 -97.01 30.42
C ASP A 231 -10.49 -96.40 31.73
N ILE A 232 -9.80 -96.64 32.86
CA ILE A 232 -10.22 -95.98 34.13
C ILE A 232 -9.13 -95.00 34.54
N ASN A 233 -9.49 -93.72 34.74
CA ASN A 233 -8.48 -92.68 35.03
C ASN A 233 -8.55 -92.20 36.47
N ALA A 234 -9.67 -92.42 37.16
CA ALA A 234 -9.73 -91.86 38.53
C ALA A 234 -10.51 -92.79 39.44
N ILE A 235 -10.14 -92.87 40.72
CA ILE A 235 -10.89 -93.73 41.68
C ILE A 235 -10.86 -93.04 43.04
N CYS A 236 -11.93 -93.18 43.84
CA CYS A 236 -11.96 -92.61 45.22
C CYS A 236 -12.66 -93.60 46.13
N PHE A 237 -12.39 -93.59 47.43
CA PHE A 237 -12.96 -94.67 48.27
C PHE A 237 -14.13 -94.15 49.11
N PHE A 238 -15.25 -94.88 49.12
CA PHE A 238 -16.46 -94.46 49.87
C PHE A 238 -16.09 -94.30 51.34
N PRO A 239 -16.78 -93.48 52.15
CA PRO A 239 -16.26 -93.32 53.49
C PRO A 239 -16.28 -94.63 54.26
N ASN A 240 -17.33 -95.44 54.15
CA ASN A 240 -17.46 -96.65 55.02
C ASN A 240 -16.35 -97.66 54.83
N GLY A 241 -15.92 -97.89 53.59
CA GLY A 241 -14.95 -98.97 53.35
C GLY A 241 -15.62 -100.16 52.65
N ASN A 242 -16.87 -100.03 52.24
CA ASN A 242 -17.44 -101.19 51.53
C ASN A 242 -17.45 -100.88 50.04
N ALA A 243 -16.88 -99.75 49.63
CA ALA A 243 -16.98 -99.43 48.19
C ALA A 243 -16.00 -98.35 47.76
N PHE A 244 -16.09 -97.98 46.49
CA PHE A 244 -15.22 -96.91 45.95
C PHE A 244 -15.85 -96.47 44.63
N ALA A 245 -15.42 -95.38 44.00
CA ALA A 245 -16.01 -95.07 42.68
C ALA A 245 -14.91 -94.98 41.63
N THR A 246 -15.17 -95.43 40.40
CA THR A 246 -14.14 -95.43 39.34
C THR A 246 -14.59 -94.59 38.16
N GLY A 247 -13.74 -93.67 37.72
CA GLY A 247 -14.09 -92.76 36.61
C GLY A 247 -13.54 -93.30 35.32
N SER A 248 -14.13 -92.92 34.20
CA SER A 248 -13.71 -93.53 32.95
C SER A 248 -13.52 -92.46 31.87
N ASP A 249 -13.02 -92.91 30.73
CA ASP A 249 -12.90 -92.07 29.55
C ASP A 249 -14.10 -92.20 28.62
N ASP A 250 -15.08 -93.03 28.98
CA ASP A 250 -16.28 -93.23 28.18
C ASP A 250 -17.46 -92.41 28.69
N ALA A 251 -17.19 -91.33 29.44
CA ALA A 251 -18.23 -90.47 29.99
C ALA A 251 -19.20 -91.27 30.87
N THR A 252 -18.67 -92.21 31.63
CA THR A 252 -19.48 -93.06 32.50
C THR A 252 -18.77 -93.23 33.83
N CYS A 253 -19.57 -93.55 34.85
CA CYS A 253 -19.05 -93.87 36.18
C CYS A 253 -19.77 -95.09 36.71
N ARG A 254 -19.10 -95.83 37.59
CA ARG A 254 -19.65 -97.06 38.16
C ARG A 254 -19.27 -97.13 39.63
N LEU A 255 -19.98 -97.99 40.36
CA LEU A 255 -19.73 -98.21 41.77
C LEU A 255 -19.53 -99.70 42.01
N PHE A 256 -18.46 -100.05 42.72
CA PHE A 256 -18.09 -101.43 43.00
C PHE A 256 -18.12 -101.65 44.51
N ASP A 257 -18.82 -102.70 44.94
CA ASP A 257 -18.95 -103.03 46.35
C ASP A 257 -18.15 -104.29 46.67
N LEU A 258 -17.37 -104.23 47.74
CA LEU A 258 -16.44 -105.32 48.06
C LEU A 258 -17.16 -106.57 48.52
N ARG A 259 -18.11 -106.42 49.44
CA ARG A 259 -18.75 -107.59 50.04
C ARG A 259 -19.64 -108.33 49.06
N ALA A 260 -20.21 -107.65 48.08
CA ALA A 260 -21.11 -108.28 47.12
C ALA A 260 -20.46 -108.54 45.76
N ASP A 261 -19.47 -107.75 45.38
CA ASP A 261 -18.68 -107.99 44.16
C ASP A 261 -19.58 -108.00 42.91
N GLN A 262 -20.38 -106.95 42.77
CA GLN A 262 -21.31 -106.84 41.65
C GLN A 262 -21.22 -105.42 41.09
N GLU A 263 -22.13 -105.09 40.19
CA GLU A 263 -22.29 -103.74 39.67
C GLU A 263 -23.60 -103.17 40.22
N LEU A 264 -23.50 -102.05 40.93
CA LEU A 264 -24.68 -101.47 41.57
C LEU A 264 -25.41 -100.50 40.64
N MET A 265 -24.70 -99.47 40.15
CA MET A 265 -25.30 -98.49 39.28
C MET A 265 -24.24 -97.92 38.35
N THR A 266 -24.66 -97.61 37.12
CA THR A 266 -23.81 -97.00 36.11
C THR A 266 -24.24 -95.56 35.92
N TYR A 267 -23.41 -94.62 36.35
CA TYR A 267 -23.76 -93.20 36.29
C TYR A 267 -23.65 -92.70 34.85
N SER A 268 -24.70 -92.04 34.38
CA SER A 268 -24.71 -91.47 33.04
C SER A 268 -25.73 -90.34 33.02
N HIS A 269 -25.54 -89.44 32.05
CA HIS A 269 -26.43 -88.30 31.87
C HIS A 269 -27.21 -88.46 30.58
N ASP A 270 -28.08 -87.48 30.31
CA ASP A 270 -28.91 -87.53 29.12
C ASP A 270 -28.06 -87.43 27.85
N ASN A 271 -27.08 -86.52 27.83
CA ASN A 271 -26.21 -86.38 26.67
C ASN A 271 -24.88 -85.82 27.15
N ILE A 272 -23.90 -86.71 27.33
CA ILE A 272 -22.53 -86.32 27.68
C ILE A 272 -21.57 -87.17 26.86
N ILE A 273 -20.49 -86.55 26.38
CA ILE A 273 -19.49 -87.21 25.56
C ILE A 273 -18.12 -87.20 26.21
N CYS A 274 -17.71 -86.05 26.75
CA CYS A 274 -16.40 -85.94 27.38
C CYS A 274 -16.32 -86.83 28.62
N GLY A 275 -15.14 -87.42 28.84
CA GLY A 275 -14.94 -88.36 29.92
C GLY A 275 -14.76 -87.67 31.27
N ILE A 276 -14.31 -88.47 32.23
CA ILE A 276 -14.13 -88.03 33.60
C ILE A 276 -12.67 -88.20 33.99
N THR A 277 -12.12 -87.21 34.68
CA THR A 277 -10.72 -87.22 35.06
C THR A 277 -10.46 -87.26 36.57
N SER A 278 -11.44 -86.89 37.39
CA SER A 278 -11.23 -86.88 38.83
C SER A 278 -12.56 -87.06 39.54
N VAL A 279 -12.61 -88.02 40.47
CA VAL A 279 -13.82 -88.31 41.24
C VAL A 279 -13.43 -88.36 42.72
N SER A 280 -14.23 -87.70 43.56
CA SER A 280 -14.02 -87.72 45.00
C SER A 280 -15.37 -87.81 45.70
N PHE A 281 -15.34 -88.30 46.94
CA PHE A 281 -16.55 -88.52 47.72
C PHE A 281 -16.71 -87.43 48.76
N SER A 282 -17.89 -86.84 48.83
CA SER A 282 -18.23 -85.95 49.93
C SER A 282 -18.38 -86.74 51.22
N LYS A 283 -18.32 -86.04 52.34
CA LYS A 283 -18.58 -86.68 53.61
C LYS A 283 -20.02 -87.19 53.65
N SER A 284 -20.21 -88.31 54.36
CA SER A 284 -21.48 -89.01 54.49
C SER A 284 -21.86 -89.74 53.20
N GLY A 285 -21.08 -89.55 52.14
CA GLY A 285 -21.23 -90.33 50.93
C GLY A 285 -22.50 -90.14 50.14
N ARG A 286 -23.32 -89.14 50.50
CA ARG A 286 -24.55 -88.91 49.74
C ARG A 286 -24.29 -88.21 48.41
N LEU A 287 -23.21 -87.43 48.31
CA LEU A 287 -22.89 -86.69 47.11
C LEU A 287 -21.54 -87.13 46.57
N LEU A 288 -21.48 -87.29 45.25
CA LEU A 288 -20.27 -87.69 44.54
C LEU A 288 -19.76 -86.52 43.72
N LEU A 289 -18.51 -86.14 43.94
CA LEU A 289 -17.88 -85.06 43.20
C LEU A 289 -17.12 -85.59 42.01
N ALA A 290 -17.29 -84.95 40.85
CA ALA A 290 -16.70 -85.42 39.61
C ALA A 290 -16.06 -84.26 38.86
N GLY A 291 -15.08 -84.60 38.03
CA GLY A 291 -14.45 -83.64 37.13
C GLY A 291 -14.64 -84.06 35.70
N TYR A 292 -14.68 -83.08 34.81
CA TYR A 292 -14.97 -83.32 33.40
C TYR A 292 -13.97 -82.58 32.52
N ASP A 293 -13.90 -83.00 31.25
CA ASP A 293 -12.95 -82.41 30.31
C ASP A 293 -13.26 -80.95 30.04
N ASP A 294 -14.55 -80.61 29.89
CA ASP A 294 -14.96 -79.25 29.56
C ASP A 294 -15.21 -78.39 30.79
N PHE A 295 -14.54 -78.69 31.90
CA PHE A 295 -14.66 -77.97 33.17
C PHE A 295 -16.06 -78.02 33.75
N ASN A 296 -16.92 -78.90 33.23
CA ASN A 296 -18.30 -79.02 33.74
C ASN A 296 -18.30 -79.97 34.93
N CYS A 297 -17.76 -79.47 36.05
CA CYS A 297 -17.77 -80.24 37.28
C CYS A 297 -19.20 -80.53 37.70
N ASN A 298 -19.47 -81.80 38.03
CA ASN A 298 -20.82 -82.25 38.32
C ASN A 298 -20.84 -82.98 39.66
N VAL A 299 -22.00 -82.96 40.30
CA VAL A 299 -22.25 -83.72 41.53
C VAL A 299 -23.42 -84.65 41.27
N TRP A 300 -23.22 -85.94 41.54
CA TRP A 300 -24.22 -86.96 41.33
C TRP A 300 -24.76 -87.46 42.66
N ASP A 301 -26.07 -87.64 42.73
CA ASP A 301 -26.72 -88.13 43.94
C ASP A 301 -26.47 -89.63 44.04
N ALA A 302 -25.63 -90.04 44.99
CA ALA A 302 -25.26 -91.45 45.11
C ALA A 302 -26.47 -92.33 45.43
N LEU A 303 -27.48 -91.76 46.11
CA LEU A 303 -28.64 -92.55 46.49
C LEU A 303 -29.43 -93.03 45.28
N LYS A 304 -29.63 -92.17 44.28
CA LYS A 304 -30.49 -92.50 43.15
C LYS A 304 -29.89 -92.12 41.81
N ALA A 305 -28.59 -91.77 41.76
CA ALA A 305 -27.91 -91.42 40.51
C ALA A 305 -28.62 -90.26 39.81
N ASP A 306 -28.66 -89.12 40.50
CA ASP A 306 -29.31 -87.91 40.01
C ASP A 306 -28.32 -86.76 40.03
N ARG A 307 -28.40 -85.91 39.01
CA ARG A 307 -27.50 -84.76 38.93
C ARG A 307 -27.82 -83.76 40.05
N ALA A 308 -26.77 -83.28 40.73
CA ALA A 308 -26.96 -82.38 41.87
C ALA A 308 -26.16 -81.10 41.74
N GLY A 309 -24.97 -81.16 41.15
CA GLY A 309 -24.12 -80.00 41.00
C GLY A 309 -23.78 -79.74 39.54
N VAL A 310 -23.77 -78.45 39.16
CA VAL A 310 -23.52 -78.06 37.78
C VAL A 310 -22.42 -77.00 37.71
N LEU A 311 -21.49 -77.05 38.66
CA LEU A 311 -20.45 -76.03 38.73
C LEU A 311 -19.63 -76.00 37.44
N ALA A 312 -19.45 -74.79 36.89
CA ALA A 312 -18.64 -74.61 35.69
C ALA A 312 -18.13 -73.17 35.67
N GLY A 313 -16.88 -72.99 36.06
CA GLY A 313 -16.30 -71.66 36.11
C GLY A 313 -14.84 -71.58 35.69
N HIS A 314 -14.26 -72.70 35.28
CA HIS A 314 -12.85 -72.72 34.94
C HIS A 314 -12.66 -72.52 33.44
N ASP A 315 -11.40 -72.59 33.00
CA ASP A 315 -11.04 -72.32 31.60
C ASP A 315 -11.17 -73.59 30.76
N ASN A 316 -12.40 -74.09 30.70
CA ASN A 316 -12.78 -75.21 29.83
C ASN A 316 -12.00 -76.49 30.12
N ARG A 317 -11.41 -76.62 31.32
CA ARG A 317 -10.70 -77.84 31.68
C ARG A 317 -10.48 -77.90 33.17
N VAL A 318 -10.91 -79.00 33.80
CA VAL A 318 -10.68 -79.28 35.21
C VAL A 318 -9.93 -80.60 35.30
N SER A 319 -8.85 -80.62 36.08
CA SER A 319 -7.97 -81.78 36.16
C SER A 319 -8.05 -82.50 37.50
N CYS A 320 -7.83 -81.79 38.60
CA CYS A 320 -7.76 -82.41 39.92
C CYS A 320 -8.69 -81.67 40.88
N LEU A 321 -9.21 -82.43 41.84
CA LEU A 321 -10.10 -81.87 42.86
C LEU A 321 -9.99 -82.70 44.12
N GLY A 322 -10.40 -82.11 45.24
CA GLY A 322 -10.35 -82.78 46.52
C GLY A 322 -11.39 -82.23 47.47
N VAL A 323 -11.68 -83.01 48.51
CA VAL A 323 -12.66 -82.66 49.52
C VAL A 323 -11.98 -82.72 50.88
N THR A 324 -12.22 -81.71 51.71
CA THR A 324 -11.58 -81.63 53.02
C THR A 324 -12.06 -82.75 53.93
N ASP A 325 -11.23 -83.07 54.92
CA ASP A 325 -11.60 -84.09 55.89
C ASP A 325 -12.84 -83.68 56.68
N ASP A 326 -12.92 -82.41 57.08
CA ASP A 326 -14.11 -81.91 57.75
C ASP A 326 -15.29 -81.73 56.81
N GLY A 327 -15.06 -81.75 55.49
CA GLY A 327 -16.13 -81.58 54.53
C GLY A 327 -16.63 -80.17 54.38
N MET A 328 -15.92 -79.18 54.95
CA MET A 328 -16.41 -77.81 54.91
C MET A 328 -16.43 -77.26 53.48
N ALA A 329 -15.39 -77.51 52.70
CA ALA A 329 -15.25 -76.92 51.38
C ALA A 329 -14.66 -77.93 50.43
N VAL A 330 -14.56 -77.55 49.15
CA VAL A 330 -14.01 -78.37 48.10
C VAL A 330 -13.00 -77.54 47.31
N ALA A 331 -11.82 -78.10 47.09
CA ALA A 331 -10.77 -77.44 46.32
C ALA A 331 -10.68 -78.09 44.95
N THR A 332 -10.67 -77.27 43.91
CA THR A 332 -10.68 -77.75 42.53
C THR A 332 -9.53 -77.11 41.75
N GLY A 333 -8.77 -77.94 41.04
CA GLY A 333 -7.73 -77.45 40.16
C GLY A 333 -8.18 -77.43 38.71
N SER A 334 -7.30 -76.89 37.86
CA SER A 334 -7.61 -76.73 36.44
C SER A 334 -6.32 -76.61 35.66
N TRP A 335 -6.43 -76.77 34.34
CA TRP A 335 -5.27 -76.53 33.47
C TRP A 335 -4.84 -75.07 33.50
N ASP A 336 -5.80 -74.15 33.55
CA ASP A 336 -5.46 -72.74 33.74
C ASP A 336 -4.78 -72.56 35.09
N SER A 337 -3.79 -71.67 35.12
CA SER A 337 -2.98 -71.49 36.32
C SER A 337 -3.76 -70.77 37.41
N PHE A 338 -4.79 -71.41 37.94
CA PHE A 338 -5.62 -70.82 39.00
C PHE A 338 -6.19 -71.94 39.86
N LEU A 339 -6.39 -71.61 41.13
CA LEU A 339 -7.03 -72.52 42.09
C LEU A 339 -8.21 -71.82 42.73
N LYS A 340 -9.31 -72.55 42.90
CA LYS A 340 -10.52 -72.03 43.51
C LYS A 340 -11.00 -72.99 44.59
N ILE A 341 -11.64 -72.43 45.61
CA ILE A 341 -12.21 -73.21 46.70
C ILE A 341 -13.71 -72.91 46.75
N TRP A 342 -14.52 -73.95 46.69
CA TRP A 342 -15.97 -73.84 46.72
C TRP A 342 -16.47 -74.22 48.11
N ASN A 343 -17.23 -73.32 48.73
CA ASN A 343 -17.76 -73.57 50.07
C ASN A 343 -19.26 -73.81 50.04
N ILE B 9 3.86 -120.79 29.62
CA ILE B 9 2.75 -121.47 30.25
C ILE B 9 2.75 -121.20 31.75
N ALA B 10 3.87 -120.69 32.27
CA ALA B 10 3.95 -120.35 33.68
C ALA B 10 2.99 -119.24 34.05
N GLN B 11 2.91 -118.21 33.20
CA GLN B 11 1.97 -117.12 33.45
C GLN B 11 0.53 -117.62 33.42
N ALA B 12 0.21 -118.50 32.47
CA ALA B 12 -1.14 -119.07 32.41
C ALA B 12 -1.45 -119.89 33.66
N ARG B 13 -0.48 -120.67 34.12
CA ARG B 13 -0.68 -121.46 35.34
C ARG B 13 -0.89 -120.56 36.55
N LYS B 14 -0.10 -119.48 36.65
CA LYS B 14 -0.28 -118.54 37.75
C LYS B 14 -1.64 -117.86 37.70
N LEU B 15 -2.09 -117.49 36.50
CA LEU B 15 -3.42 -116.90 36.36
C LEU B 15 -4.50 -117.89 36.75
N VAL B 16 -4.33 -119.17 36.38
CA VAL B 16 -5.30 -120.19 36.75
C VAL B 16 -5.35 -120.34 38.26
N GLU B 17 -4.18 -120.35 38.91
CA GLU B 17 -4.14 -120.44 40.36
C GLU B 17 -4.81 -119.25 41.02
N GLN B 18 -4.57 -118.04 40.48
CA GLN B 18 -5.20 -116.85 41.03
C GLN B 18 -6.73 -116.91 40.88
N LEU B 19 -7.21 -117.33 39.72
CA LEU B 19 -8.65 -117.45 39.52
C LEU B 19 -9.24 -118.50 40.45
N LYS B 20 -8.54 -119.62 40.64
CA LYS B 20 -9.04 -120.66 41.54
C LYS B 20 -9.11 -120.18 42.98
N MET B 21 -8.10 -119.44 43.43
CA MET B 21 -8.11 -118.97 44.82
C MET B 21 -9.09 -117.82 45.01
N GLU B 22 -9.35 -117.02 43.97
CA GLU B 22 -10.33 -115.96 44.07
C GLU B 22 -11.76 -116.48 43.99
N ALA B 23 -11.97 -117.60 43.29
CA ALA B 23 -13.32 -118.14 43.15
C ALA B 23 -13.89 -118.57 44.50
N ASN B 24 -13.07 -119.19 45.34
CA ASN B 24 -13.51 -119.61 46.68
C ASN B 24 -13.57 -118.38 47.57
N ILE B 25 -14.69 -117.66 47.46
CA ILE B 25 -14.91 -116.43 48.20
C ILE B 25 -16.30 -116.46 48.82
N ASP B 26 -16.47 -115.66 49.87
CA ASP B 26 -17.74 -115.53 50.56
C ASP B 26 -18.38 -114.19 50.18
N ARG B 27 -19.63 -114.24 49.73
CA ARG B 27 -20.33 -113.06 49.24
C ARG B 27 -21.66 -112.92 49.96
N ILE B 28 -22.01 -111.68 50.29
CA ILE B 28 -23.30 -111.37 50.87
C ILE B 28 -24.21 -110.82 49.79
N LYS B 29 -25.50 -110.74 50.08
CA LYS B 29 -26.46 -110.25 49.11
C LYS B 29 -26.27 -108.76 48.85
N VAL B 30 -26.53 -108.35 47.61
CA VAL B 30 -26.46 -106.94 47.25
C VAL B 30 -27.49 -106.13 48.03
N SER B 31 -28.59 -106.77 48.42
CA SER B 31 -29.58 -106.09 49.24
C SER B 31 -28.99 -105.68 50.58
N LYS B 32 -28.20 -106.57 51.19
CA LYS B 32 -27.56 -106.23 52.46
C LYS B 32 -26.56 -105.09 52.32
N ALA B 33 -25.78 -105.10 51.24
CA ALA B 33 -24.82 -104.02 51.02
C ALA B 33 -25.54 -102.68 50.80
N ALA B 34 -26.63 -102.69 50.03
CA ALA B 34 -27.39 -101.48 49.83
C ALA B 34 -28.00 -100.99 51.14
N ALA B 35 -28.49 -101.91 51.97
CA ALA B 35 -29.02 -101.54 53.27
C ALA B 35 -27.94 -100.91 54.15
N ASP B 36 -26.73 -101.48 54.14
CA ASP B 36 -25.63 -100.91 54.91
C ASP B 36 -25.28 -99.52 54.41
N LEU B 37 -25.25 -99.33 53.09
CA LEU B 37 -24.96 -98.01 52.53
C LEU B 37 -26.02 -97.00 52.95
N MET B 38 -27.29 -97.38 52.87
CA MET B 38 -28.36 -96.47 53.26
C MET B 38 -28.29 -96.14 54.76
N ALA B 39 -27.99 -97.15 55.58
CA ALA B 39 -27.88 -96.91 57.02
C ALA B 39 -26.74 -95.96 57.34
N TYR B 40 -25.58 -96.13 56.68
CA TYR B 40 -24.47 -95.22 56.93
C TYR B 40 -24.79 -93.82 56.42
N CYS B 41 -25.48 -93.72 55.29
CA CYS B 41 -25.87 -92.41 54.79
C CYS B 41 -26.80 -91.69 55.77
N GLU B 42 -27.78 -92.41 56.32
CA GLU B 42 -28.67 -91.82 57.31
C GLU B 42 -27.98 -91.59 58.64
N ALA B 43 -26.84 -92.25 58.88
CA ALA B 43 -26.14 -92.07 60.16
C ALA B 43 -25.64 -90.65 60.33
N HIS B 44 -25.11 -90.05 59.27
CA HIS B 44 -24.57 -88.70 59.31
C HIS B 44 -25.08 -87.87 58.14
N ALA B 45 -26.37 -87.99 57.83
CA ALA B 45 -26.95 -87.21 56.73
C ALA B 45 -27.05 -85.74 57.07
N LYS B 46 -27.01 -85.38 58.35
CA LYS B 46 -27.05 -83.99 58.78
C LYS B 46 -25.71 -83.52 59.33
N GLU B 47 -24.63 -84.25 59.05
CA GLU B 47 -23.29 -83.91 59.50
C GLU B 47 -22.35 -83.69 58.33
N ASP B 48 -22.83 -82.97 57.31
CA ASP B 48 -22.04 -82.65 56.14
C ASP B 48 -22.26 -81.18 55.76
N PRO B 49 -21.22 -80.35 55.82
CA PRO B 49 -21.40 -78.93 55.48
C PRO B 49 -21.92 -78.71 54.06
N LEU B 50 -21.54 -79.57 53.11
CA LEU B 50 -22.10 -79.45 51.77
C LEU B 50 -23.58 -79.83 51.75
N LEU B 51 -24.01 -80.70 52.66
CA LEU B 51 -25.41 -81.07 52.75
C LEU B 51 -26.20 -80.07 53.58
N THR B 52 -25.80 -79.86 54.83
CA THR B 52 -26.42 -78.86 55.68
C THR B 52 -25.46 -77.70 55.90
N PRO B 53 -25.88 -76.47 55.63
CA PRO B 53 -24.97 -75.33 55.77
C PRO B 53 -24.55 -75.11 57.22
N VAL B 54 -23.33 -74.62 57.38
CA VAL B 54 -22.82 -74.29 58.72
C VAL B 54 -23.63 -73.11 59.28
N PRO B 55 -24.10 -73.18 60.53
CA PRO B 55 -24.94 -72.10 61.06
C PRO B 55 -24.18 -70.78 61.12
N ALA B 56 -24.89 -69.70 60.83
CA ALA B 56 -24.41 -68.32 60.97
C ALA B 56 -23.14 -68.15 60.13
N SER B 57 -22.23 -67.28 60.59
CA SER B 57 -20.97 -67.02 59.91
C SER B 57 -19.81 -67.76 60.56
N GLU B 58 -20.06 -68.91 61.16
CA GLU B 58 -19.00 -69.68 61.79
C GLU B 58 -17.99 -70.22 60.79
N ASN B 59 -18.32 -70.24 59.52
CA ASN B 59 -17.39 -70.71 58.51
C ASN B 59 -16.20 -69.76 58.41
N PRO B 60 -14.97 -70.27 58.36
CA PRO B 60 -13.81 -69.38 58.24
C PRO B 60 -13.81 -68.54 56.98
N PHE B 61 -14.38 -69.06 55.88
CA PHE B 61 -14.39 -68.33 54.63
C PHE B 61 -15.30 -67.12 54.63
N ARG B 62 -16.18 -66.99 55.62
CA ARG B 62 -17.04 -65.82 55.70
C ARG B 62 -16.22 -64.57 55.94
N GLU B 63 -16.58 -63.49 55.23
CA GLU B 63 -15.87 -62.23 55.35
C GLU B 63 -16.83 -61.06 55.48
N TYR C 12 -12.29 96.71 -31.37
CA TYR C 12 -11.97 95.50 -30.61
C TYR C 12 -12.27 94.24 -31.43
N GLY C 13 -11.52 93.16 -31.21
CA GLY C 13 -11.75 91.88 -31.88
C GLY C 13 -10.97 91.69 -33.17
N PRO C 14 -10.89 90.45 -33.67
CA PRO C 14 -10.17 90.20 -34.93
C PRO C 14 -10.81 90.74 -36.23
N ASP C 15 -9.99 90.77 -37.31
CA ASP C 15 -10.32 91.48 -38.55
C ASP C 15 -11.40 90.82 -39.39
N GLN C 16 -11.35 89.51 -39.60
CA GLN C 16 -12.36 88.91 -40.47
C GLN C 16 -13.44 88.24 -39.62
N ARG C 17 -14.69 88.51 -39.93
CA ARG C 17 -15.79 88.17 -39.06
C ARG C 17 -17.09 88.13 -39.85
N ALA C 18 -18.08 87.45 -39.28
CA ALA C 18 -19.45 87.46 -39.75
C ALA C 18 -20.29 88.26 -38.75
N GLN C 19 -20.75 89.44 -39.16
CA GLN C 19 -21.41 90.37 -38.26
C GLN C 19 -22.70 90.89 -38.86
N LYS C 20 -23.76 90.92 -38.05
CA LYS C 20 -25.02 91.53 -38.42
C LYS C 20 -25.63 92.17 -37.18
N LYS C 21 -26.22 93.34 -37.35
CA LYS C 21 -26.78 94.08 -36.23
C LYS C 21 -28.24 93.73 -36.01
N GLY C 22 -28.69 93.91 -34.78
CA GLY C 22 -30.07 93.61 -34.43
C GLY C 22 -30.32 93.94 -32.98
N ASP C 23 -31.54 93.63 -32.54
CA ASP C 23 -31.90 93.90 -31.16
C ASP C 23 -31.16 93.00 -30.18
N ILE C 24 -30.91 91.75 -30.58
CA ILE C 24 -30.25 90.77 -29.72
C ILE C 24 -29.08 90.17 -30.49
N ILE C 25 -27.92 90.09 -29.84
CA ILE C 25 -26.67 89.67 -30.48
C ILE C 25 -26.24 88.33 -29.89
N LEU C 26 -25.92 87.38 -30.77
CA LEU C 26 -25.43 86.07 -30.37
C LEU C 26 -23.99 85.89 -30.82
N GLY C 27 -23.16 85.33 -29.94
CA GLY C 27 -21.78 85.04 -30.28
C GLY C 27 -21.63 83.74 -31.02
N GLY C 28 -20.38 83.37 -31.27
CA GLY C 28 -20.10 82.12 -31.95
C GLY C 28 -18.63 81.90 -32.24
N LEU C 29 -18.17 80.65 -32.08
CA LEU C 29 -16.78 80.29 -32.32
C LEU C 29 -16.75 79.00 -33.14
N PHE C 30 -16.10 79.06 -34.31
CA PHE C 30 -16.02 77.92 -35.22
C PHE C 30 -14.59 77.77 -35.73
N PRO C 31 -14.11 76.54 -35.86
CA PRO C 31 -12.73 76.29 -36.37
C PRO C 31 -12.63 76.30 -37.89
N ILE C 32 -12.53 77.50 -38.46
CA ILE C 32 -12.39 77.62 -39.91
C ILE C 32 -11.05 77.09 -40.38
N HIS C 33 -10.00 77.25 -39.59
CA HIS C 33 -8.66 76.78 -39.94
C HIS C 33 -8.24 75.63 -39.02
N PHE C 34 -7.49 74.70 -39.60
CA PHE C 34 -7.13 73.49 -38.86
C PHE C 34 -6.07 73.76 -37.79
N GLY C 35 -5.17 74.70 -38.03
CA GLY C 35 -4.12 74.95 -37.05
C GLY C 35 -3.34 76.20 -37.42
N VAL C 36 -2.34 76.49 -36.57
CA VAL C 36 -1.50 77.66 -36.74
C VAL C 36 -0.13 77.23 -37.24
N ALA C 37 0.70 78.22 -37.59
CA ALA C 37 1.98 78.00 -38.24
C ALA C 37 3.02 77.46 -37.26
N ALA C 38 3.81 76.50 -37.71
CA ALA C 38 4.95 76.04 -36.91
C ALA C 38 6.05 77.09 -37.05
N LYS C 39 6.11 78.02 -36.10
CA LYS C 39 7.07 79.11 -36.16
C LYS C 39 7.81 79.16 -34.82
N ASP C 40 9.00 79.79 -34.82
CA ASP C 40 9.75 80.04 -33.59
C ASP C 40 9.92 81.55 -33.47
N GLN C 41 9.72 82.10 -32.28
CA GLN C 41 10.01 83.51 -32.10
C GLN C 41 10.97 83.66 -30.94
N ASP C 42 12.27 83.39 -31.16
CA ASP C 42 13.21 83.85 -30.15
C ASP C 42 13.08 85.37 -30.20
N LEU C 43 12.80 85.96 -29.05
CA LEU C 43 12.26 87.32 -29.05
C LEU C 43 13.40 88.31 -29.24
N LYS C 44 14.01 88.25 -30.43
CA LYS C 44 15.02 89.24 -30.81
C LYS C 44 14.39 90.49 -31.40
N SER C 45 13.07 90.50 -31.49
CA SER C 45 12.31 91.62 -32.03
C SER C 45 10.92 91.57 -31.45
N ARG C 46 10.14 92.61 -31.71
CA ARG C 46 8.78 92.67 -31.21
C ARG C 46 7.95 91.56 -31.84
N PRO C 47 7.24 90.78 -31.05
CA PRO C 47 6.46 89.66 -31.61
C PRO C 47 5.29 90.14 -32.45
N GLU C 48 4.88 89.31 -33.40
CA GLU C 48 3.77 89.59 -34.29
C GLU C 48 2.75 88.46 -34.20
N SER C 49 1.54 88.76 -34.67
CA SER C 49 0.43 87.81 -34.57
C SER C 49 0.70 86.58 -35.43
N VAL C 50 0.33 85.41 -34.91
CA VAL C 50 0.54 84.17 -35.63
C VAL C 50 -0.50 84.04 -36.75
N GLU C 51 -0.23 83.14 -37.68
CA GLU C 51 -1.09 82.91 -38.83
C GLU C 51 -1.74 81.53 -38.72
N CYS C 52 -2.62 81.24 -39.68
CA CYS C 52 -3.31 79.95 -39.73
C CYS C 52 -3.10 79.32 -41.09
N ILE C 53 -3.13 77.98 -41.14
CA ILE C 53 -2.54 77.27 -42.27
C ILE C 53 -3.57 76.62 -43.18
N ARG C 54 -4.29 75.63 -42.68
CA ARG C 54 -5.16 74.82 -43.54
C ARG C 54 -6.60 75.29 -43.43
N TYR C 55 -7.40 74.95 -44.45
CA TYR C 55 -8.79 75.39 -44.53
C TYR C 55 -9.72 74.23 -44.21
N ASN C 56 -10.65 74.46 -43.29
CA ASN C 56 -11.60 73.45 -42.83
C ASN C 56 -12.96 73.72 -43.47
N PHE C 57 -13.33 72.90 -44.46
CA PHE C 57 -14.62 73.04 -45.11
C PHE C 57 -15.75 72.52 -44.25
N ARG C 58 -15.47 71.56 -43.36
CA ARG C 58 -16.48 71.09 -42.42
C ARG C 58 -16.88 72.20 -41.45
N GLY C 59 -15.92 72.99 -40.99
CA GLY C 59 -16.22 74.07 -40.07
C GLY C 59 -17.07 75.16 -40.69
N PHE C 60 -16.81 75.47 -41.96
CA PHE C 60 -17.62 76.47 -42.65
C PHE C 60 -19.06 76.01 -42.81
N ARG C 61 -19.28 74.70 -42.98
CA ARG C 61 -20.63 74.18 -43.05
C ARG C 61 -21.35 74.34 -41.71
N TRP C 62 -20.65 74.12 -40.60
CA TRP C 62 -21.25 74.34 -39.29
C TRP C 62 -21.59 75.80 -39.06
N LEU C 63 -20.79 76.71 -39.62
CA LEU C 63 -21.07 78.13 -39.47
C LEU C 63 -22.37 78.51 -40.16
N GLN C 64 -22.65 77.93 -41.32
CA GLN C 64 -23.86 78.26 -42.07
C GLN C 64 -25.12 77.75 -41.36
N ALA C 65 -25.01 76.71 -40.54
CA ALA C 65 -26.19 76.21 -39.84
C ALA C 65 -26.75 77.24 -38.86
N MET C 66 -25.86 77.92 -38.12
CA MET C 66 -26.31 78.94 -37.19
C MET C 66 -26.97 80.11 -37.91
N ILE C 67 -26.36 80.54 -39.03
CA ILE C 67 -26.95 81.63 -39.82
C ILE C 67 -28.32 81.23 -40.33
N PHE C 68 -28.44 79.99 -40.82
CA PHE C 68 -29.73 79.51 -41.32
C PHE C 68 -30.78 79.49 -40.22
N ALA C 69 -30.39 79.02 -39.02
CA ALA C 69 -31.34 78.99 -37.91
C ALA C 69 -31.79 80.39 -37.53
N ILE C 70 -30.85 81.34 -37.48
CA ILE C 70 -31.20 82.70 -37.09
C ILE C 70 -32.14 83.33 -38.13
N GLU C 71 -31.82 83.14 -39.42
CA GLU C 71 -32.65 83.72 -40.46
C GLU C 71 -33.98 82.99 -40.61
N GLU C 72 -34.08 81.76 -40.13
CA GLU C 72 -35.37 81.08 -40.07
C GLU C 72 -36.20 81.60 -38.92
N ILE C 73 -35.57 81.89 -37.78
CA ILE C 73 -36.29 82.48 -36.65
C ILE C 73 -36.82 83.86 -37.03
N ASN C 74 -35.99 84.67 -37.69
CA ASN C 74 -36.38 86.05 -37.99
C ASN C 74 -37.52 86.11 -39.00
N SER C 75 -37.74 85.07 -39.79
CA SER C 75 -38.79 85.06 -40.81
C SER C 75 -40.08 84.39 -40.33
N SER C 76 -40.08 83.81 -39.13
CA SER C 76 -41.26 83.11 -38.62
C SER C 76 -41.96 83.98 -37.60
N PRO C 77 -43.23 84.36 -37.83
CA PRO C 77 -43.93 85.21 -36.87
C PRO C 77 -44.35 84.48 -35.60
N ALA C 78 -44.26 83.15 -35.56
CA ALA C 78 -44.68 82.41 -34.37
C ALA C 78 -43.60 82.33 -33.31
N LEU C 79 -42.35 82.62 -33.64
CA LEU C 79 -41.24 82.57 -32.70
C LEU C 79 -40.60 83.94 -32.60
N LEU C 80 -40.69 84.56 -31.43
CA LEU C 80 -40.12 85.87 -31.17
C LEU C 80 -40.61 86.93 -32.17
N PRO C 81 -41.91 87.25 -32.18
CA PRO C 81 -42.39 88.29 -33.08
C PRO C 81 -41.96 89.67 -32.63
N ASN C 82 -41.88 90.59 -33.60
CA ASN C 82 -41.50 91.98 -33.34
C ASN C 82 -40.15 92.08 -32.66
N LEU C 83 -39.19 91.27 -33.11
CA LEU C 83 -37.84 91.29 -32.58
C LEU C 83 -36.92 90.57 -33.57
N THR C 84 -35.71 91.09 -33.74
CA THR C 84 -34.74 90.54 -34.67
C THR C 84 -33.49 90.10 -33.91
N LEU C 85 -32.83 89.07 -34.44
CA LEU C 85 -31.62 88.52 -33.85
C LEU C 85 -30.43 88.79 -34.77
N GLY C 86 -29.31 89.18 -34.17
CA GLY C 86 -28.07 89.34 -34.87
C GLY C 86 -27.05 88.30 -34.48
N TYR C 87 -25.83 88.48 -34.98
CA TYR C 87 -24.75 87.56 -34.64
C TYR C 87 -23.41 88.25 -34.79
N ARG C 88 -22.38 87.63 -34.21
CA ARG C 88 -21.00 88.09 -34.33
C ARG C 88 -20.13 86.85 -34.21
N ILE C 89 -19.70 86.31 -35.35
CA ILE C 89 -19.03 85.01 -35.41
C ILE C 89 -17.55 85.21 -35.73
N PHE C 90 -16.69 84.48 -35.02
CA PHE C 90 -15.25 84.59 -35.16
C PHE C 90 -14.64 83.23 -35.51
N ASP C 91 -13.31 83.19 -35.55
CA ASP C 91 -12.57 81.99 -35.90
C ASP C 91 -11.52 81.72 -34.83
N THR C 92 -11.36 80.45 -34.47
CA THR C 92 -10.47 80.06 -33.38
C THR C 92 -9.15 79.45 -33.85
N CYS C 93 -9.10 78.89 -35.06
CA CYS C 93 -7.91 78.22 -35.57
C CYS C 93 -7.46 77.09 -34.65
N ASN C 94 -8.41 76.50 -33.93
CA ASN C 94 -8.17 75.37 -33.04
C ASN C 94 -7.11 75.68 -31.99
N THR C 95 -7.06 76.93 -31.53
CA THR C 95 -6.10 77.36 -30.54
C THR C 95 -6.79 78.18 -29.46
N VAL C 96 -6.20 78.14 -28.26
CA VAL C 96 -6.78 78.86 -27.12
C VAL C 96 -6.62 80.37 -27.29
N SER C 97 -5.49 80.82 -27.81
CA SER C 97 -5.19 82.25 -27.84
C SER C 97 -6.19 83.02 -28.70
N LYS C 98 -6.52 82.51 -29.89
CA LYS C 98 -7.48 83.18 -30.74
C LYS C 98 -8.87 83.21 -30.10
N ALA C 99 -9.25 82.11 -29.45
CA ALA C 99 -10.54 82.08 -28.77
C ALA C 99 -10.60 83.09 -27.64
N LEU C 100 -9.50 83.25 -26.90
CA LEU C 100 -9.45 84.25 -25.84
C LEU C 100 -9.51 85.66 -26.42
N GLU C 101 -8.85 85.89 -27.56
CA GLU C 101 -8.91 87.19 -28.21
C GLU C 101 -10.34 87.53 -28.62
N ALA C 102 -11.08 86.54 -29.13
CA ALA C 102 -12.47 86.79 -29.48
C ALA C 102 -13.34 86.98 -28.25
N THR C 103 -13.11 86.19 -27.19
CA THR C 103 -13.91 86.28 -25.99
C THR C 103 -13.73 87.63 -25.30
N LEU C 104 -12.52 88.17 -25.32
CA LEU C 104 -12.29 89.50 -24.76
C LEU C 104 -13.17 90.53 -25.46
N SER C 105 -13.47 90.32 -26.74
CA SER C 105 -14.43 91.17 -27.43
C SER C 105 -15.86 90.83 -27.06
N PHE C 106 -16.14 89.56 -26.75
CA PHE C 106 -17.50 89.18 -26.35
C PHE C 106 -17.91 89.87 -25.06
N VAL C 107 -17.00 89.99 -24.10
CA VAL C 107 -17.30 90.57 -22.79
C VAL C 107 -16.68 91.95 -22.68
N ALA C 108 -16.55 92.64 -23.81
CA ALA C 108 -15.90 93.94 -23.79
C ALA C 108 -16.70 94.97 -22.97
N GLN C 109 -18.04 94.96 -23.06
CA GLN C 109 -18.77 95.99 -22.32
C GLN C 109 -18.96 95.62 -20.85
N ASN C 110 -19.07 94.33 -20.51
CA ASN C 110 -19.33 93.95 -19.11
C ASN C 110 -18.15 94.27 -18.19
N LYS C 111 -16.92 94.20 -18.71
CA LYS C 111 -15.77 94.58 -17.89
C LYS C 111 -15.78 96.06 -17.55
N ILE C 112 -16.22 96.89 -18.49
CA ILE C 112 -16.37 98.32 -18.22
C ILE C 112 -17.46 98.52 -17.18
N HIS C 126 -18.17 101.48 -27.99
CA HIS C 126 -19.27 101.28 -28.92
C HIS C 126 -19.27 99.86 -29.43
N ILE C 127 -19.96 98.97 -28.73
CA ILE C 127 -20.06 97.54 -29.05
C ILE C 127 -21.28 96.96 -28.35
N PRO C 128 -22.18 96.28 -29.06
CA PRO C 128 -23.35 95.69 -28.39
C PRO C 128 -22.96 94.55 -27.47
N SER C 129 -23.81 94.31 -26.48
CA SER C 129 -23.56 93.27 -25.51
C SER C 129 -23.90 91.90 -26.10
N THR C 130 -23.41 90.86 -25.42
CA THR C 130 -23.64 89.48 -25.80
C THR C 130 -24.49 88.80 -24.73
N ILE C 131 -25.50 88.05 -25.16
CA ILE C 131 -26.35 87.32 -24.23
C ILE C 131 -26.20 85.81 -24.33
N ALA C 132 -25.59 85.29 -25.39
CA ALA C 132 -25.40 83.86 -25.53
C ALA C 132 -24.28 83.61 -26.52
N VAL C 133 -23.51 82.55 -26.26
CA VAL C 133 -22.38 82.18 -27.09
C VAL C 133 -22.54 80.72 -27.49
N VAL C 134 -22.48 80.45 -28.80
CA VAL C 134 -22.47 79.08 -29.29
C VAL C 134 -21.04 78.57 -29.22
N GLY C 135 -20.78 77.66 -28.28
CA GLY C 135 -19.44 77.38 -27.81
C GLY C 135 -18.55 76.74 -28.86
N ALA C 136 -17.30 76.53 -28.45
CA ALA C 136 -16.26 76.07 -29.35
C ALA C 136 -16.37 74.57 -29.58
N THR C 137 -15.37 73.98 -30.22
CA THR C 137 -15.34 72.56 -30.55
C THR C 137 -14.43 71.74 -29.65
N GLY C 138 -13.17 72.16 -29.51
CA GLY C 138 -12.26 71.44 -28.65
C GLY C 138 -12.60 71.62 -27.18
N SER C 139 -12.19 70.64 -26.38
CA SER C 139 -12.48 70.69 -24.95
C SER C 139 -11.60 71.69 -24.23
N GLY C 140 -10.32 71.78 -24.61
CA GLY C 140 -9.44 72.76 -24.00
C GLY C 140 -9.86 74.19 -24.31
N VAL C 141 -10.23 74.44 -25.57
CA VAL C 141 -10.72 75.76 -25.96
C VAL C 141 -11.99 76.10 -25.21
N SER C 142 -12.91 75.13 -25.09
CA SER C 142 -14.14 75.36 -24.36
C SER C 142 -13.87 75.66 -22.89
N THR C 143 -12.93 74.94 -22.28
CA THR C 143 -12.58 75.21 -20.89
C THR C 143 -12.01 76.61 -20.72
N ALA C 144 -11.10 77.00 -21.61
CA ALA C 144 -10.48 78.32 -21.51
C ALA C 144 -11.51 79.43 -21.71
N VAL C 145 -12.45 79.22 -22.62
CA VAL C 145 -13.50 80.22 -22.85
C VAL C 145 -14.45 80.28 -21.67
N ALA C 146 -14.83 79.13 -21.12
CA ALA C 146 -15.81 79.09 -20.04
C ALA C 146 -15.25 79.70 -18.76
N ASN C 147 -13.95 79.52 -18.51
CA ASN C 147 -13.35 80.12 -17.33
C ASN C 147 -13.53 81.64 -17.32
N LEU C 148 -13.53 82.26 -18.49
CA LEU C 148 -13.72 83.71 -18.59
C LEU C 148 -15.18 84.11 -18.72
N LEU C 149 -16.00 83.28 -19.38
CA LEU C 149 -17.40 83.62 -19.56
C LEU C 149 -18.21 83.42 -18.27
N GLY C 150 -17.73 82.58 -17.35
CA GLY C 150 -18.46 82.38 -16.10
C GLY C 150 -18.37 83.54 -15.14
N LEU C 151 -17.43 84.46 -15.36
CA LEU C 151 -17.33 85.64 -14.51
C LEU C 151 -18.55 86.54 -14.64
N PHE C 152 -19.06 86.69 -15.86
CA PHE C 152 -20.18 87.57 -16.15
C PHE C 152 -21.49 86.81 -16.34
N TYR C 153 -21.50 85.51 -16.07
CA TYR C 153 -22.72 84.69 -16.14
C TYR C 153 -23.35 84.75 -17.53
N ILE C 154 -22.53 84.68 -18.56
CA ILE C 154 -23.00 84.64 -19.94
C ILE C 154 -23.13 83.17 -20.35
N PRO C 155 -24.32 82.70 -20.69
CA PRO C 155 -24.47 81.28 -21.06
C PRO C 155 -23.68 80.93 -22.30
N GLN C 156 -23.12 79.72 -22.31
CA GLN C 156 -22.40 79.18 -23.45
C GLN C 156 -22.99 77.82 -23.79
N VAL C 157 -23.41 77.65 -25.04
CA VAL C 157 -24.05 76.43 -25.49
C VAL C 157 -23.15 75.80 -26.54
N SER C 158 -22.39 74.78 -26.14
CA SER C 158 -21.49 74.10 -27.05
C SER C 158 -22.22 73.05 -27.88
N TYR C 159 -21.57 72.58 -28.94
CA TYR C 159 -22.16 71.60 -29.84
C TYR C 159 -21.27 70.40 -30.12
N ALA C 160 -20.01 70.40 -29.69
CA ALA C 160 -19.14 69.27 -29.95
C ALA C 160 -18.21 68.91 -28.80
N SER C 161 -18.27 69.61 -27.67
CA SER C 161 -17.40 69.31 -26.54
C SER C 161 -18.04 68.20 -25.70
N SER C 162 -17.34 67.07 -25.57
CA SER C 162 -17.87 65.90 -24.89
C SER C 162 -16.97 65.44 -23.75
N SER C 163 -16.11 66.31 -23.23
CA SER C 163 -15.29 65.95 -22.09
C SER C 163 -16.14 65.83 -20.84
N ARG C 164 -15.68 65.01 -19.90
CA ARG C 164 -16.37 64.83 -18.63
C ARG C 164 -15.99 65.87 -17.60
N LEU C 165 -14.92 66.64 -17.83
CA LEU C 165 -14.52 67.67 -16.89
C LEU C 165 -15.43 68.90 -16.94
N LEU C 166 -16.21 69.06 -18.00
CA LEU C 166 -17.10 70.19 -18.15
C LEU C 166 -18.46 69.94 -17.51
N SER C 167 -18.69 68.76 -16.93
CA SER C 167 -19.90 68.49 -16.17
C SER C 167 -19.82 69.02 -14.75
N ASN C 168 -18.65 69.48 -14.31
CA ASN C 168 -18.48 70.00 -12.97
C ASN C 168 -19.06 71.42 -12.89
N LYS C 169 -20.05 71.60 -12.03
CA LYS C 169 -20.72 72.89 -11.90
C LYS C 169 -20.11 73.78 -10.82
N ASN C 170 -19.09 73.31 -10.12
CA ASN C 170 -18.41 74.16 -9.14
C ASN C 170 -17.53 75.20 -9.82
N GLN C 171 -16.98 74.87 -10.99
CA GLN C 171 -16.08 75.75 -11.71
C GLN C 171 -16.72 76.37 -12.95
N PHE C 172 -17.41 75.57 -13.76
CA PHE C 172 -18.06 76.05 -14.99
C PHE C 172 -19.52 76.30 -14.66
N LYS C 173 -19.83 77.51 -14.20
CA LYS C 173 -21.17 77.83 -13.69
C LYS C 173 -22.18 78.07 -14.79
N SER C 174 -21.76 78.38 -16.01
CA SER C 174 -22.66 78.78 -17.08
C SER C 174 -22.34 78.05 -18.37
N PHE C 175 -22.18 76.73 -18.28
CA PHE C 175 -21.85 75.90 -19.44
C PHE C 175 -22.95 74.89 -19.68
N LEU C 176 -23.45 74.84 -20.92
CA LEU C 176 -24.41 73.83 -21.35
C LEU C 176 -23.95 73.28 -22.69
N ARG C 177 -24.37 72.05 -23.00
CA ARG C 177 -24.00 71.43 -24.26
C ARG C 177 -25.15 70.58 -24.77
N THR C 178 -25.14 70.35 -26.08
CA THR C 178 -26.15 69.54 -26.75
C THR C 178 -25.59 68.22 -27.25
N ILE C 179 -24.49 67.75 -26.67
CA ILE C 179 -23.87 66.48 -27.03
C ILE C 179 -23.59 65.71 -25.75
N PRO C 180 -23.78 64.38 -25.73
CA PRO C 180 -23.46 63.62 -24.52
C PRO C 180 -21.97 63.55 -24.26
N ASN C 181 -21.63 63.20 -23.02
CA ASN C 181 -20.23 63.12 -22.60
C ASN C 181 -19.64 61.78 -23.04
N ASP C 182 -18.46 61.44 -22.51
CA ASP C 182 -17.63 60.37 -23.05
C ASP C 182 -17.59 59.11 -22.20
N GLU C 183 -18.39 59.01 -21.14
CA GLU C 183 -18.40 57.79 -20.34
C GLU C 183 -18.95 56.61 -21.13
N HIS C 184 -20.07 56.84 -21.84
CA HIS C 184 -20.71 55.76 -22.56
C HIS C 184 -19.86 55.25 -23.71
N GLN C 185 -19.02 56.10 -24.29
CA GLN C 185 -18.13 55.63 -25.35
C GLN C 185 -17.12 54.61 -24.82
N ALA C 186 -16.49 54.92 -23.69
CA ALA C 186 -15.54 53.97 -23.09
C ALA C 186 -16.25 52.69 -22.67
N THR C 187 -17.44 52.81 -22.07
CA THR C 187 -18.18 51.61 -21.69
C THR C 187 -18.53 50.77 -22.91
N ALA C 188 -18.92 51.42 -24.01
CA ALA C 188 -19.29 50.68 -25.22
C ALA C 188 -18.08 50.01 -25.85
N MET C 189 -16.91 50.66 -25.81
CA MET C 189 -15.71 50.02 -26.34
C MET C 189 -15.34 48.78 -25.53
N ALA C 190 -15.43 48.88 -24.18
CA ALA C 190 -15.23 47.69 -23.36
C ALA C 190 -16.25 46.61 -23.70
N ASP C 191 -17.49 47.01 -23.95
CA ASP C 191 -18.52 46.05 -24.31
C ASP C 191 -18.21 45.34 -25.62
N ILE C 192 -17.71 46.08 -26.61
CA ILE C 192 -17.34 45.48 -27.89
C ILE C 192 -16.20 44.48 -27.71
N ILE C 193 -15.18 44.88 -26.95
CA ILE C 193 -14.05 43.98 -26.70
C ILE C 193 -14.51 42.71 -26.01
N GLU C 194 -15.38 42.83 -25.01
CA GLU C 194 -15.92 41.64 -24.34
C GLU C 194 -16.78 40.81 -25.28
N TYR C 195 -17.51 41.47 -26.18
CA TYR C 195 -18.39 40.77 -27.12
C TYR C 195 -17.58 39.88 -28.05
N PHE C 196 -16.46 40.39 -28.57
CA PHE C 196 -15.69 39.64 -29.55
C PHE C 196 -14.62 38.77 -28.92
N ARG C 197 -14.55 38.70 -27.59
CA ARG C 197 -13.66 37.81 -26.85
C ARG C 197 -12.18 38.10 -27.17
N TRP C 198 -11.76 39.29 -26.76
CA TRP C 198 -10.37 39.72 -26.81
C TRP C 198 -9.92 40.12 -25.41
N ASN C 199 -8.67 39.81 -25.06
CA ASN C 199 -8.16 40.16 -23.74
C ASN C 199 -6.71 40.62 -23.78
N TRP C 200 -6.28 41.23 -24.89
CA TRP C 200 -4.90 41.68 -25.04
C TRP C 200 -4.91 42.83 -26.04
N VAL C 201 -4.84 44.06 -25.53
CA VAL C 201 -5.03 45.26 -26.32
C VAL C 201 -3.94 46.28 -26.00
N GLY C 202 -4.01 47.41 -26.67
CA GLY C 202 -3.13 48.54 -26.38
C GLY C 202 -3.89 49.82 -26.62
N THR C 203 -3.48 50.88 -25.90
CA THR C 203 -4.23 52.13 -25.88
C THR C 203 -3.35 53.30 -26.31
N ILE C 204 -3.95 54.21 -27.08
CA ILE C 204 -3.33 55.45 -27.49
C ILE C 204 -4.34 56.57 -27.30
N ALA C 205 -3.88 57.73 -26.85
CA ALA C 205 -4.76 58.86 -26.60
C ALA C 205 -4.04 60.16 -26.92
N ALA C 206 -4.81 61.18 -27.27
CA ALA C 206 -4.26 62.51 -27.46
C ALA C 206 -3.89 63.13 -26.13
N ASP C 207 -2.96 64.08 -26.17
CA ASP C 207 -2.44 64.73 -24.98
C ASP C 207 -3.16 66.05 -24.76
N ASP C 208 -4.39 65.95 -24.26
CA ASP C 208 -5.21 67.12 -23.98
C ASP C 208 -6.26 66.72 -22.93
N ASP C 209 -7.26 67.57 -22.76
CA ASP C 209 -8.31 67.34 -21.78
C ASP C 209 -9.48 66.53 -22.34
N TYR C 210 -9.38 66.06 -23.58
CA TYR C 210 -10.41 65.21 -24.19
C TYR C 210 -9.99 63.75 -24.24
N GLY C 211 -8.71 63.48 -24.49
CA GLY C 211 -8.26 62.11 -24.62
C GLY C 211 -7.93 61.43 -23.31
N ARG C 212 -7.25 62.16 -22.41
CA ARG C 212 -6.79 61.55 -21.17
C ARG C 212 -7.93 61.08 -20.26
N PRO C 213 -8.93 61.90 -19.92
CA PRO C 213 -10.02 61.37 -19.08
C PRO C 213 -10.78 60.22 -19.73
N GLY C 214 -10.97 60.28 -21.05
CA GLY C 214 -11.66 59.18 -21.73
C GLY C 214 -10.88 57.89 -21.66
N ILE C 215 -9.58 57.95 -21.91
CA ILE C 215 -8.78 56.72 -21.87
C ILE C 215 -8.67 56.21 -20.44
N GLU C 216 -8.66 57.11 -19.45
CA GLU C 216 -8.67 56.68 -18.06
C GLU C 216 -9.97 55.96 -17.71
N LYS C 217 -11.11 56.49 -18.17
CA LYS C 217 -12.37 55.81 -17.95
C LYS C 217 -12.39 54.44 -18.62
N PHE C 218 -11.84 54.35 -19.84
CA PHE C 218 -11.77 53.06 -20.50
C PHE C 218 -10.92 52.06 -19.72
N ARG C 219 -9.78 52.53 -19.18
CA ARG C 219 -8.96 51.63 -18.38
C ARG C 219 -9.70 51.17 -17.13
N GLU C 220 -10.42 52.08 -16.48
CA GLU C 220 -11.20 51.70 -15.31
C GLU C 220 -12.25 50.66 -15.65
N GLU C 221 -12.92 50.80 -16.80
CA GLU C 221 -13.92 49.83 -17.21
C GLU C 221 -13.29 48.50 -17.60
N ALA C 222 -12.14 48.54 -18.26
CA ALA C 222 -11.52 47.31 -18.75
C ALA C 222 -10.89 46.51 -17.63
N GLU C 223 -10.46 47.17 -16.55
CA GLU C 223 -9.89 46.42 -15.43
C GLU C 223 -10.91 45.48 -14.80
N GLU C 224 -12.19 45.84 -14.83
CA GLU C 224 -13.22 45.01 -14.22
C GLU C 224 -13.57 43.78 -15.05
N ARG C 225 -13.49 43.88 -16.36
CA ARG C 225 -13.84 42.77 -17.25
C ARG C 225 -12.65 41.88 -17.57
N ASP C 226 -11.53 42.04 -16.87
CA ASP C 226 -10.35 41.20 -17.02
C ASP C 226 -9.77 41.29 -18.44
N ILE C 227 -9.47 42.52 -18.85
CA ILE C 227 -8.81 42.78 -20.12
C ILE C 227 -7.46 43.41 -19.82
N CYS C 228 -6.40 42.79 -20.32
CA CYS C 228 -5.04 43.25 -20.06
C CYS C 228 -4.57 44.21 -21.15
N ILE C 229 -3.88 45.26 -20.74
CA ILE C 229 -3.39 46.31 -21.64
C ILE C 229 -1.88 46.24 -21.69
N ASP C 230 -1.33 46.25 -22.90
CA ASP C 230 0.11 46.13 -23.09
C ASP C 230 0.82 47.48 -23.00
N PHE C 231 0.46 48.41 -23.87
CA PHE C 231 1.14 49.70 -23.97
C PHE C 231 0.15 50.84 -23.93
N SER C 232 0.59 51.98 -23.40
CA SER C 232 -0.19 53.20 -23.39
C SER C 232 0.71 54.36 -23.75
N GLU C 233 0.30 55.14 -24.75
CA GLU C 233 1.12 56.23 -25.26
C GLU C 233 0.25 57.45 -25.53
N LEU C 234 0.88 58.63 -25.50
CA LEU C 234 0.21 59.89 -25.71
C LEU C 234 0.84 60.62 -26.90
N ILE C 235 0.01 61.27 -27.71
CA ILE C 235 0.46 61.97 -28.90
C ILE C 235 -0.12 63.37 -28.93
N SER C 236 0.47 64.21 -29.78
CA SER C 236 0.03 65.58 -29.95
C SER C 236 0.33 66.03 -31.38
N GLN C 237 -0.37 67.07 -31.82
CA GLN C 237 -0.19 67.57 -33.18
C GLN C 237 1.21 68.12 -33.40
N TYR C 238 1.86 68.58 -32.34
CA TYR C 238 3.19 69.18 -32.43
C TYR C 238 4.27 68.26 -31.88
N SER C 239 4.07 66.96 -31.99
CA SER C 239 5.10 66.00 -31.57
C SER C 239 6.26 66.01 -32.55
N ASP C 240 7.47 65.92 -32.01
CA ASP C 240 8.67 65.90 -32.83
C ASP C 240 8.90 64.50 -33.40
N GLU C 241 9.98 64.37 -34.18
CA GLU C 241 10.28 63.09 -34.83
C GLU C 241 10.59 62.00 -33.83
N GLU C 242 11.37 62.34 -32.80
CA GLU C 242 11.85 61.36 -31.81
C GLU C 242 10.88 61.11 -30.68
N GLU C 243 9.62 61.48 -30.86
CA GLU C 243 8.53 61.02 -29.99
C GLU C 243 7.51 60.18 -30.78
N ILE C 244 7.44 60.42 -32.09
CA ILE C 244 6.72 59.55 -33.00
C ILE C 244 7.50 58.24 -33.24
N GLN C 245 8.82 58.33 -33.41
CA GLN C 245 9.62 57.13 -33.61
C GLN C 245 9.53 56.19 -32.42
N HIS C 246 9.59 56.74 -31.21
CA HIS C 246 9.45 55.92 -30.01
C HIS C 246 8.08 55.28 -29.95
N VAL C 247 7.02 56.05 -30.25
CA VAL C 247 5.67 55.47 -30.19
C VAL C 247 5.50 54.35 -31.21
N VAL C 248 5.99 54.54 -32.44
CA VAL C 248 5.83 53.50 -33.45
C VAL C 248 6.78 52.33 -33.21
N GLU C 249 7.84 52.52 -32.44
CA GLU C 249 8.65 51.39 -32.01
C GLU C 249 7.93 50.56 -30.96
N VAL C 250 7.25 51.22 -30.03
CA VAL C 250 6.52 50.50 -28.99
C VAL C 250 5.37 49.69 -29.60
N ILE C 251 4.72 50.22 -30.62
CA ILE C 251 3.57 49.54 -31.22
C ILE C 251 4.00 48.23 -31.88
N GLN C 252 5.10 48.25 -32.64
CA GLN C 252 5.51 47.08 -33.39
C GLN C 252 6.29 46.07 -32.56
N ASN C 253 6.56 46.36 -31.30
CA ASN C 253 7.18 45.41 -30.38
C ASN C 253 6.16 44.61 -29.58
N SER C 254 4.87 44.79 -29.85
CA SER C 254 3.80 44.14 -29.10
C SER C 254 3.13 43.07 -29.96
N THR C 255 2.46 42.14 -29.27
CA THR C 255 1.76 41.04 -29.92
C THR C 255 0.24 41.23 -29.90
N ALA C 256 -0.24 42.42 -29.58
CA ALA C 256 -1.67 42.71 -29.52
C ALA C 256 -2.12 43.37 -30.82
N LYS C 257 -3.19 42.86 -31.41
CA LYS C 257 -3.70 43.35 -32.68
C LYS C 257 -4.83 44.36 -32.53
N VAL C 258 -5.21 44.71 -31.30
CA VAL C 258 -6.34 45.61 -31.05
C VAL C 258 -5.81 46.86 -30.37
N ILE C 259 -6.10 48.01 -30.96
CA ILE C 259 -5.60 49.30 -30.46
C ILE C 259 -6.78 50.25 -30.34
N VAL C 260 -6.87 50.93 -29.19
CA VAL C 260 -7.95 51.87 -28.90
C VAL C 260 -7.37 53.27 -28.94
N VAL C 261 -8.02 54.17 -29.69
CA VAL C 261 -7.53 55.53 -29.90
C VAL C 261 -8.60 56.51 -29.46
N PHE C 262 -8.21 57.47 -28.62
CA PHE C 262 -9.05 58.62 -28.25
C PHE C 262 -8.31 59.88 -28.68
N SER C 263 -8.58 60.34 -29.90
CA SER C 263 -7.92 61.51 -30.45
C SER C 263 -8.75 62.04 -31.60
N SER C 264 -8.31 63.15 -32.17
CA SER C 264 -8.91 63.73 -33.37
C SER C 264 -7.93 63.60 -34.54
N GLY C 265 -8.41 63.99 -35.72
CA GLY C 265 -7.63 63.87 -36.93
C GLY C 265 -6.32 64.64 -36.93
N PRO C 266 -6.37 65.93 -36.62
CA PRO C 266 -5.12 66.70 -36.54
C PRO C 266 -4.12 66.15 -35.54
N ASP C 267 -4.59 65.60 -34.42
CA ASP C 267 -3.70 65.03 -33.42
C ASP C 267 -3.21 63.63 -33.77
N LEU C 268 -3.79 63.00 -34.79
CA LEU C 268 -3.42 61.65 -35.18
C LEU C 268 -2.68 61.56 -36.50
N GLU C 269 -2.72 62.61 -37.33
CA GLU C 269 -2.15 62.51 -38.67
C GLU C 269 -0.67 62.17 -38.70
N PRO C 270 0.22 62.80 -37.91
CA PRO C 270 1.65 62.45 -38.01
C PRO C 270 1.93 60.98 -37.72
N LEU C 271 1.28 60.42 -36.71
CA LEU C 271 1.49 59.02 -36.38
C LEU C 271 1.03 58.11 -37.52
N ILE C 272 -0.10 58.45 -38.14
CA ILE C 272 -0.61 57.65 -39.25
C ILE C 272 0.33 57.74 -40.45
N LYS C 273 0.87 58.94 -40.72
CA LYS C 273 1.83 59.09 -41.81
C LYS C 273 3.07 58.23 -41.56
N GLU C 274 3.59 58.27 -40.34
CA GLU C 274 4.78 57.49 -40.02
C GLU C 274 4.50 56.00 -40.15
N ILE C 275 3.33 55.55 -39.69
CA ILE C 275 2.98 54.13 -39.81
C ILE C 275 2.85 53.73 -41.27
N VAL C 276 2.22 54.59 -42.08
CA VAL C 276 2.02 54.28 -43.50
C VAL C 276 3.34 54.17 -44.23
N ARG C 277 4.27 55.09 -43.98
CA ARG C 277 5.56 55.01 -44.66
C ARG C 277 6.37 53.82 -44.18
N ARG C 278 6.03 53.22 -43.04
CA ARG C 278 6.67 52.01 -42.57
C ARG C 278 5.94 50.74 -43.01
N ASN C 279 4.69 50.87 -43.46
CA ASN C 279 3.88 49.74 -43.92
C ASN C 279 3.69 48.70 -42.81
N ILE C 280 2.99 49.13 -41.76
CA ILE C 280 2.60 48.26 -40.66
C ILE C 280 1.13 47.90 -40.84
N THR C 281 0.84 46.61 -41.00
CA THR C 281 -0.50 46.12 -41.23
C THR C 281 -0.87 45.10 -40.16
N GLY C 282 -2.12 44.65 -40.21
CA GLY C 282 -2.62 43.63 -39.30
C GLY C 282 -3.21 44.14 -38.01
N LYS C 283 -3.25 45.45 -37.80
CA LYS C 283 -3.81 46.01 -36.57
C LYS C 283 -5.30 46.29 -36.72
N ILE C 284 -6.00 46.28 -35.60
CA ILE C 284 -7.43 46.55 -35.56
C ILE C 284 -7.65 47.78 -34.68
N TRP C 285 -8.30 48.80 -35.25
CA TRP C 285 -8.52 50.06 -34.56
C TRP C 285 -9.96 50.17 -34.09
N LEU C 286 -10.16 50.74 -32.91
CA LEU C 286 -11.48 51.05 -32.39
C LEU C 286 -11.55 52.57 -32.23
N ALA C 287 -12.22 53.23 -33.17
CA ALA C 287 -12.20 54.69 -33.26
C ALA C 287 -13.29 55.31 -32.39
N SER C 288 -12.96 56.46 -31.80
CA SER C 288 -13.93 57.28 -31.12
C SER C 288 -14.60 58.20 -32.14
N GLU C 289 -15.52 59.04 -31.65
CA GLU C 289 -16.32 59.86 -32.57
C GLU C 289 -15.50 60.94 -33.27
N ALA C 290 -14.44 61.41 -32.60
CA ALA C 290 -13.70 62.56 -33.12
C ALA C 290 -13.12 62.25 -34.49
N TRP C 291 -12.54 61.06 -34.66
CA TRP C 291 -11.92 60.70 -35.93
C TRP C 291 -12.60 59.52 -36.61
N ALA C 292 -13.85 59.22 -36.24
CA ALA C 292 -14.57 58.14 -36.92
C ALA C 292 -14.87 58.49 -38.36
N SER C 293 -15.24 59.75 -38.64
CA SER C 293 -15.56 60.19 -39.98
C SER C 293 -14.66 61.33 -40.45
N SER C 294 -13.46 61.44 -39.87
CA SER C 294 -12.55 62.51 -40.26
C SER C 294 -12.02 62.27 -41.67
N SER C 295 -11.92 63.36 -42.44
CA SER C 295 -11.41 63.27 -43.80
C SER C 295 -9.90 63.33 -43.88
N LEU C 296 -9.21 63.59 -42.76
CA LEU C 296 -7.76 63.54 -42.74
C LEU C 296 -7.23 62.11 -42.60
N ILE C 297 -8.03 61.20 -42.05
CA ILE C 297 -7.61 59.82 -41.88
C ILE C 297 -8.28 58.89 -42.89
N ALA C 298 -9.52 59.17 -43.30
CA ALA C 298 -10.23 58.33 -44.27
C ALA C 298 -9.79 58.72 -45.66
N MET C 299 -8.61 58.24 -46.05
CA MET C 299 -8.06 58.48 -47.37
C MET C 299 -7.69 57.15 -48.02
N PRO C 300 -7.96 56.99 -49.32
CA PRO C 300 -7.69 55.71 -49.97
C PRO C 300 -6.23 55.31 -49.96
N GLN C 301 -5.31 56.27 -49.85
CA GLN C 301 -3.89 55.92 -49.76
C GLN C 301 -3.58 55.20 -48.46
N TYR C 302 -4.34 55.48 -47.40
CA TYR C 302 -4.11 54.86 -46.10
C TYR C 302 -4.91 53.58 -45.90
N PHE C 303 -5.64 53.12 -46.93
CA PHE C 303 -6.61 52.05 -46.73
C PHE C 303 -5.94 50.75 -46.31
N HIS C 304 -4.76 50.45 -46.86
CA HIS C 304 -4.10 49.20 -46.49
C HIS C 304 -3.57 49.20 -45.06
N VAL C 305 -3.83 50.26 -44.28
CA VAL C 305 -3.45 50.32 -42.88
C VAL C 305 -4.66 50.58 -41.99
N VAL C 306 -5.45 51.61 -42.32
CA VAL C 306 -6.58 52.01 -41.51
C VAL C 306 -7.88 51.35 -41.97
N GLY C 307 -7.80 50.45 -42.93
CA GLY C 307 -8.98 49.74 -43.37
C GLY C 307 -9.54 48.84 -42.28
N GLY C 308 -10.86 48.70 -42.29
CA GLY C 308 -11.53 47.88 -41.30
C GLY C 308 -11.66 48.49 -39.93
N THR C 309 -11.60 49.81 -39.82
CA THR C 309 -11.77 50.46 -38.54
C THR C 309 -13.24 50.42 -38.11
N ILE C 310 -13.46 50.28 -36.80
CA ILE C 310 -14.79 50.33 -36.21
C ILE C 310 -14.86 51.57 -35.33
N GLY C 311 -15.90 52.37 -35.52
CA GLY C 311 -16.03 53.65 -34.83
C GLY C 311 -17.45 53.92 -34.42
N PHE C 312 -17.63 55.06 -33.76
CA PHE C 312 -18.92 55.49 -33.24
C PHE C 312 -19.40 56.74 -33.98
N ALA C 313 -20.71 56.93 -33.99
CA ALA C 313 -21.30 58.09 -34.64
C ALA C 313 -22.59 58.46 -33.92
N LEU C 314 -23.00 59.71 -34.09
CA LEU C 314 -24.21 60.22 -33.47
C LEU C 314 -25.41 59.95 -34.37
N LYS C 315 -26.58 60.41 -33.94
CA LYS C 315 -27.82 60.23 -34.69
C LYS C 315 -28.10 61.47 -35.53
N ALA C 316 -28.43 61.26 -36.79
CA ALA C 316 -28.54 62.34 -37.76
C ALA C 316 -29.94 62.93 -37.76
N GLY C 317 -30.02 64.26 -37.67
CA GLY C 317 -31.28 64.97 -37.75
C GLY C 317 -31.61 65.37 -39.17
N GLN C 318 -32.66 66.19 -39.30
CA GLN C 318 -33.12 66.64 -40.60
C GLN C 318 -33.34 68.16 -40.58
N ILE C 319 -32.78 68.83 -41.57
CA ILE C 319 -33.07 70.24 -41.83
C ILE C 319 -33.52 70.35 -43.28
N PRO C 320 -34.79 70.68 -43.53
CA PRO C 320 -35.33 70.54 -44.89
C PRO C 320 -34.67 71.41 -45.96
N GLY C 321 -34.62 72.71 -45.75
CA GLY C 321 -34.15 73.62 -46.78
C GLY C 321 -32.72 74.06 -46.64
N PHE C 322 -31.83 73.13 -46.30
CA PHE C 322 -30.44 73.47 -45.98
C PHE C 322 -29.51 73.41 -47.18
N ARG C 323 -29.71 72.45 -48.09
CA ARG C 323 -28.86 72.36 -49.27
C ARG C 323 -29.00 73.59 -50.15
N GLU C 324 -30.22 74.10 -50.29
CA GLU C 324 -30.42 75.30 -51.09
C GLU C 324 -29.69 76.49 -50.49
N PHE C 325 -29.73 76.63 -49.17
CA PHE C 325 -29.00 77.72 -48.53
C PHE C 325 -27.49 77.55 -48.71
N LEU C 326 -27.00 76.32 -48.60
CA LEU C 326 -25.57 76.08 -48.80
C LEU C 326 -25.13 76.40 -50.23
N LYS C 327 -25.99 76.08 -51.21
CA LYS C 327 -25.65 76.19 -52.62
C LYS C 327 -26.00 77.55 -53.22
N LYS C 328 -26.01 78.61 -52.41
CA LYS C 328 -26.27 79.95 -52.93
C LYS C 328 -25.28 80.96 -52.38
N VAL C 329 -24.16 80.50 -51.83
CA VAL C 329 -23.13 81.41 -51.36
C VAL C 329 -22.48 82.11 -52.53
N HIS C 330 -21.95 83.31 -52.28
CA HIS C 330 -21.33 84.10 -53.34
C HIS C 330 -20.39 85.12 -52.70
N PRO C 331 -19.18 85.27 -53.24
CA PRO C 331 -18.21 86.18 -52.61
C PRO C 331 -18.62 87.64 -52.64
N ARG C 332 -19.53 88.02 -53.53
CA ARG C 332 -19.97 89.42 -53.64
C ARG C 332 -21.31 89.69 -53.00
N LYS C 333 -22.27 88.78 -53.16
CA LYS C 333 -23.60 89.00 -52.59
C LYS C 333 -23.63 88.79 -51.08
N SER C 334 -22.78 87.90 -50.56
CA SER C 334 -22.72 87.65 -49.11
C SER C 334 -21.84 88.71 -48.45
N VAL C 335 -22.38 89.93 -48.40
CA VAL C 335 -21.66 91.04 -47.79
C VAL C 335 -21.49 90.82 -46.29
N HIS C 336 -22.47 90.21 -45.64
CA HIS C 336 -22.42 90.00 -44.20
C HIS C 336 -21.39 88.96 -43.79
N ASN C 337 -20.89 88.16 -44.72
CA ASN C 337 -19.96 87.08 -44.43
C ASN C 337 -18.56 87.46 -44.89
N GLY C 338 -17.59 87.31 -44.00
CA GLY C 338 -16.21 87.66 -44.32
C GLY C 338 -15.36 86.47 -44.71
N PHE C 339 -15.88 85.27 -44.54
CA PHE C 339 -15.17 84.05 -44.90
C PHE C 339 -15.54 83.55 -46.30
N ALA C 340 -16.55 84.14 -46.94
CA ALA C 340 -17.00 83.67 -48.24
C ALA C 340 -15.91 83.87 -49.29
N LYS C 341 -15.17 84.98 -49.21
CA LYS C 341 -14.11 85.24 -50.18
C LYS C 341 -13.04 84.15 -50.14
N GLU C 342 -12.56 83.82 -48.94
CA GLU C 342 -11.56 82.77 -48.82
C GLU C 342 -12.14 81.41 -49.17
N PHE C 343 -13.41 81.16 -48.88
CA PHE C 343 -14.03 79.92 -49.29
C PHE C 343 -13.99 79.78 -50.81
N TRP C 344 -14.37 80.83 -51.52
CA TRP C 344 -14.33 80.82 -52.98
C TRP C 344 -12.91 80.60 -53.49
N GLU C 345 -11.94 81.32 -52.92
CA GLU C 345 -10.56 81.22 -53.38
C GLU C 345 -10.00 79.82 -53.17
N GLU C 346 -10.21 79.25 -51.99
CA GLU C 346 -9.69 77.92 -51.71
C GLU C 346 -10.42 76.85 -52.51
N THR C 347 -11.71 77.07 -52.80
CA THR C 347 -12.46 76.07 -53.56
C THR C 347 -12.03 76.05 -55.02
N PHE C 348 -11.88 77.22 -55.63
CA PHE C 348 -11.62 77.30 -57.06
C PHE C 348 -10.15 77.54 -57.41
N ASN C 349 -9.27 77.57 -56.41
CA ASN C 349 -7.85 77.86 -56.62
C ASN C 349 -7.69 79.15 -57.42
N CYS C 350 -8.47 80.15 -57.04
CA CYS C 350 -8.58 81.40 -57.77
C CYS C 350 -8.31 82.55 -56.83
N HIS C 351 -7.90 83.68 -57.41
CA HIS C 351 -7.56 84.87 -56.63
C HIS C 351 -8.59 85.96 -56.93
N LEU C 352 -9.18 86.51 -55.87
CA LEU C 352 -10.11 87.62 -56.01
C LEU C 352 -9.39 88.94 -55.86
N GLN C 353 -9.90 89.97 -56.54
CA GLN C 353 -9.31 91.29 -56.52
C GLN C 353 -10.41 92.32 -56.32
N GLU C 354 -10.12 93.35 -55.52
CA GLU C 354 -11.09 94.39 -55.21
C GLU C 354 -11.06 95.51 -56.25
N PHE C 383 0.06 82.47 -62.10
CA PHE C 383 -0.11 81.24 -61.34
C PHE C 383 -1.59 80.98 -61.03
N ARG C 384 -2.18 81.87 -60.23
CA ARG C 384 -3.56 81.72 -59.79
C ARG C 384 -4.47 82.56 -60.67
N PRO C 385 -5.34 81.95 -61.48
CA PRO C 385 -6.19 82.74 -62.39
C PRO C 385 -7.08 83.70 -61.63
N LEU C 386 -7.45 84.79 -62.31
CA LEU C 386 -8.36 85.76 -61.73
C LEU C 386 -9.80 85.24 -61.77
N CYS C 387 -10.59 85.64 -60.79
CA CYS C 387 -11.93 85.11 -60.60
C CYS C 387 -12.95 85.86 -61.46
N THR C 388 -13.72 85.11 -62.24
CA THR C 388 -14.81 85.72 -63.00
C THR C 388 -16.01 86.02 -62.11
N GLY C 389 -16.29 85.14 -61.15
CA GLY C 389 -17.39 85.31 -60.23
C GLY C 389 -18.62 84.49 -60.53
N ASP C 390 -18.72 83.93 -61.73
CA ASP C 390 -19.88 83.14 -62.14
C ASP C 390 -19.64 81.64 -62.03
N GLU C 391 -18.54 81.22 -61.39
CA GLU C 391 -18.22 79.81 -61.31
C GLU C 391 -19.20 79.08 -60.39
N ASN C 392 -19.23 77.76 -60.54
CA ASN C 392 -20.21 76.91 -59.87
C ASN C 392 -19.50 76.04 -58.83
N ILE C 393 -20.02 76.04 -57.60
CA ILE C 393 -19.42 75.25 -56.53
C ILE C 393 -19.87 73.80 -56.53
N SER C 394 -20.81 73.43 -57.40
CA SER C 394 -21.27 72.05 -57.47
C SER C 394 -20.32 71.14 -58.23
N SER C 395 -19.32 71.70 -58.91
CA SER C 395 -18.42 70.92 -59.74
C SER C 395 -17.14 70.51 -59.00
N VAL C 396 -16.98 70.89 -57.74
CA VAL C 396 -15.78 70.58 -56.96
C VAL C 396 -16.20 69.77 -55.75
N GLU C 397 -15.54 68.64 -55.55
CA GLU C 397 -15.85 67.75 -54.44
C GLU C 397 -15.07 68.20 -53.21
N THR C 398 -15.78 68.78 -52.25
CA THR C 398 -15.22 69.24 -50.98
C THR C 398 -16.19 68.84 -49.88
N PRO C 399 -15.70 68.75 -48.63
CA PRO C 399 -16.62 68.43 -47.51
C PRO C 399 -17.53 69.60 -47.15
N TYR C 400 -18.21 70.17 -48.15
CA TYR C 400 -19.13 71.27 -47.94
C TYR C 400 -20.54 70.93 -48.39
N ILE C 401 -20.70 70.40 -49.60
CA ILE C 401 -21.96 69.88 -50.10
C ILE C 401 -21.88 68.40 -50.42
N ASP C 402 -20.81 67.74 -49.98
CA ASP C 402 -20.63 66.30 -50.16
C ASP C 402 -20.72 65.67 -48.77
N TYR C 403 -21.94 65.36 -48.34
CA TYR C 403 -22.17 64.72 -47.06
C TYR C 403 -23.35 63.77 -47.19
N THR C 404 -23.45 62.84 -46.25
CA THR C 404 -24.54 61.88 -46.21
C THR C 404 -25.47 62.07 -45.02
N HIS C 405 -25.00 62.65 -43.93
CA HIS C 405 -25.82 62.84 -42.75
C HIS C 405 -25.41 64.11 -42.03
N LEU C 406 -26.34 64.67 -41.26
CA LEU C 406 -26.14 65.90 -40.52
C LEU C 406 -26.19 65.58 -39.04
N ARG C 407 -25.05 65.64 -38.35
CA ARG C 407 -24.99 65.35 -36.93
C ARG C 407 -24.57 66.56 -36.11
N ILE C 408 -23.41 67.15 -36.37
CA ILE C 408 -23.00 68.35 -35.63
C ILE C 408 -23.78 69.57 -36.11
N SER C 409 -24.13 69.61 -37.40
CA SER C 409 -24.95 70.71 -37.90
C SER C 409 -26.30 70.75 -37.20
N TYR C 410 -26.88 69.57 -36.97
CA TYR C 410 -28.10 69.50 -36.18
C TYR C 410 -27.89 70.00 -34.76
N ASN C 411 -26.71 69.77 -34.19
CA ASN C 411 -26.41 70.31 -32.86
C ASN C 411 -26.40 71.82 -32.87
N VAL C 412 -25.81 72.43 -33.89
CA VAL C 412 -25.80 73.89 -34.00
C VAL C 412 -27.24 74.42 -34.13
N TYR C 413 -28.03 73.77 -34.99
CA TYR C 413 -29.45 74.08 -35.12
C TYR C 413 -30.16 74.07 -33.77
N LEU C 414 -29.94 72.98 -33.01
CA LEU C 414 -30.62 72.82 -31.73
C LEU C 414 -30.18 73.87 -30.72
N ALA C 415 -28.89 74.22 -30.72
CA ALA C 415 -28.43 75.24 -29.80
C ALA C 415 -29.10 76.58 -30.08
N VAL C 416 -29.18 76.95 -31.36
CA VAL C 416 -29.80 78.23 -31.70
C VAL C 416 -31.28 78.23 -31.32
N TYR C 417 -31.99 77.13 -31.60
CA TYR C 417 -33.39 77.07 -31.17
C TYR C 417 -33.56 77.04 -29.65
N SER C 418 -32.61 76.46 -28.92
CA SER C 418 -32.70 76.49 -27.47
C SER C 418 -32.62 77.93 -26.96
N ILE C 419 -31.68 78.70 -27.50
CA ILE C 419 -31.58 80.11 -27.12
C ILE C 419 -32.87 80.85 -27.50
N ALA C 420 -33.38 80.59 -28.70
CA ALA C 420 -34.58 81.27 -29.16
C ALA C 420 -35.79 80.95 -28.28
N HIS C 421 -35.93 79.69 -27.88
CA HIS C 421 -37.08 79.33 -27.05
C HIS C 421 -36.95 79.84 -25.63
N ALA C 422 -35.72 79.97 -25.11
CA ALA C 422 -35.55 80.64 -23.83
C ALA C 422 -35.99 82.10 -23.92
N LEU C 423 -35.61 82.77 -25.01
CA LEU C 423 -36.05 84.15 -25.20
C LEU C 423 -37.57 84.24 -25.34
N GLN C 424 -38.17 83.27 -26.04
CA GLN C 424 -39.61 83.25 -26.19
C GLN C 424 -40.32 83.06 -24.85
N ASP C 425 -39.77 82.17 -24.01
CA ASP C 425 -40.33 81.98 -22.67
C ASP C 425 -40.24 83.27 -21.87
N ILE C 426 -39.14 84.01 -21.99
CA ILE C 426 -39.06 85.32 -21.36
C ILE C 426 -40.16 86.23 -21.90
N TYR C 427 -40.38 86.20 -23.22
CA TYR C 427 -41.32 87.12 -23.86
C TYR C 427 -42.75 86.87 -23.41
N THR C 428 -43.25 85.65 -23.61
CA THR C 428 -44.64 85.32 -23.28
C THR C 428 -44.73 84.82 -21.85
N CYS C 429 -44.69 85.78 -20.92
CA CYS C 429 -44.77 85.48 -19.50
C CYS C 429 -45.87 86.34 -18.87
N LEU C 430 -46.57 85.76 -17.90
CA LEU C 430 -47.64 86.46 -17.18
C LEU C 430 -47.14 86.85 -15.79
N PRO C 431 -47.24 88.12 -15.42
CA PRO C 431 -46.72 88.56 -14.12
C PRO C 431 -47.38 87.82 -12.97
N GLY C 432 -46.60 87.54 -11.93
CA GLY C 432 -47.05 86.79 -10.78
C GLY C 432 -46.84 85.30 -10.86
N ARG C 433 -46.45 84.78 -12.02
CA ARG C 433 -46.18 83.36 -12.22
C ARG C 433 -44.84 83.16 -12.91
N GLY C 434 -43.86 83.99 -12.56
CA GLY C 434 -42.56 83.97 -13.17
C GLY C 434 -41.60 83.04 -12.46
N LEU C 435 -40.31 83.38 -12.54
CA LEU C 435 -39.26 82.57 -11.95
C LEU C 435 -38.29 83.38 -11.08
N PHE C 436 -38.54 84.67 -10.86
CA PHE C 436 -37.60 85.57 -10.18
C PHE C 436 -38.25 86.24 -8.98
N THR C 437 -37.47 86.38 -7.90
CA THR C 437 -37.90 87.01 -6.63
C THR C 437 -39.25 86.47 -6.14
N ASN C 438 -40.27 87.31 -5.98
CA ASN C 438 -41.55 86.81 -5.49
C ASN C 438 -42.41 86.26 -6.61
N GLY C 439 -41.78 85.83 -7.69
CA GLY C 439 -42.50 85.43 -8.88
C GLY C 439 -42.71 86.67 -9.71
N SER C 440 -41.95 86.84 -10.80
CA SER C 440 -41.96 88.06 -11.61
C SER C 440 -41.45 87.68 -13.00
N CYS C 441 -41.66 88.56 -13.97
CA CYS C 441 -41.16 88.34 -15.32
C CYS C 441 -40.10 89.38 -15.65
N ALA C 442 -39.07 88.93 -16.39
CA ALA C 442 -38.01 89.80 -16.88
C ALA C 442 -38.48 90.53 -18.14
N ASP C 443 -38.17 91.83 -18.23
CA ASP C 443 -38.59 92.61 -19.39
C ASP C 443 -37.77 92.25 -20.62
N ILE C 444 -38.46 91.93 -21.73
CA ILE C 444 -37.77 91.59 -22.97
C ILE C 444 -37.07 92.82 -23.57
N LYS C 445 -37.42 94.01 -23.11
CA LYS C 445 -36.76 95.22 -23.59
C LYS C 445 -35.36 95.39 -22.99
N LYS C 446 -35.14 94.88 -21.79
CA LYS C 446 -33.88 95.04 -21.07
C LYS C 446 -33.42 93.70 -20.49
N VAL C 447 -33.45 92.65 -21.30
CA VAL C 447 -33.07 91.33 -20.83
C VAL C 447 -31.56 91.26 -20.63
N GLU C 448 -31.14 90.55 -19.60
CA GLU C 448 -29.73 90.37 -19.26
C GLU C 448 -29.34 88.89 -19.42
N ALA C 449 -28.05 88.62 -19.21
CA ALA C 449 -27.53 87.29 -19.50
C ALA C 449 -27.99 86.25 -18.47
N TRP C 450 -27.95 86.61 -17.19
CA TRP C 450 -28.24 85.63 -16.14
C TRP C 450 -29.70 85.19 -16.18
N GLN C 451 -30.62 86.06 -16.58
CA GLN C 451 -32.00 85.67 -16.74
C GLN C 451 -32.15 84.64 -17.85
N VAL C 452 -31.42 84.83 -18.95
CA VAL C 452 -31.43 83.86 -20.04
C VAL C 452 -30.87 82.52 -19.56
N LEU C 453 -29.80 82.57 -18.76
CA LEU C 453 -29.23 81.34 -18.23
C LEU C 453 -30.22 80.62 -17.31
N LYS C 454 -30.92 81.38 -16.48
CA LYS C 454 -31.92 80.79 -15.58
C LYS C 454 -33.03 80.13 -16.38
N HIS C 455 -33.47 80.76 -17.46
CA HIS C 455 -34.52 80.15 -18.29
C HIS C 455 -34.00 78.94 -19.05
N LEU C 456 -32.74 78.96 -19.48
CA LEU C 456 -32.16 77.79 -20.14
C LEU C 456 -32.05 76.61 -19.18
N ARG C 457 -31.78 76.88 -17.90
CA ARG C 457 -31.71 75.80 -16.92
C ARG C 457 -33.03 75.08 -16.73
N HIS C 458 -34.15 75.72 -17.07
CA HIS C 458 -35.49 75.16 -16.89
C HIS C 458 -36.21 75.02 -18.22
N LEU C 459 -35.51 74.52 -19.24
CA LEU C 459 -36.03 74.49 -20.59
C LEU C 459 -36.63 73.13 -20.91
N ASN C 460 -37.72 73.14 -21.69
CA ASN C 460 -38.34 71.90 -22.16
C ASN C 460 -39.19 72.26 -23.37
N PHE C 461 -38.76 71.84 -24.56
CA PHE C 461 -39.47 72.18 -25.79
C PHE C 461 -39.29 71.05 -26.79
N THR C 462 -40.19 71.02 -27.78
CA THR C 462 -40.20 69.99 -28.81
C THR C 462 -39.63 70.56 -30.10
N ASN C 463 -38.63 69.87 -30.66
CA ASN C 463 -37.97 70.34 -31.87
C ASN C 463 -38.81 70.01 -33.09
N ASN C 464 -38.25 70.24 -34.28
CA ASN C 464 -38.97 70.00 -35.53
C ASN C 464 -39.17 68.52 -35.82
N MET C 465 -38.48 67.62 -35.12
CA MET C 465 -38.59 66.19 -35.37
C MET C 465 -39.59 65.51 -34.46
N GLY C 466 -40.20 66.23 -33.52
CA GLY C 466 -41.20 65.63 -32.65
C GLY C 466 -40.63 64.90 -31.46
N GLU C 467 -39.72 65.55 -30.74
CA GLU C 467 -39.14 64.97 -29.54
C GLU C 467 -38.67 66.10 -28.62
N GLN C 468 -38.79 65.86 -27.32
CA GLN C 468 -38.47 66.89 -26.34
C GLN C 468 -36.96 67.09 -26.22
N VAL C 469 -36.58 68.30 -25.80
CA VAL C 469 -35.19 68.67 -25.61
C VAL C 469 -35.08 69.30 -24.23
N THR C 470 -34.62 68.54 -23.25
CA THR C 470 -34.49 69.00 -21.89
C THR C 470 -33.05 68.84 -21.44
N PHE C 471 -32.57 69.83 -20.68
CA PHE C 471 -31.19 69.77 -20.19
C PHE C 471 -31.17 69.26 -18.76
N ASP C 472 -30.34 68.26 -18.50
CA ASP C 472 -30.17 67.67 -17.16
C ASP C 472 -29.48 68.66 -16.23
N GLU C 473 -29.27 68.31 -14.96
CA GLU C 473 -28.64 69.23 -13.99
C GLU C 473 -27.37 69.84 -14.54
N CYS C 474 -26.46 69.02 -15.06
CA CYS C 474 -25.18 69.54 -15.50
C CYS C 474 -25.19 69.97 -16.96
N GLY C 475 -26.38 70.28 -17.49
CA GLY C 475 -26.52 70.84 -18.81
C GLY C 475 -26.05 69.90 -19.89
N ASP C 476 -26.48 68.64 -19.83
CA ASP C 476 -26.08 67.63 -20.78
C ASP C 476 -27.30 66.98 -21.40
N LEU C 477 -27.10 66.39 -22.57
CA LEU C 477 -28.11 65.57 -23.23
C LEU C 477 -27.67 64.12 -23.27
N VAL C 478 -28.65 63.22 -23.35
CA VAL C 478 -28.40 61.80 -23.50
C VAL C 478 -28.96 61.37 -24.84
N GLY C 479 -28.17 60.61 -25.61
CA GLY C 479 -28.58 60.21 -26.93
C GLY C 479 -27.99 58.86 -27.30
N ASN C 480 -28.50 58.32 -28.41
CA ASN C 480 -28.08 57.03 -28.90
C ASN C 480 -26.70 57.12 -29.55
N TYR C 481 -26.17 55.97 -29.94
CA TYR C 481 -24.92 55.87 -30.68
C TYR C 481 -25.11 54.93 -31.85
N SER C 482 -24.32 55.13 -32.90
CA SER C 482 -24.34 54.28 -34.08
C SER C 482 -22.94 53.79 -34.37
N ILE C 483 -22.80 52.49 -34.58
CA ILE C 483 -21.51 51.86 -34.83
C ILE C 483 -21.34 51.63 -36.32
N ILE C 484 -20.24 52.12 -36.89
CA ILE C 484 -20.02 52.09 -38.32
C ILE C 484 -18.78 51.28 -38.63
N ASN C 485 -18.61 50.95 -39.91
CA ASN C 485 -17.48 50.19 -40.42
C ASN C 485 -16.93 50.87 -41.66
N TRP C 486 -15.61 50.78 -41.83
CA TRP C 486 -14.93 51.39 -42.97
C TRP C 486 -14.81 50.37 -44.09
N HIS C 487 -15.35 50.71 -45.26
CA HIS C 487 -15.32 49.84 -46.43
C HIS C 487 -14.55 50.53 -47.56
N LEU C 488 -14.54 49.89 -48.72
CA LEU C 488 -13.94 50.45 -49.93
C LEU C 488 -15.00 50.48 -51.03
N SER C 489 -15.16 51.63 -51.66
CA SER C 489 -16.17 51.76 -52.70
C SER C 489 -15.78 50.91 -53.92
N PRO C 490 -16.73 50.19 -54.52
CA PRO C 490 -16.39 49.35 -55.67
C PRO C 490 -16.26 50.14 -56.96
N GLU C 491 -16.99 51.25 -57.07
CA GLU C 491 -17.00 52.05 -58.30
C GLU C 491 -16.13 53.29 -58.18
N ASP C 492 -16.41 54.15 -57.20
CA ASP C 492 -15.69 55.42 -57.10
C ASP C 492 -14.29 55.26 -56.54
N GLY C 493 -14.05 54.23 -55.73
CA GLY C 493 -12.75 54.04 -55.12
C GLY C 493 -12.52 54.84 -53.86
N SER C 494 -13.54 55.48 -53.31
CA SER C 494 -13.42 56.24 -52.08
C SER C 494 -13.69 55.31 -50.89
N ILE C 495 -13.84 55.89 -49.70
CA ILE C 495 -14.08 55.15 -48.47
C ILE C 495 -15.53 55.33 -48.07
N VAL C 496 -16.21 54.22 -47.76
CA VAL C 496 -17.63 54.20 -47.44
C VAL C 496 -17.80 53.74 -46.00
N PHE C 497 -18.59 54.50 -45.23
CA PHE C 497 -18.92 54.14 -43.87
C PHE C 497 -20.27 53.43 -43.85
N LYS C 498 -20.31 52.25 -43.23
CA LYS C 498 -21.52 51.43 -43.19
C LYS C 498 -21.87 51.10 -41.75
N GLU C 499 -23.13 51.28 -41.39
CA GLU C 499 -23.59 50.99 -40.04
C GLU C 499 -23.72 49.49 -39.83
N VAL C 500 -23.23 49.00 -38.69
CA VAL C 500 -23.26 47.58 -38.39
C VAL C 500 -23.84 47.33 -37.01
N GLY C 501 -24.64 48.25 -36.51
CA GLY C 501 -25.28 48.06 -35.22
C GLY C 501 -25.65 49.38 -34.59
N TYR C 502 -25.88 49.35 -33.28
CA TYR C 502 -26.18 50.55 -32.51
C TYR C 502 -25.88 50.29 -31.04
N TYR C 503 -25.84 51.37 -30.28
CA TYR C 503 -25.70 51.32 -28.84
C TYR C 503 -26.90 52.00 -28.21
N ASN C 504 -27.59 51.29 -27.32
CA ASN C 504 -28.80 51.79 -26.68
C ASN C 504 -28.45 52.28 -25.28
N VAL C 505 -28.75 53.55 -25.00
CA VAL C 505 -28.44 54.15 -23.71
C VAL C 505 -29.60 54.09 -22.74
N TYR C 506 -30.74 53.53 -23.15
CA TYR C 506 -31.90 53.42 -22.28
C TYR C 506 -32.06 52.02 -21.67
N ALA C 507 -31.67 50.98 -22.40
CA ALA C 507 -31.86 49.63 -21.92
C ALA C 507 -30.93 49.33 -20.74
N LYS C 508 -31.19 48.20 -20.08
CA LYS C 508 -30.42 47.83 -18.92
C LYS C 508 -29.03 47.36 -19.32
N LYS C 509 -28.14 47.30 -18.33
CA LYS C 509 -26.77 46.87 -18.56
C LYS C 509 -26.73 45.44 -19.09
N GLY C 510 -25.91 45.22 -20.12
CA GLY C 510 -25.81 43.93 -20.76
C GLY C 510 -26.77 43.70 -21.91
N GLU C 511 -27.70 44.62 -22.14
CA GLU C 511 -28.64 44.52 -23.27
C GLU C 511 -28.59 45.76 -24.15
N ARG C 512 -27.50 46.51 -24.09
CA ARG C 512 -27.37 47.76 -24.83
C ARG C 512 -26.76 47.56 -26.21
N LEU C 513 -25.59 46.93 -26.27
CA LEU C 513 -24.90 46.74 -27.54
C LEU C 513 -25.68 45.80 -28.45
N PHE C 514 -25.59 46.06 -29.74
CA PHE C 514 -26.23 45.20 -30.75
C PHE C 514 -25.33 45.23 -31.98
N ILE C 515 -24.74 44.08 -32.31
CA ILE C 515 -23.77 43.97 -33.39
C ILE C 515 -24.31 42.99 -34.43
N ASN C 516 -24.29 43.40 -35.69
CA ASN C 516 -24.62 42.52 -36.82
C ASN C 516 -23.30 42.08 -37.43
N GLU C 517 -22.75 40.97 -36.92
CA GLU C 517 -21.41 40.54 -37.31
C GLU C 517 -21.33 40.11 -38.77
N GLU C 518 -22.47 39.83 -39.41
CA GLU C 518 -22.45 39.36 -40.79
C GLU C 518 -21.94 40.40 -41.77
N LYS C 519 -21.96 41.68 -41.41
CA LYS C 519 -21.63 42.75 -42.34
C LYS C 519 -20.31 43.45 -42.01
N ILE C 520 -19.44 42.80 -41.24
CA ILE C 520 -18.17 43.40 -40.84
C ILE C 520 -17.07 42.77 -41.67
N LEU C 521 -16.39 43.59 -42.47
CA LEU C 521 -15.17 43.21 -43.15
C LEU C 521 -13.99 43.58 -42.24
N TRP C 522 -13.26 42.57 -41.76
CA TRP C 522 -12.35 42.78 -40.65
C TRP C 522 -11.10 43.54 -41.08
N SER C 523 -10.71 43.44 -42.35
CA SER C 523 -9.66 44.31 -42.87
C SER C 523 -9.97 44.78 -44.29
N GLY C 524 -11.24 44.77 -44.68
CA GLY C 524 -11.63 45.04 -46.04
C GLY C 524 -11.70 43.82 -46.94
N PHE C 525 -11.10 42.71 -46.52
CA PHE C 525 -11.12 41.49 -47.31
C PHE C 525 -11.48 40.27 -46.45
N SER C 526 -11.19 40.35 -45.15
CA SER C 526 -11.35 39.20 -44.27
C SER C 526 -12.79 39.02 -43.84
N ARG C 527 -13.16 37.77 -43.57
CA ARG C 527 -14.48 37.44 -43.06
C ARG C 527 -14.41 36.56 -41.80
N GLU C 528 -13.31 36.65 -41.07
CA GLU C 528 -13.12 35.87 -39.85
C GLU C 528 -12.64 36.78 -38.74
N VAL C 529 -13.08 36.48 -37.52
CA VAL C 529 -12.74 37.32 -36.37
C VAL C 529 -11.25 37.20 -36.07
N PRO C 530 -10.53 38.31 -35.91
CA PRO C 530 -9.10 38.22 -35.58
C PRO C 530 -8.87 37.63 -34.20
N PHE C 531 -7.70 37.03 -34.03
CA PHE C 531 -7.28 36.47 -32.75
C PHE C 531 -6.40 37.48 -32.03
N SER C 532 -6.80 37.88 -30.82
CA SER C 532 -6.08 38.90 -30.08
C SER C 532 -5.87 38.51 -28.62
N ASN C 533 -5.72 37.23 -28.34
CA ASN C 533 -5.39 36.77 -27.00
C ASN C 533 -3.87 36.65 -26.84
N CYS C 534 -3.39 36.81 -25.60
CA CYS C 534 -1.95 36.76 -25.37
C CYS C 534 -1.38 35.38 -25.63
N SER C 535 -2.08 34.33 -25.22
CA SER C 535 -1.57 32.98 -25.35
C SER C 535 -2.71 32.03 -25.69
N ARG C 536 -2.33 30.89 -26.27
CA ARG C 536 -3.31 29.87 -26.64
C ARG C 536 -3.90 29.22 -25.39
N ASP C 537 -5.19 28.90 -25.46
CA ASP C 537 -5.84 28.25 -24.34
C ASP C 537 -5.32 26.84 -24.14
N CYS C 538 -5.27 26.41 -22.88
CA CYS C 538 -4.84 25.06 -22.58
C CYS C 538 -5.95 24.06 -22.92
N LEU C 539 -5.61 22.78 -22.84
CA LEU C 539 -6.53 21.71 -23.22
C LEU C 539 -6.94 20.92 -21.98
N ALA C 540 -7.67 19.82 -22.21
CA ALA C 540 -8.20 19.03 -21.11
C ALA C 540 -7.09 18.43 -20.25
N GLY C 541 -6.03 17.94 -20.87
CA GLY C 541 -4.99 17.24 -20.14
C GLY C 541 -3.95 18.10 -19.45
N THR C 542 -4.07 19.42 -19.54
CA THR C 542 -3.07 20.32 -18.96
C THR C 542 -3.75 21.32 -18.04
N ARG C 543 -2.95 22.21 -17.47
CA ARG C 543 -3.42 23.25 -16.57
C ARG C 543 -2.70 24.55 -16.95
N LYS C 544 -2.83 25.56 -16.10
CA LYS C 544 -2.20 26.84 -16.33
C LYS C 544 -0.86 26.90 -15.59
N GLY C 545 -0.12 28.00 -15.83
CA GLY C 545 1.16 28.23 -15.20
C GLY C 545 1.40 29.72 -15.05
N ILE C 546 2.52 30.06 -14.42
CA ILE C 546 2.87 31.44 -14.13
C ILE C 546 4.18 31.78 -14.82
N ILE C 547 4.19 32.87 -15.57
CA ILE C 547 5.40 33.45 -16.13
C ILE C 547 5.76 34.66 -15.28
N GLU C 548 6.98 34.68 -14.76
CA GLU C 548 7.40 35.75 -13.87
C GLU C 548 7.45 37.08 -14.62
N GLY C 549 6.91 38.13 -14.01
CA GLY C 549 6.88 39.46 -14.60
C GLY C 549 5.67 39.74 -15.47
N GLU C 550 5.28 38.81 -16.32
CA GLU C 550 4.17 39.02 -17.23
C GLU C 550 2.85 38.98 -16.46
N PRO C 551 1.81 39.67 -16.95
CA PRO C 551 0.52 39.69 -16.25
C PRO C 551 -0.20 38.35 -16.28
N THR C 552 -1.40 38.32 -15.70
CA THR C 552 -2.16 37.08 -15.57
C THR C 552 -2.75 36.60 -16.89
N CYS C 553 -2.94 37.49 -17.87
CA CYS C 553 -3.51 37.09 -19.15
C CYS C 553 -2.61 36.13 -19.91
N CYS C 554 -1.32 36.09 -19.59
CA CYS C 554 -0.35 35.28 -20.31
C CYS C 554 0.11 34.13 -19.42
N PHE C 555 0.06 32.91 -19.96
CA PHE C 555 0.32 31.71 -19.18
C PHE C 555 0.87 30.62 -20.08
N GLU C 556 1.37 29.57 -19.46
CA GLU C 556 1.84 28.37 -20.14
C GLU C 556 1.00 27.17 -19.70
N CYS C 557 1.03 26.12 -20.50
CA CYS C 557 0.27 24.90 -20.23
C CYS C 557 1.20 23.79 -19.78
N VAL C 558 0.90 23.18 -18.64
CA VAL C 558 1.69 22.09 -18.07
C VAL C 558 0.76 20.93 -17.76
N GLU C 559 1.22 19.71 -18.05
CA GLU C 559 0.40 18.53 -17.86
C GLU C 559 0.23 18.20 -16.38
N CYS C 560 -0.94 17.66 -16.04
CA CYS C 560 -1.21 17.25 -14.68
C CYS C 560 -0.37 16.04 -14.31
N PRO C 561 0.00 15.90 -13.02
CA PRO C 561 0.77 14.72 -12.60
C PRO C 561 -0.06 13.45 -12.65
N ASP C 562 0.54 12.31 -12.32
CA ASP C 562 -0.17 11.05 -12.30
C ASP C 562 -1.24 11.05 -11.22
N GLY C 563 -2.41 10.50 -11.55
CA GLY C 563 -3.51 10.43 -10.62
C GLY C 563 -4.37 11.67 -10.53
N GLU C 564 -4.13 12.66 -11.38
CA GLU C 564 -4.94 13.87 -11.41
C GLU C 564 -5.37 14.15 -12.83
N TYR C 565 -6.57 14.71 -12.99
CA TYR C 565 -7.16 14.90 -14.30
C TYR C 565 -7.73 16.32 -14.40
N SER C 566 -8.20 16.65 -15.60
CA SER C 566 -8.92 17.90 -15.82
C SER C 566 -9.79 17.74 -17.06
N ASP C 567 -10.90 18.47 -17.08
CA ASP C 567 -11.85 18.35 -18.19
C ASP C 567 -12.36 19.71 -18.68
N GLU C 568 -11.79 20.81 -18.20
CA GLU C 568 -12.20 22.14 -18.64
C GLU C 568 -11.14 22.72 -19.57
N THR C 569 -11.47 23.88 -20.15
CA THR C 569 -10.56 24.53 -21.09
C THR C 569 -9.32 25.05 -20.37
N ASP C 570 -9.50 25.96 -19.43
CA ASP C 570 -8.41 26.51 -18.62
C ASP C 570 -8.57 25.96 -17.21
N ALA C 571 -7.81 24.91 -16.89
CA ALA C 571 -8.01 24.21 -15.63
C ALA C 571 -7.67 25.09 -14.44
N SER C 572 -6.49 25.71 -14.45
CA SER C 572 -5.93 26.51 -13.36
C SER C 572 -5.58 25.68 -12.14
N ALA C 573 -5.89 24.39 -12.14
CA ALA C 573 -5.61 23.47 -11.03
C ALA C 573 -5.96 22.07 -11.48
N CYS C 574 -5.22 21.09 -10.96
CA CYS C 574 -5.46 19.69 -11.26
C CYS C 574 -6.41 19.10 -10.22
N ASN C 575 -7.56 18.60 -10.67
CA ASN C 575 -8.52 17.98 -9.77
C ASN C 575 -8.02 16.60 -9.36
N LYS C 576 -8.05 16.33 -8.06
CA LYS C 576 -7.62 15.03 -7.56
C LYS C 576 -8.64 13.96 -7.90
N CYS C 577 -8.14 12.80 -8.34
CA CYS C 577 -9.02 11.70 -8.66
C CYS C 577 -9.66 11.15 -7.39
N PRO C 578 -10.96 10.81 -7.44
CA PRO C 578 -11.61 10.26 -6.25
C PRO C 578 -11.10 8.87 -5.93
N ASP C 579 -11.46 8.40 -4.73
CA ASP C 579 -10.98 7.11 -4.26
C ASP C 579 -11.53 5.98 -5.12
N ASP C 580 -10.78 4.88 -5.16
CA ASP C 580 -11.11 3.71 -5.99
C ASP C 580 -11.19 4.08 -7.47
N PHE C 581 -10.39 5.06 -7.89
CA PHE C 581 -10.34 5.48 -9.28
C PHE C 581 -8.92 5.93 -9.59
N TRP C 582 -8.60 5.94 -10.88
CA TRP C 582 -7.29 6.37 -11.34
C TRP C 582 -7.41 7.11 -12.65
N SER C 583 -6.44 7.97 -12.92
CA SER C 583 -6.45 8.79 -14.12
C SER C 583 -6.25 7.94 -15.37
N ASN C 584 -6.75 8.44 -16.49
CA ASN C 584 -6.61 7.76 -17.77
C ASN C 584 -5.19 7.93 -18.29
N GLU C 585 -4.94 7.47 -19.52
CA GLU C 585 -3.63 7.65 -20.12
C GLU C 585 -3.36 9.13 -20.40
N ASN C 586 -4.39 9.88 -20.79
CA ASN C 586 -4.26 11.28 -21.16
C ASN C 586 -4.65 12.22 -20.02
N HIS C 587 -4.92 11.69 -18.83
CA HIS C 587 -5.30 12.50 -17.67
C HIS C 587 -6.55 13.36 -17.96
N THR C 588 -7.54 12.75 -18.62
CA THR C 588 -8.75 13.47 -19.00
C THR C 588 -10.01 12.96 -18.31
N SER C 589 -9.97 11.77 -17.71
CA SER C 589 -11.14 11.23 -17.03
C SER C 589 -10.72 10.06 -16.15
N CYS C 590 -11.15 10.06 -14.89
CA CYS C 590 -10.83 8.95 -14.00
C CYS C 590 -11.53 7.67 -14.44
N ILE C 591 -10.86 6.55 -14.24
CA ILE C 591 -11.42 5.23 -14.49
C ILE C 591 -11.17 4.37 -13.26
N ALA C 592 -11.99 3.34 -13.10
CA ALA C 592 -11.88 2.47 -11.94
C ALA C 592 -10.60 1.65 -12.01
N LYS C 593 -10.10 1.27 -10.83
CA LYS C 593 -8.88 0.48 -10.74
C LYS C 593 -9.17 -0.96 -11.11
N GLU C 594 -8.19 -1.84 -10.90
CA GLU C 594 -8.33 -3.26 -11.20
C GLU C 594 -8.02 -4.08 -9.96
N ILE C 595 -8.79 -5.13 -9.76
CA ILE C 595 -8.60 -6.06 -8.64
C ILE C 595 -8.02 -7.35 -9.19
N GLU C 596 -6.94 -7.82 -8.57
CA GLU C 596 -6.20 -8.98 -9.06
C GLU C 596 -6.28 -10.09 -8.01
N PHE C 597 -6.75 -11.26 -8.43
CA PHE C 597 -6.83 -12.43 -7.57
C PHE C 597 -6.91 -13.67 -8.45
N LEU C 598 -6.61 -14.82 -7.85
CA LEU C 598 -6.62 -16.07 -8.59
C LEU C 598 -8.06 -16.50 -8.90
N SER C 599 -8.56 -16.14 -10.07
CA SER C 599 -9.94 -16.37 -10.43
C SER C 599 -10.08 -17.60 -11.33
N TRP C 600 -11.34 -18.02 -11.53
CA TRP C 600 -11.65 -19.16 -12.36
C TRP C 600 -11.81 -18.82 -13.83
N THR C 601 -11.82 -17.53 -14.19
CA THR C 601 -11.99 -17.16 -15.59
C THR C 601 -10.71 -17.41 -16.39
N GLU C 602 -9.56 -17.07 -15.82
CA GLU C 602 -8.30 -17.25 -16.53
C GLU C 602 -7.98 -18.73 -16.68
N PRO C 603 -7.27 -19.10 -17.76
CA PRO C 603 -7.00 -20.52 -18.00
C PRO C 603 -6.10 -21.15 -16.96
N PHE C 604 -5.31 -20.31 -16.28
CA PHE C 604 -4.40 -20.80 -15.21
C PHE C 604 -5.26 -21.41 -14.11
N GLY C 605 -6.35 -20.72 -13.72
CA GLY C 605 -7.30 -21.28 -12.77
C GLY C 605 -7.99 -22.51 -13.31
N ILE C 606 -8.41 -22.46 -14.59
CA ILE C 606 -9.03 -23.62 -15.21
C ILE C 606 -8.07 -24.80 -15.20
N ALA C 607 -6.76 -24.49 -15.22
CA ALA C 607 -5.75 -25.52 -15.27
C ALA C 607 -5.58 -26.20 -13.91
N LEU C 608 -5.23 -25.42 -12.89
CA LEU C 608 -5.00 -26.03 -11.59
C LEU C 608 -6.22 -26.88 -11.21
N THR C 609 -7.43 -26.40 -11.54
CA THR C 609 -8.62 -27.22 -11.30
C THR C 609 -8.64 -28.51 -12.16
N LEU C 610 -8.27 -28.41 -13.42
CA LEU C 610 -8.34 -29.61 -14.25
C LEU C 610 -7.21 -30.60 -13.93
N PHE C 611 -6.17 -30.17 -13.18
CA PHE C 611 -5.26 -31.16 -12.57
C PHE C 611 -5.88 -31.81 -11.32
N ALA C 612 -6.50 -31.00 -10.48
CA ALA C 612 -6.93 -31.50 -9.17
C ALA C 612 -8.18 -32.38 -9.27
N VAL C 613 -8.77 -32.48 -10.45
CA VAL C 613 -9.74 -33.53 -10.75
C VAL C 613 -9.08 -34.84 -11.21
N LEU C 614 -8.04 -34.74 -12.04
CA LEU C 614 -7.30 -35.92 -12.48
C LEU C 614 -6.70 -36.66 -11.30
N GLY C 615 -6.12 -35.92 -10.36
CA GLY C 615 -5.57 -36.55 -9.17
C GLY C 615 -6.62 -37.28 -8.36
N ILE C 616 -7.79 -36.65 -8.19
CA ILE C 616 -8.89 -37.27 -7.46
C ILE C 616 -9.32 -38.57 -8.15
N PHE C 617 -9.44 -38.53 -9.48
CA PHE C 617 -9.86 -39.72 -10.21
C PHE C 617 -8.82 -40.84 -10.08
N LEU C 618 -7.54 -40.50 -10.16
CA LEU C 618 -6.49 -41.52 -10.00
C LEU C 618 -6.52 -42.14 -8.61
N THR C 619 -6.69 -41.33 -7.57
CA THR C 619 -6.78 -41.87 -6.22
C THR C 619 -8.00 -42.78 -6.06
N ALA C 620 -9.14 -42.38 -6.65
CA ALA C 620 -10.33 -43.23 -6.61
C ALA C 620 -10.08 -44.58 -7.31
N PHE C 621 -9.39 -44.55 -8.46
CA PHE C 621 -9.09 -45.79 -9.17
C PHE C 621 -8.20 -46.71 -8.32
N VAL C 622 -7.20 -46.13 -7.67
CA VAL C 622 -6.29 -46.94 -6.85
C VAL C 622 -7.05 -47.59 -5.69
N LEU C 623 -7.95 -46.83 -5.06
CA LEU C 623 -8.62 -47.43 -3.91
C LEU C 623 -9.50 -48.56 -4.37
N GLY C 624 -10.03 -48.47 -5.61
CA GLY C 624 -10.84 -49.55 -6.17
C GLY C 624 -10.06 -50.85 -6.30
N VAL C 625 -8.79 -50.80 -6.73
CA VAL C 625 -8.10 -52.09 -6.79
C VAL C 625 -7.99 -52.65 -5.37
N PHE C 626 -7.46 -51.84 -4.44
CA PHE C 626 -7.29 -52.39 -3.11
C PHE C 626 -8.62 -52.89 -2.54
N ILE C 627 -9.77 -52.39 -3.02
CA ILE C 627 -11.05 -52.99 -2.60
C ILE C 627 -11.41 -54.25 -3.40
N LYS C 628 -11.16 -54.28 -4.71
CA LYS C 628 -11.49 -55.50 -5.44
C LYS C 628 -10.50 -56.62 -5.11
N PHE C 629 -9.20 -56.33 -5.15
CA PHE C 629 -8.18 -57.32 -4.83
C PHE C 629 -7.70 -57.14 -3.38
N ARG C 630 -8.62 -57.35 -2.45
CA ARG C 630 -8.38 -57.13 -1.04
C ARG C 630 -7.92 -58.37 -0.30
N ASN C 631 -7.65 -59.47 -1.00
CA ASN C 631 -7.23 -60.70 -0.36
C ASN C 631 -6.00 -61.33 -1.00
N THR C 632 -5.34 -60.64 -1.94
CA THR C 632 -4.13 -61.18 -2.54
C THR C 632 -2.98 -61.09 -1.56
N PRO C 633 -1.99 -61.99 -1.67
CA PRO C 633 -0.88 -61.98 -0.69
C PRO C 633 -0.11 -60.68 -0.62
N ILE C 634 0.10 -60.00 -1.75
CA ILE C 634 0.92 -58.79 -1.73
C ILE C 634 0.12 -57.59 -1.24
N VAL C 635 -1.20 -57.56 -1.51
CA VAL C 635 -2.03 -56.51 -0.95
C VAL C 635 -2.11 -56.65 0.57
N LYS C 636 -2.37 -57.87 1.04
CA LYS C 636 -2.39 -58.11 2.49
C LYS C 636 -1.00 -57.99 3.10
N ALA C 637 0.05 -58.05 2.28
CA ALA C 637 1.41 -57.87 2.80
C ALA C 637 1.57 -56.49 3.43
N THR C 638 1.21 -55.45 2.69
CA THR C 638 1.08 -54.13 3.28
C THR C 638 -0.18 -54.07 4.12
N ASN C 639 -0.17 -53.23 5.15
CA ASN C 639 -1.33 -53.13 6.03
C ASN C 639 -2.54 -52.67 5.23
N ARG C 640 -3.51 -53.57 5.03
CA ARG C 640 -4.76 -53.22 4.29
C ARG C 640 -5.73 -52.36 5.12
N GLU C 641 -5.42 -52.07 6.39
CA GLU C 641 -6.24 -51.11 7.15
C GLU C 641 -5.65 -49.73 6.90
N LEU C 642 -4.44 -49.55 7.37
CA LEU C 642 -3.71 -48.30 7.26
C LEU C 642 -3.40 -47.89 5.81
N SER C 643 -3.42 -48.84 4.86
CA SER C 643 -3.29 -48.44 3.45
C SER C 643 -4.55 -47.71 2.99
N TYR C 644 -5.72 -48.16 3.45
CA TYR C 644 -6.98 -47.50 3.11
C TYR C 644 -7.03 -46.09 3.71
N LEU C 645 -6.67 -45.99 4.99
CA LEU C 645 -6.74 -44.69 5.65
C LEU C 645 -5.83 -43.69 4.95
N LEU C 646 -4.64 -44.14 4.54
CA LEU C 646 -3.76 -43.24 3.77
C LEU C 646 -4.45 -42.71 2.52
N LEU C 647 -5.04 -43.59 1.71
CA LEU C 647 -5.69 -43.14 0.49
C LEU C 647 -6.71 -42.03 0.76
N PHE C 648 -7.49 -42.17 1.83
CA PHE C 648 -8.43 -41.09 2.18
C PHE C 648 -7.68 -39.80 2.52
N SER C 649 -6.56 -39.90 3.21
CA SER C 649 -5.77 -38.71 3.52
C SER C 649 -5.24 -38.03 2.24
N LEU C 650 -4.85 -38.84 1.26
CA LEU C 650 -4.41 -38.27 -0.03
C LEU C 650 -5.55 -37.58 -0.75
N LEU C 651 -6.76 -38.14 -0.67
CA LEU C 651 -7.93 -37.44 -1.21
C LEU C 651 -8.12 -36.07 -0.54
N CYS C 652 -7.97 -36.04 0.78
CA CYS C 652 -8.07 -34.77 1.50
C CYS C 652 -6.98 -33.80 1.05
N CYS C 653 -5.78 -34.32 0.78
CA CYS C 653 -4.67 -33.49 0.33
C CYS C 653 -4.97 -32.82 -1.01
N PHE C 654 -5.43 -33.59 -2.00
CA PHE C 654 -5.69 -32.93 -3.29
C PHE C 654 -6.72 -31.83 -3.10
N SER C 655 -7.73 -32.07 -2.24
CA SER C 655 -8.81 -31.10 -2.08
C SER C 655 -8.35 -29.78 -1.44
N SER C 656 -7.40 -29.83 -0.50
CA SER C 656 -7.01 -28.58 0.18
C SER C 656 -6.61 -27.48 -0.80
N SER C 657 -6.06 -27.87 -1.96
CA SER C 657 -5.58 -26.90 -2.94
C SER C 657 -6.71 -26.06 -3.51
N LEU C 658 -7.90 -26.64 -3.64
CA LEU C 658 -9.02 -25.90 -4.22
C LEU C 658 -9.54 -24.79 -3.30
N PHE C 659 -8.93 -24.60 -2.13
CA PHE C 659 -9.24 -23.45 -1.27
C PHE C 659 -8.31 -22.26 -1.51
N PHE C 660 -7.53 -22.28 -2.59
CA PHE C 660 -6.70 -21.16 -2.99
C PHE C 660 -7.18 -20.49 -4.27
N ILE C 661 -8.29 -20.96 -4.84
CA ILE C 661 -8.81 -20.45 -6.11
C ILE C 661 -10.08 -19.66 -5.80
N GLY C 662 -10.13 -18.42 -6.30
CA GLY C 662 -11.28 -17.55 -6.11
C GLY C 662 -10.97 -16.39 -5.19
N GLU C 663 -11.95 -15.52 -5.05
CA GLU C 663 -11.79 -14.34 -4.21
C GLU C 663 -11.66 -14.77 -2.75
N PRO C 664 -10.60 -14.37 -2.05
CA PRO C 664 -10.44 -14.78 -0.65
C PRO C 664 -11.55 -14.26 0.22
N GLN C 665 -11.94 -15.08 1.21
CA GLN C 665 -12.91 -14.71 2.22
C GLN C 665 -12.38 -15.14 3.59
N ASP C 666 -13.10 -14.76 4.64
CA ASP C 666 -12.60 -14.99 6.00
C ASP C 666 -12.45 -16.48 6.29
N TRP C 667 -13.51 -17.25 6.05
CA TRP C 667 -13.45 -18.68 6.36
C TRP C 667 -12.46 -19.41 5.47
N THR C 668 -12.39 -19.05 4.19
CA THR C 668 -11.43 -19.69 3.29
C THR C 668 -10.00 -19.39 3.73
N CYS C 669 -9.72 -18.13 4.05
CA CYS C 669 -8.37 -17.76 4.49
C CYS C 669 -8.03 -18.43 5.82
N ARG C 670 -9.03 -18.68 6.67
CA ARG C 670 -8.77 -19.36 7.92
C ARG C 670 -8.55 -20.86 7.73
N LEU C 671 -9.22 -21.47 6.76
CA LEU C 671 -9.14 -22.91 6.55
C LEU C 671 -8.07 -23.30 5.52
N ARG C 672 -7.33 -22.33 4.98
CA ARG C 672 -6.40 -22.63 3.88
C ARG C 672 -5.25 -23.55 4.33
N GLN C 673 -4.50 -23.17 5.38
CA GLN C 673 -3.31 -23.90 5.80
C GLN C 673 -3.56 -25.11 6.69
N PRO C 674 -4.38 -24.99 7.76
CA PRO C 674 -4.53 -26.13 8.67
C PRO C 674 -5.00 -27.41 8.01
N ALA C 675 -5.87 -27.32 7.01
CA ALA C 675 -6.35 -28.52 6.34
C ALA C 675 -5.20 -29.29 5.69
N PHE C 676 -4.39 -28.60 4.89
CA PHE C 676 -3.26 -29.25 4.25
C PHE C 676 -2.26 -29.77 5.26
N GLY C 677 -1.98 -28.98 6.31
CA GLY C 677 -1.04 -29.44 7.32
C GLY C 677 -1.50 -30.72 7.99
N ILE C 678 -2.77 -30.75 8.41
CA ILE C 678 -3.31 -31.93 9.07
C ILE C 678 -3.28 -33.14 8.14
N SER C 679 -3.67 -32.94 6.88
CA SER C 679 -3.70 -34.07 5.95
C SER C 679 -2.30 -34.64 5.72
N PHE C 680 -1.31 -33.76 5.50
CA PHE C 680 0.04 -34.23 5.24
C PHE C 680 0.62 -34.94 6.45
N VAL C 681 0.40 -34.40 7.66
CA VAL C 681 0.93 -35.06 8.84
C VAL C 681 0.19 -36.38 9.09
N LEU C 682 -1.07 -36.46 8.70
CA LEU C 682 -1.79 -37.73 8.79
C LEU C 682 -1.13 -38.78 7.90
N CYS C 683 -0.80 -38.41 6.67
CA CYS C 683 -0.11 -39.35 5.77
C CYS C 683 1.24 -39.77 6.33
N ILE C 684 2.00 -38.81 6.85
CA ILE C 684 3.32 -39.12 7.40
C ILE C 684 3.20 -40.06 8.58
N SER C 685 2.23 -39.82 9.46
CA SER C 685 2.03 -40.68 10.62
C SER C 685 1.65 -42.10 10.20
N CYS C 686 0.78 -42.21 9.18
CA CYS C 686 0.41 -43.53 8.68
C CYS C 686 1.65 -44.30 8.20
N ILE C 687 2.48 -43.63 7.39
CA ILE C 687 3.69 -44.29 6.88
C ILE C 687 4.58 -44.72 8.03
N LEU C 688 4.79 -43.82 9.01
CA LEU C 688 5.70 -44.11 10.11
C LEU C 688 5.23 -45.30 10.94
N VAL C 689 3.93 -45.32 11.29
CA VAL C 689 3.44 -46.41 12.14
C VAL C 689 3.46 -47.73 11.39
N LYS C 690 3.15 -47.73 10.09
CA LYS C 690 3.22 -48.97 9.32
C LYS C 690 4.65 -49.52 9.29
N THR C 691 5.61 -48.64 9.06
CA THR C 691 7.00 -49.09 9.01
C THR C 691 7.45 -49.67 10.34
N ASN C 692 7.10 -49.03 11.46
CA ASN C 692 7.61 -49.56 12.73
C ASN C 692 6.99 -50.92 13.02
N ARG C 693 5.71 -51.11 12.69
CA ARG C 693 5.08 -52.41 12.95
C ARG C 693 5.84 -53.55 12.26
N VAL C 694 6.16 -53.38 10.97
CA VAL C 694 6.86 -54.46 10.26
C VAL C 694 8.25 -54.68 10.83
N LEU C 695 8.98 -53.62 11.16
CA LEU C 695 10.30 -53.88 11.75
C LEU C 695 10.14 -54.70 13.03
N LEU C 696 9.15 -54.35 13.84
CA LEU C 696 8.85 -55.07 15.08
C LEU C 696 8.43 -56.50 14.77
N VAL C 697 7.55 -56.69 13.79
CA VAL C 697 7.16 -58.04 13.41
C VAL C 697 8.40 -58.83 13.01
N PHE C 698 9.29 -58.21 12.24
CA PHE C 698 10.48 -58.89 11.74
C PHE C 698 11.68 -58.76 12.66
N GLU C 699 11.50 -58.19 13.85
CA GLU C 699 12.53 -58.22 14.89
C GLU C 699 12.09 -59.08 16.07
N ALA C 700 11.32 -60.14 15.79
CA ALA C 700 10.67 -60.94 16.82
C ALA C 700 11.58 -62.09 17.22
N LYS C 701 11.91 -62.17 18.51
CA LYS C 701 12.68 -63.33 18.99
C LYS C 701 11.72 -64.47 19.33
N ILE C 702 10.91 -64.24 20.38
CA ILE C 702 9.93 -65.22 20.88
C ILE C 702 8.52 -64.80 20.45
N PRO C 703 7.54 -65.70 20.43
CA PRO C 703 6.21 -65.39 19.84
C PRO C 703 5.42 -64.24 20.50
N THR C 704 4.30 -63.86 19.84
CA THR C 704 3.39 -62.75 20.24
C THR C 704 2.67 -63.03 21.55
N SER C 705 2.05 -61.98 22.10
CA SER C 705 1.13 -62.18 23.22
C SER C 705 -0.11 -61.27 23.26
N PHE C 706 -0.48 -60.58 22.17
CA PHE C 706 -1.71 -59.79 22.15
C PHE C 706 -2.86 -60.54 22.81
N HIS C 707 -3.51 -59.89 23.79
CA HIS C 707 -4.56 -60.58 24.55
C HIS C 707 -5.93 -60.54 23.88
N ARG C 708 -6.26 -59.48 23.14
CA ARG C 708 -7.52 -59.43 22.41
C ARG C 708 -7.26 -58.98 20.96
N LYS C 709 -7.75 -59.77 20.00
CA LYS C 709 -7.51 -59.51 18.59
C LYS C 709 -7.92 -58.10 18.18
N TRP C 710 -9.13 -57.68 18.56
CA TRP C 710 -9.63 -56.38 18.15
C TRP C 710 -8.80 -55.22 18.71
N TRP C 711 -8.66 -55.16 20.04
CA TRP C 711 -7.79 -54.13 20.62
C TRP C 711 -6.41 -54.18 20.00
N GLY C 712 -5.97 -55.37 19.61
CA GLY C 712 -4.73 -55.48 18.85
C GLY C 712 -4.63 -54.45 17.76
N LEU C 713 -5.71 -54.27 16.99
CA LEU C 713 -5.67 -53.27 15.95
C LEU C 713 -6.07 -51.89 16.44
N ASN C 714 -6.21 -51.70 17.75
CA ASN C 714 -6.45 -50.37 18.31
C ASN C 714 -5.19 -49.55 18.34
N LEU C 715 -4.08 -50.21 18.63
CA LEU C 715 -2.81 -49.51 18.64
C LEU C 715 -2.52 -48.99 17.25
N GLN C 716 -2.79 -49.80 16.24
CA GLN C 716 -2.51 -49.41 14.88
C GLN C 716 -3.20 -48.09 14.56
N PHE C 717 -4.41 -47.88 15.09
CA PHE C 717 -5.10 -46.62 14.77
C PHE C 717 -4.85 -45.46 15.75
N LEU C 718 -4.70 -45.74 17.05
CA LEU C 718 -4.54 -44.68 18.04
C LEU C 718 -3.19 -43.96 17.93
N LEU C 719 -2.16 -44.65 17.46
CA LEU C 719 -0.86 -43.97 17.33
C LEU C 719 -0.92 -42.82 16.34
N VAL C 720 -1.65 -42.99 15.23
CA VAL C 720 -1.80 -41.93 14.24
C VAL C 720 -2.49 -40.72 14.85
N PHE C 721 -3.55 -40.95 15.62
CA PHE C 721 -4.24 -39.84 16.28
C PHE C 721 -3.36 -39.16 17.31
N LEU C 722 -2.55 -39.94 18.04
CA LEU C 722 -1.61 -39.34 18.97
C LEU C 722 -0.62 -38.43 18.25
N CYS C 723 -0.14 -38.85 17.08
CA CYS C 723 0.77 -38.02 16.31
C CYS C 723 0.07 -36.75 15.81
N THR C 724 -1.17 -36.85 15.36
CA THR C 724 -1.89 -35.71 14.83
C THR C 724 -2.39 -34.76 15.91
N PHE C 725 -2.45 -35.24 17.16
CA PHE C 725 -2.98 -34.44 18.26
C PHE C 725 -2.21 -33.13 18.44
N MET C 726 -0.89 -33.16 18.27
CA MET C 726 -0.08 -31.97 18.54
C MET C 726 -0.40 -30.83 17.58
N GLN C 727 -0.63 -31.15 16.31
CA GLN C 727 -1.00 -30.10 15.39
C GLN C 727 -2.49 -29.75 15.44
N ILE C 728 -3.35 -30.70 15.81
CA ILE C 728 -4.74 -30.27 15.99
C ILE C 728 -4.81 -29.29 17.15
N VAL C 729 -4.00 -29.51 18.20
CA VAL C 729 -3.90 -28.54 19.28
C VAL C 729 -3.49 -27.19 18.73
N ILE C 730 -2.35 -27.17 18.04
CA ILE C 730 -1.75 -25.90 17.64
C ILE C 730 -2.69 -25.14 16.73
N CYS C 731 -3.42 -25.86 15.86
CA CYS C 731 -4.39 -25.19 15.02
C CYS C 731 -5.52 -24.56 15.85
N VAL C 732 -6.01 -25.26 16.87
CA VAL C 732 -7.13 -24.74 17.65
C VAL C 732 -6.73 -23.51 18.44
N ILE C 733 -5.64 -23.62 19.22
CA ILE C 733 -5.27 -22.45 20.02
C ILE C 733 -5.02 -21.26 19.11
N TRP C 734 -4.34 -21.49 17.98
CA TRP C 734 -4.06 -20.39 17.07
C TRP C 734 -5.34 -19.73 16.62
N LEU C 735 -6.29 -20.52 16.11
CA LEU C 735 -7.48 -19.91 15.54
C LEU C 735 -8.22 -19.10 16.59
N TYR C 736 -8.33 -19.61 17.83
CA TYR C 736 -9.06 -18.77 18.79
C TYR C 736 -8.27 -17.54 19.24
N THR C 737 -6.96 -17.64 19.45
CA THR C 737 -6.25 -16.48 20.01
C THR C 737 -5.89 -15.40 18.99
N ALA C 738 -5.91 -15.69 17.69
CA ALA C 738 -5.74 -14.67 16.66
C ALA C 738 -6.11 -15.22 15.28
N PRO C 739 -7.40 -15.26 14.92
CA PRO C 739 -7.78 -15.87 13.64
C PRO C 739 -7.27 -15.05 12.48
N PRO C 740 -6.95 -15.70 11.36
CA PRO C 740 -6.65 -14.95 10.13
C PRO C 740 -7.89 -14.25 9.60
N SER C 741 -7.66 -13.18 8.83
CA SER C 741 -8.75 -12.41 8.24
C SER C 741 -8.31 -11.82 6.91
N SER C 742 -9.29 -11.49 6.09
CA SER C 742 -9.02 -10.90 4.79
C SER C 742 -8.47 -9.48 4.96
N TYR C 743 -7.84 -8.98 3.91
CA TYR C 743 -7.21 -7.65 3.98
C TYR C 743 -7.06 -7.11 2.56
N ARG C 744 -7.77 -6.03 2.26
CA ARG C 744 -7.65 -5.38 0.96
C ARG C 744 -6.46 -4.43 0.97
N ASN C 745 -5.48 -4.70 0.12
CA ASN C 745 -4.25 -3.93 0.08
C ASN C 745 -4.20 -3.16 -1.23
N GLN C 746 -4.03 -1.85 -1.13
CA GLN C 746 -3.90 -1.00 -2.30
C GLN C 746 -2.68 -0.11 -2.22
N GLU C 747 -1.92 -0.20 -1.12
CA GLU C 747 -0.76 0.67 -0.88
C GLU C 747 0.41 0.33 -1.81
N LEU C 748 0.67 -0.95 -2.06
CA LEU C 748 1.89 -1.34 -2.75
C LEU C 748 1.96 -0.85 -4.20
N GLU C 749 0.87 -0.97 -4.96
CA GLU C 749 0.84 -0.45 -6.33
C GLU C 749 -0.38 0.45 -6.47
N ASP C 750 -0.18 1.58 -7.18
CA ASP C 750 -1.18 2.65 -7.14
C ASP C 750 -2.45 2.29 -7.89
N GLU C 751 -2.32 1.69 -9.07
CA GLU C 751 -3.45 1.46 -9.97
C GLU C 751 -4.15 0.13 -9.75
N ILE C 752 -3.66 -0.72 -8.85
CA ILE C 752 -4.19 -2.07 -8.69
C ILE C 752 -4.52 -2.33 -7.23
N ILE C 753 -5.70 -2.90 -6.98
CA ILE C 753 -6.15 -3.30 -5.66
C ILE C 753 -5.94 -4.80 -5.50
N PHE C 754 -5.22 -5.20 -4.45
CA PHE C 754 -4.89 -6.60 -4.20
C PHE C 754 -5.74 -7.13 -3.05
N ILE C 755 -6.32 -8.31 -3.24
CA ILE C 755 -7.12 -8.99 -2.22
C ILE C 755 -6.35 -10.23 -1.78
N THR C 756 -5.92 -10.24 -0.51
CA THR C 756 -5.15 -11.35 0.04
C THR C 756 -5.68 -11.62 1.44
N CYS C 757 -4.98 -12.48 2.17
CA CYS C 757 -5.32 -12.80 3.56
C CYS C 757 -4.20 -12.29 4.47
N HIS C 758 -4.40 -12.47 5.76
CA HIS C 758 -3.50 -11.95 6.78
C HIS C 758 -3.27 -13.06 7.81
N GLU C 759 -2.01 -13.41 8.07
CA GLU C 759 -1.74 -14.50 9.01
C GLU C 759 -2.11 -14.15 10.45
N GLY C 760 -1.91 -12.89 10.83
CA GLY C 760 -2.29 -12.46 12.17
C GLY C 760 -1.25 -12.79 13.22
N SER C 761 -1.06 -14.09 13.45
CA SER C 761 0.02 -14.57 14.30
C SER C 761 0.91 -15.45 13.43
N LEU C 762 2.19 -15.11 13.36
CA LEU C 762 3.08 -15.83 12.47
C LEU C 762 3.81 -16.96 13.17
N MET C 763 3.88 -16.94 14.52
CA MET C 763 4.65 -17.93 15.26
C MET C 763 4.10 -19.35 15.10
N ALA C 764 2.79 -19.47 14.86
CA ALA C 764 2.24 -20.79 14.62
C ALA C 764 2.71 -21.36 13.28
N LEU C 765 2.91 -20.49 12.29
CA LEU C 765 3.40 -20.91 10.99
C LEU C 765 4.84 -21.40 11.03
N GLY C 766 5.57 -21.14 12.11
CA GLY C 766 6.89 -21.70 12.27
C GLY C 766 6.82 -23.04 12.97
N PHE C 767 5.97 -23.13 13.98
CA PHE C 767 5.83 -24.40 14.69
C PHE C 767 5.27 -25.50 13.80
N LEU C 768 4.30 -25.16 12.93
CA LEU C 768 3.76 -26.15 12.01
C LEU C 768 4.84 -26.70 11.10
N ILE C 769 5.65 -25.82 10.50
CA ILE C 769 6.73 -26.26 9.62
C ILE C 769 7.74 -27.10 10.39
N GLY C 770 8.09 -26.66 11.60
CA GLY C 770 9.01 -27.43 12.40
C GLY C 770 8.50 -28.83 12.68
N TYR C 771 7.19 -28.96 12.98
CA TYR C 771 6.62 -30.28 13.25
C TYR C 771 6.46 -31.12 11.99
N THR C 772 5.86 -30.57 10.93
CA THR C 772 5.72 -31.36 9.70
C THR C 772 7.10 -31.81 9.20
N CYS C 773 8.10 -30.94 9.32
CA CYS C 773 9.45 -31.33 8.93
C CYS C 773 10.10 -32.33 9.91
N LEU C 774 9.94 -32.16 11.22
CA LEU C 774 10.57 -33.11 12.15
C LEU C 774 10.13 -34.53 11.81
N LEU C 775 8.84 -34.68 11.57
CA LEU C 775 8.30 -35.97 11.16
C LEU C 775 8.97 -36.49 9.88
N ALA C 776 9.25 -35.60 8.93
CA ALA C 776 9.99 -36.06 7.74
C ALA C 776 11.38 -36.63 8.09
N ALA C 777 12.08 -35.97 9.01
CA ALA C 777 13.38 -36.51 9.43
C ALA C 777 13.21 -37.90 10.03
N ILE C 778 12.01 -38.19 10.53
CA ILE C 778 11.81 -39.50 11.17
C ILE C 778 11.47 -40.46 10.05
N CYS C 779 10.77 -40.02 9.02
CA CYS C 779 10.43 -41.02 7.98
C CYS C 779 11.70 -41.61 7.38
N PHE C 780 12.69 -40.77 7.07
CA PHE C 780 13.95 -41.25 6.48
C PHE C 780 14.66 -42.17 7.46
N PHE C 781 14.80 -41.76 8.71
CA PHE C 781 15.60 -42.59 9.64
C PHE C 781 14.95 -43.95 9.64
N PHE C 782 13.65 -43.98 9.88
CA PHE C 782 13.05 -45.31 9.80
C PHE C 782 13.26 -45.96 8.44
N ALA C 783 13.24 -45.18 7.35
CA ALA C 783 13.50 -45.74 6.03
C ALA C 783 14.92 -46.29 5.95
N PHE C 784 15.87 -45.59 6.55
CA PHE C 784 17.23 -46.12 6.66
C PHE C 784 17.26 -47.41 7.48
N LYS C 785 16.54 -47.43 8.60
CA LYS C 785 16.54 -48.63 9.44
C LYS C 785 15.86 -49.82 8.78
N SER C 786 15.02 -49.59 7.76
CA SER C 786 14.22 -50.64 7.16
C SER C 786 14.76 -51.10 5.80
N ARG C 787 16.08 -51.18 5.64
CA ARG C 787 16.65 -51.52 4.33
C ARG C 787 16.96 -52.99 4.14
N LYS C 788 17.04 -53.78 5.20
CA LYS C 788 17.43 -55.18 5.06
C LYS C 788 16.26 -56.14 4.91
N LEU C 789 15.03 -55.63 4.98
CA LEU C 789 13.86 -56.49 4.92
C LEU C 789 13.69 -57.09 3.52
N PRO C 790 12.91 -58.19 3.40
CA PRO C 790 12.71 -58.82 2.08
C PRO C 790 11.98 -57.93 1.09
N GLU C 791 11.73 -58.45 -0.09
CA GLU C 791 11.19 -57.58 -1.17
C GLU C 791 9.70 -57.30 -1.06
N ASN C 792 8.87 -58.32 -0.83
CA ASN C 792 7.41 -58.10 -0.84
C ASN C 792 7.00 -57.09 0.23
N PHE C 793 7.82 -56.93 1.26
CA PHE C 793 7.54 -56.00 2.38
C PHE C 793 8.46 -54.78 2.37
N ASN C 794 9.52 -54.76 1.58
CA ASN C 794 10.49 -53.64 1.65
C ASN C 794 9.79 -52.37 1.23
N GLU C 795 10.16 -51.23 1.79
CA GLU C 795 9.59 -49.95 1.31
C GLU C 795 10.55 -48.84 1.63
N ALA C 796 11.79 -48.90 1.14
CA ALA C 796 12.76 -47.87 1.53
C ALA C 796 12.90 -46.86 0.41
N LYS C 797 13.30 -47.36 -0.75
CA LYS C 797 13.53 -46.46 -1.90
C LYS C 797 12.34 -45.52 -1.98
N PHE C 798 11.14 -46.04 -1.83
CA PHE C 798 9.95 -45.19 -2.05
C PHE C 798 9.92 -44.11 -0.99
N ILE C 799 10.25 -44.46 0.23
CA ILE C 799 10.12 -43.43 1.30
C ILE C 799 11.15 -42.34 1.06
N THR C 800 12.38 -42.71 0.71
CA THR C 800 13.42 -41.65 0.65
C THR C 800 13.30 -40.81 -0.62
N PHE C 801 12.54 -41.27 -1.60
CA PHE C 801 12.32 -40.40 -2.75
C PHE C 801 11.15 -39.44 -2.57
N SER C 802 10.04 -39.91 -1.97
CA SER C 802 8.90 -39.02 -1.76
C SER C 802 9.26 -37.86 -0.85
N MET C 803 9.91 -38.14 0.28
CA MET C 803 10.22 -37.02 1.18
C MET C 803 11.30 -36.11 0.60
N LEU C 804 12.21 -36.66 -0.19
CA LEU C 804 13.19 -35.82 -0.88
C LEU C 804 12.52 -34.89 -1.89
N ILE C 805 11.50 -35.38 -2.60
CA ILE C 805 10.75 -34.53 -3.50
C ILE C 805 10.05 -33.42 -2.73
N PHE C 806 9.46 -33.76 -1.59
CA PHE C 806 8.80 -32.76 -0.76
C PHE C 806 9.77 -31.65 -0.34
N PHE C 807 10.94 -32.05 0.19
CA PHE C 807 11.94 -31.06 0.58
C PHE C 807 12.43 -30.25 -0.61
N ILE C 808 12.68 -30.91 -1.74
CA ILE C 808 13.20 -30.20 -2.91
C ILE C 808 12.23 -29.12 -3.35
N VAL C 809 10.94 -29.45 -3.46
CA VAL C 809 9.96 -28.48 -3.92
C VAL C 809 9.84 -27.34 -2.91
N TRP C 810 9.67 -27.67 -1.63
CA TRP C 810 9.37 -26.65 -0.64
C TRP C 810 10.59 -25.87 -0.18
N ILE C 811 11.80 -26.25 -0.62
CA ILE C 811 12.97 -25.41 -0.41
C ILE C 811 13.38 -24.68 -1.69
N SER C 812 13.00 -25.18 -2.86
CA SER C 812 13.23 -24.43 -4.09
C SER C 812 12.25 -23.28 -4.25
N PHE C 813 11.05 -23.39 -3.66
CA PHE C 813 10.04 -22.36 -3.82
C PHE C 813 10.10 -21.26 -2.78
N ILE C 814 11.12 -21.25 -1.91
CA ILE C 814 11.18 -20.25 -0.85
C ILE C 814 11.37 -18.83 -1.38
N PRO C 815 12.27 -18.54 -2.34
CA PRO C 815 12.56 -17.13 -2.64
C PRO C 815 11.42 -16.42 -3.34
N ALA C 816 10.72 -17.09 -4.24
CA ALA C 816 9.58 -16.48 -4.92
C ALA C 816 8.49 -16.12 -3.92
N TYR C 817 8.24 -17.00 -2.96
CA TYR C 817 7.26 -16.70 -1.91
C TYR C 817 7.74 -15.54 -1.04
N ALA C 818 9.05 -15.48 -0.76
CA ALA C 818 9.57 -14.45 0.14
C ALA C 818 9.52 -13.07 -0.51
N SER C 819 9.82 -12.98 -1.81
CA SER C 819 9.97 -11.68 -2.47
C SER C 819 8.67 -11.23 -3.16
N THR C 820 8.19 -12.01 -4.12
CA THR C 820 7.09 -11.58 -4.96
C THR C 820 5.78 -11.56 -4.20
N TYR C 821 4.87 -10.69 -4.65
CA TYR C 821 3.56 -10.53 -4.05
C TYR C 821 2.50 -10.59 -5.15
N GLY C 822 1.30 -10.98 -4.76
CA GLY C 822 0.19 -10.95 -5.69
C GLY C 822 -0.53 -12.27 -5.91
N LYS C 823 -0.64 -12.71 -7.16
CA LYS C 823 -1.35 -13.94 -7.51
C LYS C 823 -0.42 -15.13 -7.76
N PHE C 824 0.83 -14.87 -8.15
CA PHE C 824 1.78 -15.95 -8.41
C PHE C 824 2.20 -16.69 -7.15
N VAL C 825 2.10 -16.04 -5.99
CA VAL C 825 2.37 -16.73 -4.72
C VAL C 825 1.38 -17.86 -4.51
N SER C 826 0.08 -17.56 -4.67
CA SER C 826 -0.93 -18.60 -4.57
C SER C 826 -0.77 -19.64 -5.66
N ALA C 827 -0.39 -19.20 -6.86
CA ALA C 827 -0.15 -20.15 -7.96
C ALA C 827 0.93 -21.16 -7.59
N VAL C 828 2.08 -20.68 -7.09
CA VAL C 828 3.17 -21.58 -6.76
C VAL C 828 2.82 -22.43 -5.55
N GLU C 829 2.02 -21.91 -4.62
CA GLU C 829 1.59 -22.73 -3.49
C GLU C 829 0.74 -23.90 -3.96
N VAL C 830 -0.21 -23.63 -4.87
CA VAL C 830 -1.06 -24.69 -5.40
C VAL C 830 -0.21 -25.72 -6.15
N ILE C 831 0.72 -25.25 -6.97
CA ILE C 831 1.52 -26.18 -7.76
C ILE C 831 2.41 -27.02 -6.86
N ALA C 832 2.92 -26.44 -5.77
CA ALA C 832 3.75 -27.19 -4.83
C ALA C 832 2.93 -28.27 -4.12
N ILE C 833 1.73 -27.92 -3.68
CA ILE C 833 0.87 -28.91 -3.01
C ILE C 833 0.58 -30.06 -3.95
N LEU C 834 0.21 -29.75 -5.20
CA LEU C 834 -0.08 -30.80 -6.16
C LEU C 834 1.14 -31.67 -6.44
N ALA C 835 2.31 -31.05 -6.57
CA ALA C 835 3.52 -31.81 -6.83
C ALA C 835 3.81 -32.79 -5.69
N ALA C 836 3.72 -32.31 -4.44
CA ALA C 836 3.98 -33.17 -3.30
C ALA C 836 3.00 -34.33 -3.24
N SER C 837 1.71 -34.04 -3.46
CA SER C 837 0.70 -35.09 -3.34
C SER C 837 0.87 -36.15 -4.43
N PHE C 838 1.05 -35.76 -5.70
CA PHE C 838 1.32 -36.80 -6.70
C PHE C 838 2.59 -37.59 -6.32
N GLY C 839 3.66 -36.88 -5.97
CA GLY C 839 4.88 -37.56 -5.61
C GLY C 839 4.63 -38.68 -4.62
N LEU C 840 3.92 -38.37 -3.54
CA LEU C 840 3.62 -39.40 -2.54
C LEU C 840 2.83 -40.56 -3.17
N LEU C 841 1.75 -40.23 -3.88
CA LEU C 841 0.86 -41.26 -4.41
C LEU C 841 1.61 -42.23 -5.32
N ALA C 842 2.32 -41.72 -6.31
CA ALA C 842 2.91 -42.67 -7.26
C ALA C 842 4.21 -43.28 -6.75
N CYS C 843 4.91 -42.65 -5.78
CA CYS C 843 6.10 -43.31 -5.22
C CYS C 843 5.75 -44.63 -4.55
N ILE C 844 4.66 -44.64 -3.76
CA ILE C 844 4.39 -45.85 -2.98
C ILE C 844 3.40 -46.79 -3.66
N PHE C 845 2.20 -46.31 -3.99
CA PHE C 845 1.14 -47.22 -4.38
C PHE C 845 1.29 -47.79 -5.80
N PHE C 846 1.93 -47.09 -6.71
CA PHE C 846 1.93 -47.52 -8.11
C PHE C 846 2.74 -48.80 -8.41
N ASN C 847 3.90 -49.01 -7.80
CA ASN C 847 4.64 -50.24 -8.14
C ASN C 847 3.73 -51.45 -7.93
N LYS C 848 3.11 -51.48 -6.76
CA LYS C 848 2.21 -52.56 -6.40
C LYS C 848 0.97 -52.57 -7.28
N ILE C 849 0.45 -51.41 -7.69
CA ILE C 849 -0.74 -51.46 -8.56
C ILE C 849 -0.39 -52.02 -9.94
N TYR C 850 0.88 -51.87 -10.37
CA TYR C 850 1.34 -52.52 -11.59
C TYR C 850 1.37 -54.02 -11.39
N ILE C 851 2.06 -54.47 -10.33
CA ILE C 851 2.21 -55.90 -10.11
C ILE C 851 0.84 -56.55 -9.99
N ILE C 852 -0.13 -55.83 -9.41
CA ILE C 852 -1.42 -56.44 -9.10
C ILE C 852 -2.16 -56.88 -10.36
N LEU C 853 -2.31 -55.98 -11.32
CA LEU C 853 -3.12 -56.40 -12.47
C LEU C 853 -2.28 -56.86 -13.65
N PHE C 854 -1.13 -56.21 -13.91
CA PHE C 854 -0.38 -56.52 -15.13
C PHE C 854 0.35 -57.85 -15.06
N LYS C 855 0.89 -58.23 -13.89
CA LYS C 855 1.66 -59.46 -13.78
C LYS C 855 1.15 -60.28 -12.61
N PRO C 856 0.04 -61.00 -12.77
CA PRO C 856 -0.58 -61.68 -11.61
C PRO C 856 0.07 -62.98 -11.19
N SER C 857 1.15 -63.39 -11.86
CA SER C 857 1.82 -64.64 -11.47
C SER C 857 2.40 -64.55 -10.07
N ARG C 858 2.92 -63.39 -9.70
CA ARG C 858 3.50 -63.19 -8.38
C ARG C 858 2.45 -63.07 -7.28
N ASN C 859 1.18 -63.01 -7.62
CA ASN C 859 0.10 -62.89 -6.65
C ASN C 859 -0.26 -64.27 -6.11
N THR C 860 0.68 -64.88 -5.39
CA THR C 860 0.49 -66.21 -4.85
C THR C 860 1.35 -66.35 -3.59
N ILE C 861 0.92 -67.26 -2.70
CA ILE C 861 1.42 -67.31 -1.33
C ILE C 861 2.84 -67.84 -1.29
N GLU C 862 3.11 -68.96 -1.96
CA GLU C 862 4.42 -69.61 -1.84
C GLU C 862 5.54 -68.70 -2.28
N GLU C 863 5.27 -67.73 -3.15
CA GLU C 863 6.31 -66.76 -3.45
C GLU C 863 6.68 -66.00 -2.19
N VAL C 864 5.68 -65.58 -1.43
CA VAL C 864 5.99 -64.87 -0.21
C VAL C 864 6.59 -65.82 0.81
N ARG C 865 6.17 -67.09 0.80
CA ARG C 865 6.78 -68.04 1.74
C ARG C 865 8.26 -68.13 1.45
N CYS C 866 8.58 -68.24 0.16
CA CYS C 866 9.96 -68.36 -0.29
C CYS C 866 10.78 -67.17 0.19
N SER C 867 10.21 -65.95 0.08
CA SER C 867 10.98 -64.76 0.47
C SER C 867 11.21 -64.65 1.99
N THR C 868 10.21 -64.93 2.83
CA THR C 868 10.57 -64.85 4.26
C THR C 868 11.63 -65.89 4.51
N ALA C 869 11.40 -67.07 3.97
CA ALA C 869 12.24 -68.16 4.34
C ALA C 869 13.64 -67.73 4.06
N ALA C 870 13.84 -67.06 2.92
CA ALA C 870 15.22 -66.69 2.59
C ALA C 870 15.76 -65.73 3.62
N HIS C 871 14.97 -64.73 3.99
CA HIS C 871 15.58 -63.82 4.95
C HIS C 871 16.00 -64.61 6.17
N ALA C 872 15.16 -65.56 6.62
CA ALA C 872 15.47 -66.40 7.79
C ALA C 872 16.82 -67.09 7.62
N PHE C 873 16.88 -67.99 6.65
CA PHE C 873 18.01 -68.90 6.51
C PHE C 873 19.27 -68.12 6.32
N LYS C 874 19.25 -67.10 5.46
CA LYS C 874 20.41 -66.22 5.32
C LYS C 874 20.77 -65.60 6.65
N VAL C 875 19.78 -65.30 7.49
CA VAL C 875 20.08 -64.72 8.79
C VAL C 875 20.64 -65.76 9.73
N ALA C 876 20.69 -67.02 9.31
CA ALA C 876 21.47 -67.99 10.09
C ALA C 876 22.97 -67.88 9.79
N ALA C 877 23.38 -66.88 8.98
CA ALA C 877 24.79 -66.67 8.66
C ALA C 877 25.61 -66.39 9.91
N ARG C 878 25.09 -65.55 10.81
CA ARG C 878 25.77 -65.31 12.08
C ARG C 878 26.01 -66.64 12.79
N ALA C 879 27.24 -66.86 13.24
CA ALA C 879 27.49 -68.14 13.88
C ALA C 879 26.55 -68.25 15.08
N THR C 880 25.69 -69.26 15.03
CA THR C 880 24.68 -69.37 16.08
C THR C 880 25.32 -69.60 17.44
N LEU C 881 26.25 -70.54 17.52
CA LEU C 881 26.91 -70.90 18.76
C LEU C 881 28.40 -71.02 18.48
N ARG C 882 29.21 -70.40 19.33
CA ARG C 882 30.65 -70.41 19.10
C ARG C 882 31.35 -71.01 20.29
N TYR D 34 -9.54 98.90 -11.97
CA TYR D 34 -9.53 98.86 -10.51
C TYR D 34 -9.26 97.45 -9.99
N GLY D 35 -10.31 96.65 -9.89
CA GLY D 35 -10.19 95.29 -9.40
C GLY D 35 -10.73 95.15 -7.99
N PRO D 36 -10.29 94.12 -7.27
CA PRO D 36 -10.73 93.94 -5.89
C PRO D 36 -10.26 95.08 -4.99
N ASP D 37 -11.03 95.32 -3.93
CA ASP D 37 -10.75 96.45 -3.05
C ASP D 37 -9.50 96.22 -2.21
N GLN D 38 -9.37 95.02 -1.63
CA GLN D 38 -8.23 94.71 -0.78
C GLN D 38 -7.00 94.45 -1.64
N ARG D 39 -5.89 95.08 -1.31
CA ARG D 39 -4.68 95.00 -2.12
C ARG D 39 -3.50 95.47 -1.29
N ALA D 40 -2.34 95.58 -1.94
CA ALA D 40 -1.15 96.16 -1.32
C ALA D 40 -0.27 96.67 -2.46
N GLN D 41 -0.22 97.99 -2.64
CA GLN D 41 0.47 98.58 -3.78
C GLN D 41 1.35 99.72 -3.34
N LYS D 42 2.29 100.07 -4.21
CA LYS D 42 3.22 101.17 -3.98
C LYS D 42 3.68 101.71 -5.33
N LYS D 43 3.88 103.02 -5.40
CA LYS D 43 4.32 103.66 -6.64
C LYS D 43 5.79 103.38 -6.90
N GLY D 44 6.16 103.45 -8.17
CA GLY D 44 7.56 103.24 -8.55
C GLY D 44 7.71 103.34 -10.05
N ASP D 45 8.97 103.19 -10.49
CA ASP D 45 9.27 103.19 -11.91
C ASP D 45 8.83 101.89 -12.57
N ILE D 46 9.05 100.77 -11.91
CA ILE D 46 8.71 99.45 -12.42
C ILE D 46 7.84 98.74 -11.39
N ILE D 47 6.72 98.20 -11.83
CA ILE D 47 5.72 97.58 -10.96
C ILE D 47 5.75 96.07 -11.20
N LEU D 48 5.70 95.30 -10.11
CA LEU D 48 5.60 93.86 -10.16
C LEU D 48 4.23 93.43 -9.69
N GLY D 49 3.67 92.39 -10.32
CA GLY D 49 2.43 91.80 -9.88
C GLY D 49 2.64 90.78 -8.78
N GLY D 50 1.53 90.27 -8.26
CA GLY D 50 1.60 89.27 -7.22
C GLY D 50 0.28 88.56 -6.99
N LEU D 51 0.34 87.27 -6.67
CA LEU D 51 -0.87 86.47 -6.42
C LEU D 51 -0.57 85.49 -5.30
N PHE D 52 -1.20 85.70 -4.14
CA PHE D 52 -0.97 84.85 -2.98
C PHE D 52 -2.31 84.41 -2.40
N PRO D 53 -2.39 83.17 -1.90
CA PRO D 53 -3.63 82.66 -1.29
C PRO D 53 -3.77 83.06 0.18
N ILE D 54 -4.27 84.27 0.40
CA ILE D 54 -4.49 84.74 1.78
C ILE D 54 -5.57 83.93 2.46
N HIS D 55 -6.58 83.50 1.72
CA HIS D 55 -7.64 82.64 2.24
C HIS D 55 -7.50 81.23 1.67
N PHE D 56 -8.23 80.29 2.27
CA PHE D 56 -8.19 78.90 1.83
C PHE D 56 -9.24 78.56 0.78
N GLY D 57 -10.36 79.29 0.78
CA GLY D 57 -11.41 78.99 -0.17
C GLY D 57 -12.50 80.03 -0.12
N VAL D 58 -13.61 79.72 -0.79
CA VAL D 58 -14.73 80.65 -0.88
C VAL D 58 -15.92 80.10 -0.11
N ALA D 59 -16.99 80.88 -0.04
CA ALA D 59 -18.19 80.45 0.68
C ALA D 59 -18.87 79.29 -0.04
N ALA D 60 -19.63 78.51 0.72
CA ALA D 60 -20.32 77.35 0.18
C ALA D 60 -21.65 77.69 -0.47
N LYS D 61 -22.10 78.93 -0.36
CA LYS D 61 -23.40 79.31 -0.92
C LYS D 61 -23.36 79.30 -2.44
N ASP D 62 -24.42 78.77 -3.04
CA ASP D 62 -24.60 78.78 -4.48
C ASP D 62 -25.94 79.42 -4.81
N GLN D 63 -25.95 80.28 -5.83
CA GLN D 63 -27.14 81.04 -6.18
C GLN D 63 -28.09 80.23 -7.05
N ASP D 64 -29.38 80.51 -6.89
CA ASP D 64 -30.43 79.94 -7.73
C ASP D 64 -30.81 80.85 -8.89
N LEU D 65 -30.09 81.96 -9.07
CA LEU D 65 -30.30 82.87 -10.20
C LEU D 65 -31.72 83.46 -10.21
N LYS D 66 -32.25 83.71 -9.02
CA LYS D 66 -33.52 84.41 -8.88
C LYS D 66 -33.33 85.91 -8.72
N SER D 67 -32.09 86.39 -8.68
CA SER D 67 -31.77 87.80 -8.58
C SER D 67 -30.38 88.00 -9.18
N ARG D 68 -29.94 89.25 -9.20
CA ARG D 68 -28.62 89.55 -9.75
C ARG D 68 -27.53 88.99 -8.84
N PRO D 69 -26.63 88.17 -9.36
CA PRO D 69 -25.61 87.56 -8.49
C PRO D 69 -24.66 88.59 -7.91
N GLU D 70 -24.22 88.32 -6.68
CA GLU D 70 -23.31 89.20 -5.96
C GLU D 70 -21.89 88.65 -6.03
N SER D 71 -20.98 89.26 -5.29
CA SER D 71 -19.59 88.82 -5.24
C SER D 71 -19.42 87.75 -4.18
N VAL D 72 -18.73 86.67 -4.54
CA VAL D 72 -18.49 85.59 -3.61
C VAL D 72 -17.47 86.03 -2.55
N GLU D 73 -17.53 85.39 -1.39
CA GLU D 73 -16.71 85.77 -0.25
C GLU D 73 -15.82 84.61 0.16
N CYS D 74 -14.63 84.94 0.66
CA CYS D 74 -13.66 83.96 1.11
C CYS D 74 -13.80 83.73 2.61
N ILE D 75 -13.51 82.49 3.04
CA ILE D 75 -13.94 82.05 4.37
C ILE D 75 -12.79 81.99 5.37
N ARG D 76 -11.82 81.10 5.14
CA ARG D 76 -10.80 80.86 6.14
C ARG D 76 -9.61 81.78 5.92
N TYR D 77 -8.72 81.82 6.92
CA TYR D 77 -7.52 82.65 6.87
C TYR D 77 -6.29 81.77 6.84
N ASN D 78 -5.40 82.05 5.89
CA ASN D 78 -4.16 81.30 5.70
C ASN D 78 -2.99 82.15 6.20
N PHE D 79 -2.46 81.80 7.38
CA PHE D 79 -1.32 82.52 7.91
C PHE D 79 -0.02 82.19 7.16
N ARG D 80 0.01 81.06 6.44
CA ARG D 80 1.18 80.74 5.65
C ARG D 80 1.25 81.61 4.39
N GLY D 81 0.11 81.92 3.80
CA GLY D 81 0.09 82.75 2.62
C GLY D 81 0.49 84.19 2.88
N PHE D 82 0.28 84.66 4.11
CA PHE D 82 0.71 86.02 4.45
C PHE D 82 2.21 86.10 4.61
N ARG D 83 2.86 85.04 5.07
CA ARG D 83 4.31 85.05 5.21
C ARG D 83 5.00 85.15 3.85
N TRP D 84 4.45 84.47 2.83
CA TRP D 84 5.08 84.48 1.51
C TRP D 84 5.03 85.87 0.89
N LEU D 85 3.93 86.61 1.10
CA LEU D 85 3.83 87.97 0.61
C LEU D 85 4.91 88.86 1.21
N GLN D 86 5.15 88.71 2.51
CA GLN D 86 6.16 89.51 3.19
C GLN D 86 7.54 89.25 2.63
N ALA D 87 7.79 88.04 2.12
CA ALA D 87 9.09 87.76 1.50
C ALA D 87 9.29 88.60 0.25
N MET D 88 8.26 88.71 -0.60
CA MET D 88 8.35 89.55 -1.78
C MET D 88 8.56 91.01 -1.41
N ILE D 89 7.80 91.50 -0.42
CA ILE D 89 7.96 92.88 0.02
C ILE D 89 9.38 93.11 0.54
N PHE D 90 9.89 92.18 1.34
CA PHE D 90 11.23 92.30 1.88
C PHE D 90 12.27 92.32 0.78
N ALA D 91 12.13 91.46 -0.22
CA ALA D 91 13.09 91.42 -1.32
C ALA D 91 13.10 92.74 -2.08
N ILE D 92 11.92 93.29 -2.38
CA ILE D 92 11.88 94.55 -3.12
C ILE D 92 12.49 95.67 -2.30
N GLU D 93 12.14 95.76 -1.02
CA GLU D 93 12.69 96.82 -0.17
C GLU D 93 14.19 96.67 0.02
N GLU D 94 14.70 95.44 -0.03
CA GLU D 94 16.14 95.23 0.05
C GLU D 94 16.82 95.67 -1.24
N ILE D 95 16.20 95.39 -2.39
CA ILE D 95 16.77 95.81 -3.67
C ILE D 95 16.85 97.34 -3.73
N ASN D 96 15.80 98.02 -3.28
CA ASN D 96 15.78 99.48 -3.39
C ASN D 96 16.88 100.13 -2.56
N SER D 97 17.30 99.48 -1.48
CA SER D 97 18.29 100.09 -0.59
C SER D 97 19.72 99.90 -1.08
N SER D 98 19.98 98.88 -1.90
CA SER D 98 21.32 98.57 -2.35
C SER D 98 21.62 99.31 -3.65
N PRO D 99 22.68 100.12 -3.72
CA PRO D 99 23.00 100.80 -4.99
C PRO D 99 23.69 99.90 -6.01
N ALA D 100 24.30 98.80 -5.58
CA ALA D 100 25.00 97.93 -6.51
C ALA D 100 24.03 97.25 -7.47
N LEU D 101 22.84 96.90 -7.00
CA LEU D 101 21.93 96.10 -7.82
C LEU D 101 21.21 96.96 -8.85
N LEU D 102 20.53 98.02 -8.41
CA LEU D 102 19.79 98.88 -9.34
C LEU D 102 19.82 100.31 -8.83
N PRO D 103 20.84 101.08 -9.19
CA PRO D 103 20.84 102.51 -8.83
C PRO D 103 19.93 103.30 -9.75
N ASN D 104 19.37 104.37 -9.18
CA ASN D 104 18.50 105.35 -9.86
C ASN D 104 17.15 104.79 -10.27
N LEU D 105 16.85 103.53 -9.96
CA LEU D 105 15.59 102.90 -10.31
C LEU D 105 14.98 102.26 -9.08
N THR D 106 13.67 102.45 -8.91
CA THR D 106 12.95 101.96 -7.75
C THR D 106 11.83 101.02 -8.21
N LEU D 107 11.66 99.91 -7.48
CA LEU D 107 10.65 98.91 -7.80
C LEU D 107 9.46 99.07 -6.87
N GLY D 108 8.26 99.12 -7.45
CA GLY D 108 7.02 99.04 -6.71
C GLY D 108 6.41 97.66 -6.77
N TYR D 109 5.16 97.56 -6.34
CA TYR D 109 4.47 96.28 -6.40
C TYR D 109 2.97 96.49 -6.36
N ARG D 110 2.25 95.42 -6.75
CA ARG D 110 0.79 95.39 -6.70
C ARG D 110 0.37 93.94 -6.50
N ILE D 111 -0.15 93.62 -5.32
CA ILE D 111 -0.35 92.24 -4.88
C ILE D 111 -1.83 92.03 -4.58
N PHE D 112 -2.36 90.89 -5.03
CA PHE D 112 -3.77 90.56 -4.88
C PHE D 112 -3.92 89.19 -4.22
N ASP D 113 -5.17 88.80 -4.01
CA ASP D 113 -5.53 87.55 -3.36
C ASP D 113 -6.34 86.69 -4.32
N THR D 114 -6.12 85.38 -4.28
CA THR D 114 -6.79 84.46 -5.19
C THR D 114 -7.70 83.45 -4.50
N CYS D 115 -7.50 83.18 -3.21
CA CYS D 115 -8.37 82.29 -2.44
C CYS D 115 -8.43 80.88 -3.04
N ASN D 116 -7.35 80.46 -3.72
CA ASN D 116 -7.31 79.16 -4.40
C ASN D 116 -8.47 79.01 -5.36
N THR D 117 -8.84 80.09 -6.04
CA THR D 117 -9.98 80.11 -6.92
C THR D 117 -9.61 80.75 -8.25
N VAL D 118 -10.24 80.26 -9.32
CA VAL D 118 -9.90 80.72 -10.67
C VAL D 118 -10.46 82.11 -10.94
N SER D 119 -11.69 82.38 -10.49
CA SER D 119 -12.34 83.64 -10.84
C SER D 119 -11.61 84.85 -10.24
N LYS D 120 -11.19 84.75 -8.99
CA LYS D 120 -10.46 85.85 -8.35
C LYS D 120 -9.15 86.11 -9.08
N ALA D 121 -8.42 85.05 -9.42
CA ALA D 121 -7.17 85.22 -10.14
C ALA D 121 -7.40 85.81 -11.52
N LEU D 122 -8.49 85.42 -12.18
CA LEU D 122 -8.79 85.98 -13.50
C LEU D 122 -9.11 87.47 -13.40
N GLU D 123 -9.86 87.88 -12.38
CA GLU D 123 -10.11 89.30 -12.18
C GLU D 123 -8.82 90.07 -11.92
N ALA D 124 -7.95 89.53 -11.06
CA ALA D 124 -6.68 90.18 -10.79
C ALA D 124 -5.84 90.30 -12.05
N THR D 125 -5.81 89.24 -12.87
CA THR D 125 -5.02 89.27 -14.10
C THR D 125 -5.59 90.25 -15.11
N LEU D 126 -6.93 90.36 -15.18
CA LEU D 126 -7.53 91.38 -16.03
C LEU D 126 -7.13 92.77 -15.57
N SER D 127 -7.02 92.97 -14.25
CA SER D 127 -6.49 94.23 -13.74
C SER D 127 -5.04 94.43 -14.12
N PHE D 128 -4.26 93.34 -14.19
CA PHE D 128 -2.85 93.45 -14.52
C PHE D 128 -2.63 93.96 -15.94
N VAL D 129 -3.41 93.48 -16.89
CA VAL D 129 -3.24 93.82 -18.30
C VAL D 129 -4.26 94.84 -18.76
N ALA D 130 -4.84 95.61 -17.83
CA ALA D 130 -5.91 96.54 -18.19
C ALA D 130 -5.40 97.65 -19.11
N GLN D 131 -4.17 98.09 -18.91
CA GLN D 131 -3.64 99.16 -19.75
C GLN D 131 -3.57 98.74 -21.21
N ASN D 132 -3.16 97.50 -21.45
CA ASN D 132 -2.92 97.05 -22.83
C ASN D 132 -4.20 96.71 -23.60
N LYS D 133 -5.33 96.48 -22.95
CA LYS D 133 -6.57 96.29 -23.71
C LYS D 133 -7.01 97.57 -24.42
N ILE D 134 -6.84 98.71 -23.77
CA ILE D 134 -7.31 99.99 -24.34
C ILE D 134 -6.53 100.35 -25.59
N HIS D 148 -5.48 106.41 -17.97
CA HIS D 148 -4.10 106.19 -17.57
C HIS D 148 -4.02 104.97 -16.66
N ILE D 149 -3.01 104.12 -16.89
CA ILE D 149 -2.81 102.94 -16.07
C ILE D 149 -1.37 102.45 -16.23
N PRO D 150 -0.62 102.30 -15.14
CA PRO D 150 0.72 101.71 -15.25
C PRO D 150 0.63 100.23 -15.63
N SER D 151 1.67 99.77 -16.32
CA SER D 151 1.74 98.40 -16.79
C SER D 151 2.60 97.55 -15.85
N THR D 152 2.40 96.24 -15.95
CA THR D 152 3.09 95.28 -15.10
C THR D 152 4.20 94.60 -15.90
N ILE D 153 5.44 94.77 -15.46
CA ILE D 153 6.58 94.17 -16.14
C ILE D 153 6.59 92.66 -15.96
N ALA D 154 6.35 92.19 -14.73
CA ALA D 154 6.40 90.77 -14.45
C ALA D 154 5.44 90.45 -13.32
N VAL D 155 5.05 89.17 -13.24
CA VAL D 155 4.10 88.69 -12.25
C VAL D 155 4.72 87.49 -11.53
N VAL D 156 4.66 87.50 -10.20
CA VAL D 156 5.07 86.35 -9.40
C VAL D 156 3.86 85.45 -9.24
N GLY D 157 3.96 84.23 -9.76
CA GLY D 157 2.80 83.41 -10.05
C GLY D 157 2.08 82.89 -8.81
N ALA D 158 1.08 82.06 -9.09
CA ALA D 158 0.20 81.52 -8.06
C ALA D 158 0.80 80.24 -7.47
N THR D 159 0.01 79.51 -6.69
CA THR D 159 0.44 78.25 -6.08
C THR D 159 -0.14 77.04 -6.80
N GLY D 160 -1.47 76.99 -6.90
CA GLY D 160 -2.10 75.84 -7.52
C GLY D 160 -1.86 75.80 -9.01
N SER D 161 -1.73 74.57 -9.53
CA SER D 161 -1.50 74.40 -10.97
C SER D 161 -2.74 74.80 -11.77
N GLY D 162 -3.93 74.51 -11.25
CA GLY D 162 -5.14 74.88 -11.96
C GLY D 162 -5.30 76.39 -12.09
N VAL D 163 -4.94 77.13 -11.05
CA VAL D 163 -4.99 78.58 -11.11
C VAL D 163 -3.88 79.11 -12.03
N SER D 164 -2.69 78.53 -11.93
CA SER D 164 -1.56 79.01 -12.73
C SER D 164 -1.80 78.82 -14.21
N THR D 165 -2.40 77.68 -14.60
CA THR D 165 -2.70 77.47 -16.02
C THR D 165 -3.69 78.50 -16.52
N ALA D 166 -4.74 78.79 -15.73
CA ALA D 166 -5.75 79.76 -16.15
C ALA D 166 -5.14 81.15 -16.27
N VAL D 167 -4.25 81.51 -15.36
CA VAL D 167 -3.60 82.82 -15.42
C VAL D 167 -2.66 82.89 -16.61
N ALA D 168 -1.90 81.83 -16.87
CA ALA D 168 -0.92 81.84 -17.96
C ALA D 168 -1.61 81.89 -19.31
N ASN D 169 -2.77 81.23 -19.44
CA ASN D 169 -3.49 81.26 -20.71
C ASN D 169 -3.80 82.69 -21.13
N LEU D 170 -4.10 83.56 -20.17
CA LEU D 170 -4.42 84.96 -20.46
C LEU D 170 -3.17 85.83 -20.52
N LEU D 171 -2.16 85.54 -19.71
CA LEU D 171 -0.96 86.36 -19.70
C LEU D 171 -0.09 86.12 -20.92
N GLY D 172 -0.18 84.94 -21.55
CA GLY D 172 0.68 84.65 -22.69
C GLY D 172 0.35 85.43 -23.94
N LEU D 173 -0.87 85.98 -24.04
CA LEU D 173 -1.23 86.79 -25.20
C LEU D 173 -0.37 88.05 -25.26
N PHE D 174 -0.08 88.65 -24.11
CA PHE D 174 0.66 89.91 -24.03
C PHE D 174 2.14 89.69 -23.71
N TYR D 175 2.59 88.44 -23.68
CA TYR D 175 4.01 88.11 -23.48
C TYR D 175 4.57 88.75 -22.21
N ILE D 176 3.80 88.65 -21.13
CA ILE D 176 4.24 89.11 -19.82
C ILE D 176 4.87 87.93 -19.09
N PRO D 177 6.13 88.00 -18.68
CA PRO D 177 6.73 86.88 -17.95
C PRO D 177 6.02 86.63 -16.63
N GLN D 178 5.86 85.36 -16.29
CA GLN D 178 5.25 84.94 -15.03
C GLN D 178 6.16 83.91 -14.37
N VAL D 179 6.53 84.17 -13.12
CA VAL D 179 7.43 83.30 -12.36
C VAL D 179 6.64 82.73 -11.21
N SER D 180 6.51 81.41 -11.16
CA SER D 180 5.78 80.73 -10.11
C SER D 180 6.75 80.16 -9.08
N TYR D 181 6.30 80.10 -7.83
CA TYR D 181 7.11 79.60 -6.74
C TYR D 181 6.63 78.27 -6.17
N ALA D 182 5.42 77.82 -6.53
CA ALA D 182 4.89 76.58 -5.98
C ALA D 182 4.28 75.64 -7.01
N SER D 183 3.85 76.14 -8.18
CA SER D 183 3.23 75.26 -9.16
C SER D 183 4.26 74.29 -9.73
N SER D 184 3.95 73.00 -9.69
CA SER D 184 4.93 71.97 -10.09
C SER D 184 4.33 70.92 -11.00
N SER D 185 3.19 71.20 -11.64
CA SER D 185 2.62 70.25 -12.58
C SER D 185 3.50 70.15 -13.82
N ARG D 186 3.59 68.95 -14.38
CA ARG D 186 4.36 68.76 -15.61
C ARG D 186 3.61 69.24 -16.85
N LEU D 187 2.31 69.48 -16.74
CA LEU D 187 1.53 70.02 -17.85
C LEU D 187 1.92 71.44 -18.20
N LEU D 188 2.65 72.13 -17.32
CA LEU D 188 3.07 73.50 -17.54
C LEU D 188 4.42 73.61 -18.22
N SER D 189 5.02 72.48 -18.61
CA SER D 189 6.28 72.45 -19.33
C SER D 189 6.10 72.43 -20.85
N ASN D 190 4.87 72.53 -21.33
CA ASN D 190 4.59 72.55 -22.76
C ASN D 190 4.74 73.98 -23.26
N LYS D 191 5.86 74.26 -23.93
CA LYS D 191 6.14 75.61 -24.40
C LYS D 191 5.38 75.98 -25.67
N ASN D 192 4.66 75.04 -26.28
CA ASN D 192 3.79 75.35 -27.40
C ASN D 192 2.49 76.03 -26.96
N GLN D 193 2.17 75.99 -25.67
CA GLN D 193 0.97 76.62 -25.13
C GLN D 193 1.29 77.70 -24.10
N PHE D 194 2.21 77.44 -23.18
CA PHE D 194 2.61 78.41 -22.16
C PHE D 194 3.93 79.01 -22.59
N LYS D 195 3.85 80.14 -23.31
CA LYS D 195 5.04 80.74 -23.89
C LYS D 195 5.93 81.39 -22.82
N SER D 196 5.31 82.01 -21.81
CA SER D 196 6.06 82.82 -20.87
C SER D 196 5.85 82.37 -19.42
N PHE D 197 5.94 81.08 -19.17
CA PHE D 197 5.83 80.54 -17.82
C PHE D 197 7.19 80.05 -17.35
N LEU D 198 7.59 80.48 -16.15
CA LEU D 198 8.83 80.07 -15.51
C LEU D 198 8.53 79.73 -14.06
N ARG D 199 9.41 78.94 -13.45
CA ARG D 199 9.21 78.59 -12.05
C ARG D 199 10.55 78.26 -11.40
N THR D 200 10.55 78.33 -10.07
CA THR D 200 11.72 78.05 -9.25
C THR D 200 11.54 76.79 -8.40
N ILE D 201 10.70 75.87 -8.86
CA ILE D 201 10.43 74.61 -8.15
C ILE D 201 10.45 73.47 -9.16
N PRO D 202 11.02 72.31 -8.81
CA PRO D 202 11.02 71.18 -9.75
C PRO D 202 9.62 70.59 -9.91
N ASN D 203 9.43 69.89 -11.03
CA ASN D 203 8.17 69.22 -11.30
C ASN D 203 8.11 67.87 -10.60
N ASP D 204 7.00 67.16 -10.78
CA ASP D 204 6.64 66.03 -9.93
C ASP D 204 7.07 64.67 -10.47
N GLU D 205 7.71 64.60 -11.64
CA GLU D 205 8.13 63.31 -12.16
C GLU D 205 9.17 62.66 -11.26
N HIS D 206 10.13 63.45 -10.78
CA HIS D 206 11.11 62.93 -9.84
C HIS D 206 10.45 62.50 -8.53
N GLN D 207 9.42 63.21 -8.10
CA GLN D 207 8.71 62.82 -6.88
C GLN D 207 8.02 61.47 -7.05
N ALA D 208 7.36 61.26 -8.19
CA ALA D 208 6.71 59.98 -8.43
C ALA D 208 7.72 58.85 -8.50
N THR D 209 8.83 59.07 -9.21
CA THR D 209 9.87 58.03 -9.27
C THR D 209 10.46 57.78 -7.90
N ALA D 210 10.60 58.81 -7.07
CA ALA D 210 11.14 58.65 -5.73
C ALA D 210 10.20 57.84 -4.84
N MET D 211 8.89 58.06 -4.98
CA MET D 211 7.94 57.25 -4.22
C MET D 211 8.00 55.79 -4.66
N ALA D 212 8.11 55.55 -5.97
CA ALA D 212 8.27 54.18 -6.44
C ALA D 212 9.54 53.54 -5.90
N ASP D 213 10.63 54.32 -5.85
CA ASP D 213 11.88 53.80 -5.30
C ASP D 213 11.76 53.50 -3.81
N ILE D 214 11.05 54.34 -3.07
CA ILE D 214 10.84 54.10 -1.64
C ILE D 214 10.06 52.81 -1.43
N ILE D 215 9.00 52.61 -2.22
CA ILE D 215 8.23 51.37 -2.10
C ILE D 215 9.07 50.17 -2.49
N GLU D 216 9.97 50.33 -3.46
CA GLU D 216 10.85 49.22 -3.84
C GLU D 216 11.88 48.92 -2.76
N TYR D 217 12.33 49.94 -2.02
CA TYR D 217 13.33 49.74 -0.98
C TYR D 217 12.76 48.92 0.17
N PHE D 218 11.61 49.31 0.70
CA PHE D 218 10.88 48.52 1.69
C PHE D 218 9.92 47.63 0.93
N ARG D 219 10.28 46.37 0.75
CA ARG D 219 9.65 45.53 -0.26
C ARG D 219 8.17 45.31 0.00
N TRP D 220 7.33 45.98 -0.78
CA TRP D 220 5.89 45.81 -0.78
C TRP D 220 5.40 45.70 -2.21
N ASN D 221 4.34 44.93 -2.43
CA ASN D 221 3.77 44.83 -3.77
C ASN D 221 2.24 44.87 -3.73
N TRP D 222 1.66 45.57 -2.76
CA TRP D 222 0.21 45.64 -2.62
C TRP D 222 -0.11 46.98 -1.96
N VAL D 223 -0.45 47.97 -2.77
CA VAL D 223 -0.65 49.34 -2.30
C VAL D 223 -1.94 49.90 -2.89
N GLY D 224 -2.26 51.13 -2.49
CA GLY D 224 -3.38 51.84 -3.05
C GLY D 224 -2.99 53.28 -3.35
N THR D 225 -3.84 53.96 -4.12
CA THR D 225 -3.56 55.31 -4.57
C THR D 225 -4.79 56.19 -4.40
N ILE D 226 -4.56 57.44 -3.98
CA ILE D 226 -5.59 58.46 -3.86
C ILE D 226 -5.06 59.75 -4.46
N ALA D 227 -5.88 60.44 -5.23
CA ALA D 227 -5.45 61.65 -5.92
C ALA D 227 -6.56 62.69 -5.89
N ALA D 228 -6.15 63.95 -6.04
CA ALA D 228 -7.08 65.05 -6.17
C ALA D 228 -7.49 65.25 -7.62
N ASP D 229 -8.72 65.71 -7.81
CA ASP D 229 -9.29 65.85 -9.15
C ASP D 229 -9.00 67.25 -9.70
N ASP D 230 -7.73 67.45 -10.04
CA ASP D 230 -7.30 68.71 -10.67
C ASP D 230 -6.09 68.40 -11.55
N ASP D 231 -5.38 69.46 -11.95
CA ASP D 231 -4.22 69.33 -12.82
C ASP D 231 -2.96 68.94 -12.07
N TYR D 232 -3.01 68.86 -10.74
CA TYR D 232 -1.85 68.51 -9.93
C TYR D 232 -1.79 67.03 -9.58
N GLY D 233 -2.90 66.47 -9.09
CA GLY D 233 -2.88 65.10 -8.61
C GLY D 233 -3.01 64.04 -9.68
N ARG D 234 -3.57 64.38 -10.83
CA ARG D 234 -3.81 63.38 -11.87
C ARG D 234 -2.52 63.02 -12.62
N PRO D 235 -1.77 63.99 -13.18
CA PRO D 235 -0.53 63.60 -13.88
C PRO D 235 0.46 62.87 -12.99
N GLY D 236 0.59 63.29 -11.73
CA GLY D 236 1.51 62.63 -10.83
C GLY D 236 1.11 61.19 -10.55
N ILE D 237 -0.19 60.95 -10.33
CA ILE D 237 -0.63 59.59 -10.04
C ILE D 237 -0.50 58.73 -11.29
N GLU D 238 -0.69 59.30 -12.49
CA GLU D 238 -0.47 58.53 -13.71
C GLU D 238 0.98 58.14 -13.87
N LYS D 239 1.90 59.07 -13.60
CA LYS D 239 3.32 58.76 -13.66
C LYS D 239 3.70 57.69 -12.64
N PHE D 240 3.15 57.79 -11.43
CA PHE D 240 3.43 56.77 -10.42
C PHE D 240 2.90 55.41 -10.84
N ARG D 241 1.70 55.37 -11.44
CA ARG D 241 1.16 54.11 -11.91
C ARG D 241 2.07 53.49 -12.98
N GLU D 242 2.56 54.32 -13.90
CA GLU D 242 3.49 53.83 -14.91
C GLU D 242 4.74 53.24 -14.28
N GLU D 243 5.35 53.98 -13.35
CA GLU D 243 6.59 53.50 -12.73
C GLU D 243 6.34 52.23 -11.91
N ALA D 244 5.23 52.17 -11.19
CA ALA D 244 4.92 50.99 -10.38
C ALA D 244 4.70 49.77 -11.26
N GLU D 245 3.98 49.92 -12.37
CA GLU D 245 3.84 48.81 -13.29
C GLU D 245 5.18 48.40 -13.89
N GLU D 246 6.08 49.36 -14.09
CA GLU D 246 7.42 49.03 -14.55
C GLU D 246 8.18 48.21 -13.52
N ARG D 247 8.04 48.54 -12.23
CA ARG D 247 8.79 47.89 -11.16
C ARG D 247 8.11 46.68 -10.58
N ASP D 248 7.02 46.21 -11.20
CA ASP D 248 6.28 45.02 -10.74
C ASP D 248 5.72 45.22 -9.34
N ILE D 249 4.88 46.24 -9.21
CA ILE D 249 4.13 46.50 -7.99
C ILE D 249 2.65 46.55 -8.35
N CYS D 250 1.82 45.87 -7.57
CA CYS D 250 0.40 45.74 -7.85
C CYS D 250 -0.38 46.78 -7.06
N ILE D 251 -1.28 47.48 -7.75
CA ILE D 251 -2.10 48.53 -7.14
C ILE D 251 -3.53 48.00 -7.02
N ASP D 252 -4.10 48.12 -5.83
CA ASP D 252 -5.43 47.58 -5.59
C ASP D 252 -6.52 48.51 -6.11
N PHE D 253 -6.58 49.72 -5.57
CA PHE D 253 -7.64 50.66 -5.90
C PHE D 253 -7.04 51.99 -6.34
N SER D 254 -7.92 52.89 -6.77
CA SER D 254 -7.53 54.23 -7.21
C SER D 254 -8.76 55.12 -7.16
N GLU D 255 -8.71 56.18 -6.35
CA GLU D 255 -9.87 57.03 -6.12
C GLU D 255 -9.50 58.49 -6.38
N LEU D 256 -10.53 59.31 -6.51
CA LEU D 256 -10.38 60.74 -6.71
C LEU D 256 -11.24 61.48 -5.69
N ILE D 257 -10.69 62.55 -5.11
CA ILE D 257 -11.36 63.34 -4.10
C ILE D 257 -11.24 64.82 -4.46
N SER D 258 -12.09 65.63 -3.85
CA SER D 258 -12.10 67.06 -4.09
C SER D 258 -12.58 67.78 -2.85
N GLN D 259 -12.26 69.07 -2.78
CA GLN D 259 -12.65 69.88 -1.61
C GLN D 259 -14.16 69.98 -1.48
N TYR D 260 -14.89 69.95 -2.59
CA TYR D 260 -16.33 70.09 -2.61
C TYR D 260 -17.03 68.76 -2.90
N SER D 261 -16.48 67.66 -2.37
CA SER D 261 -17.10 66.36 -2.52
C SER D 261 -18.21 66.20 -1.49
N ASP D 262 -19.32 65.57 -1.90
CA ASP D 262 -20.46 65.42 -1.03
C ASP D 262 -20.28 64.17 -0.14
N GLU D 263 -21.31 63.90 0.66
CA GLU D 263 -21.22 62.81 1.63
C GLU D 263 -21.10 61.45 0.96
N GLU D 264 -21.88 61.21 -0.10
CA GLU D 264 -21.91 59.89 -0.71
C GLU D 264 -20.56 59.52 -1.30
N GLU D 265 -19.88 60.47 -1.94
CA GLU D 265 -18.57 60.18 -2.52
C GLU D 265 -17.56 59.81 -1.45
N ILE D 266 -17.54 60.55 -0.34
CA ILE D 266 -16.61 60.26 0.74
C ILE D 266 -16.92 58.91 1.36
N GLN D 267 -18.20 58.60 1.56
CA GLN D 267 -18.58 57.30 2.13
C GLN D 267 -18.15 56.17 1.21
N HIS D 268 -18.34 56.34 -0.10
CA HIS D 268 -17.91 55.31 -1.05
C HIS D 268 -16.40 55.14 -1.03
N VAL D 269 -15.66 56.25 -0.94
CA VAL D 269 -14.20 56.17 -0.92
C VAL D 269 -13.71 55.44 0.33
N VAL D 270 -14.30 55.77 1.48
CA VAL D 270 -13.85 55.17 2.74
C VAL D 270 -14.13 53.66 2.73
N GLU D 271 -15.27 53.25 2.20
CA GLU D 271 -15.59 51.83 2.14
C GLU D 271 -14.60 51.08 1.27
N VAL D 272 -14.15 51.69 0.17
CA VAL D 272 -13.15 51.06 -0.69
C VAL D 272 -11.86 50.81 0.07
N ILE D 273 -11.42 51.80 0.86
CA ILE D 273 -10.22 51.64 1.67
C ILE D 273 -10.44 50.57 2.73
N GLN D 274 -11.66 50.48 3.26
CA GLN D 274 -11.93 49.55 4.36
C GLN D 274 -11.81 48.10 3.90
N ASN D 275 -12.34 47.77 2.72
CA ASN D 275 -12.38 46.38 2.29
C ASN D 275 -10.99 45.85 1.95
N SER D 276 -10.18 46.66 1.26
CA SER D 276 -8.88 46.20 0.79
C SER D 276 -7.92 45.97 1.96
N THR D 277 -7.01 45.01 1.78
CA THR D 277 -5.99 44.70 2.77
C THR D 277 -4.66 45.38 2.46
N ALA D 278 -4.60 46.23 1.45
CA ALA D 278 -3.38 46.97 1.13
C ALA D 278 -3.13 48.01 2.21
N LYS D 279 -2.06 47.84 2.98
CA LYS D 279 -1.80 48.73 4.10
C LYS D 279 -1.24 50.07 3.64
N VAL D 280 -0.42 50.08 2.60
CA VAL D 280 0.26 51.29 2.15
C VAL D 280 -0.63 52.05 1.18
N ILE D 281 -0.80 53.35 1.43
CA ILE D 281 -1.63 54.21 0.61
C ILE D 281 -0.80 55.42 0.18
N VAL D 282 -0.88 55.76 -1.10
CA VAL D 282 -0.13 56.87 -1.69
C VAL D 282 -1.12 57.96 -2.07
N VAL D 283 -0.84 59.19 -1.67
CA VAL D 283 -1.75 60.32 -1.86
C VAL D 283 -1.02 61.45 -2.58
N PHE D 284 -1.63 61.95 -3.65
CA PHE D 284 -1.19 63.14 -4.38
C PHE D 284 -2.29 64.19 -4.32
N SER D 285 -2.27 65.02 -3.29
CA SER D 285 -3.25 66.08 -3.11
C SER D 285 -2.70 67.11 -2.15
N SER D 286 -3.51 68.10 -1.80
CA SER D 286 -3.15 69.14 -0.86
C SER D 286 -4.03 69.05 0.38
N GLY D 287 -3.77 69.93 1.34
CA GLY D 287 -4.48 69.92 2.61
C GLY D 287 -5.97 70.15 2.50
N PRO D 288 -6.39 71.22 1.82
CA PRO D 288 -7.83 71.47 1.66
C PRO D 288 -8.57 70.35 0.95
N ASP D 289 -7.95 69.69 -0.02
CA ASP D 289 -8.60 68.61 -0.74
C ASP D 289 -8.59 67.30 0.04
N LEU D 290 -7.73 67.17 1.04
CA LEU D 290 -7.63 65.94 1.81
C LEU D 290 -8.33 66.01 3.16
N GLU D 291 -8.64 67.22 3.64
CA GLU D 291 -9.19 67.36 5.00
C GLU D 291 -10.51 66.64 5.20
N PRO D 292 -11.52 66.74 4.31
CA PRO D 292 -12.77 66.01 4.57
C PRO D 292 -12.59 64.50 4.68
N LEU D 293 -11.77 63.91 3.82
CA LEU D 293 -11.56 62.47 3.88
C LEU D 293 -10.87 62.06 5.18
N ILE D 294 -9.89 62.84 5.62
CA ILE D 294 -9.20 62.53 6.87
C ILE D 294 -10.14 62.69 8.06
N LYS D 295 -11.02 63.70 8.00
CA LYS D 295 -12.02 63.86 9.06
C LYS D 295 -12.93 62.64 9.12
N GLU D 296 -13.41 62.18 7.97
CA GLU D 296 -14.30 61.02 7.95
C GLU D 296 -13.59 59.76 8.44
N ILE D 297 -12.34 59.56 8.03
CA ILE D 297 -11.60 58.38 8.46
C ILE D 297 -11.36 58.41 9.96
N VAL D 298 -10.97 59.59 10.50
CA VAL D 298 -10.71 59.70 11.93
C VAL D 298 -11.99 59.48 12.72
N ARG D 299 -13.11 59.98 12.21
CA ARG D 299 -14.39 59.75 12.89
C ARG D 299 -14.71 58.26 12.94
N ARG D 300 -14.46 57.53 11.85
CA ARG D 300 -14.72 56.10 11.82
C ARG D 300 -13.63 55.27 12.47
N ASN D 301 -12.50 55.88 12.83
CA ASN D 301 -11.41 55.23 13.56
C ASN D 301 -10.86 54.04 12.77
N ILE D 302 -10.26 54.37 11.63
CA ILE D 302 -9.54 53.40 10.81
C ILE D 302 -8.05 53.62 11.04
N THR D 303 -7.37 52.61 11.59
CA THR D 303 -5.98 52.73 11.98
C THR D 303 -5.15 51.61 11.37
N GLY D 304 -3.85 51.85 11.26
CA GLY D 304 -2.91 50.87 10.78
C GLY D 304 -2.32 51.15 9.41
N LYS D 305 -2.87 52.10 8.67
CA LYS D 305 -2.36 52.38 7.33
C LYS D 305 -1.03 53.13 7.39
N ILE D 306 -0.25 52.98 6.33
CA ILE D 306 1.02 53.66 6.17
C ILE D 306 0.87 54.65 5.02
N TRP D 307 0.97 55.94 5.31
CA TRP D 307 0.72 56.99 4.35
C TRP D 307 2.03 57.51 3.77
N LEU D 308 2.09 57.63 2.44
CA LEU D 308 3.19 58.29 1.74
C LEU D 308 2.66 59.62 1.23
N ALA D 309 3.30 60.71 1.65
CA ALA D 309 2.76 62.06 1.47
C ALA D 309 3.61 62.85 0.48
N SER D 310 2.94 63.52 -0.45
CA SER D 310 3.59 64.49 -1.31
C SER D 310 3.92 65.75 -0.52
N GLU D 311 4.73 66.60 -1.14
CA GLU D 311 5.22 67.82 -0.48
C GLU D 311 4.07 68.80 -0.18
N ALA D 312 2.96 68.68 -0.89
CA ALA D 312 1.86 69.61 -0.72
C ALA D 312 1.22 69.47 0.66
N TRP D 313 1.08 68.25 1.16
CA TRP D 313 0.48 68.04 2.48
C TRP D 313 1.40 67.30 3.45
N ALA D 314 2.69 67.16 3.14
CA ALA D 314 3.60 66.56 4.09
C ALA D 314 3.94 67.51 5.25
N SER D 315 3.59 68.79 5.14
CA SER D 315 3.82 69.75 6.20
C SER D 315 2.61 70.64 6.46
N SER D 316 1.45 70.28 5.90
CA SER D 316 0.26 71.11 6.07
C SER D 316 -0.22 71.09 7.51
N SER D 317 -0.61 72.26 8.01
CA SER D 317 -1.11 72.39 9.37
C SER D 317 -2.57 71.95 9.49
N LEU D 318 -3.26 71.74 8.38
CA LEU D 318 -4.64 71.26 8.44
C LEU D 318 -4.74 69.78 8.75
N ILE D 319 -3.65 69.03 8.56
CA ILE D 319 -3.68 67.58 8.71
C ILE D 319 -2.69 67.15 9.79
N ALA D 320 -1.66 67.95 10.01
CA ALA D 320 -0.65 67.66 11.04
C ALA D 320 -1.14 68.18 12.39
N MET D 321 -2.11 67.46 12.95
CA MET D 321 -2.72 67.86 14.21
C MET D 321 -2.63 66.73 15.21
N PRO D 322 -2.50 67.06 16.51
CA PRO D 322 -2.37 66.00 17.53
C PRO D 322 -3.56 65.07 17.62
N GLN D 323 -4.78 65.55 17.34
CA GLN D 323 -5.95 64.69 17.46
C GLN D 323 -6.14 63.79 16.24
N TYR D 324 -5.41 64.01 15.16
CA TYR D 324 -5.38 63.11 14.02
C TYR D 324 -4.25 62.10 14.11
N PHE D 325 -3.48 62.12 15.20
CA PHE D 325 -2.23 61.38 15.24
C PHE D 325 -2.45 59.87 15.18
N HIS D 326 -3.50 59.37 15.82
CA HIS D 326 -3.73 57.93 15.80
C HIS D 326 -4.16 57.42 14.44
N VAL D 327 -4.18 58.28 13.42
CA VAL D 327 -4.46 57.90 12.05
C VAL D 327 -3.32 58.28 11.11
N VAL D 328 -2.85 59.53 11.20
CA VAL D 328 -1.80 60.01 10.30
C VAL D 328 -0.43 59.99 10.95
N GLY D 329 -0.29 59.41 12.13
CA GLY D 329 1.01 59.29 12.76
C GLY D 329 1.92 58.36 11.98
N GLY D 330 3.21 58.68 11.97
CA GLY D 330 4.17 57.88 11.24
C GLY D 330 4.14 58.04 9.74
N THR D 331 3.63 59.17 9.24
CA THR D 331 3.62 59.42 7.80
C THR D 331 5.04 59.73 7.31
N ILE D 332 5.35 59.24 6.10
CA ILE D 332 6.64 59.48 5.45
C ILE D 332 6.38 60.32 4.21
N GLY D 333 7.03 61.48 4.13
CA GLY D 333 6.78 62.40 3.04
C GLY D 333 8.03 63.15 2.63
N PHE D 334 7.89 63.95 1.57
CA PHE D 334 8.99 64.68 0.97
C PHE D 334 8.94 66.15 1.35
N ALA D 335 10.07 66.83 1.16
CA ALA D 335 10.19 68.25 1.44
C ALA D 335 11.31 68.82 0.58
N LEU D 336 11.32 70.14 0.46
CA LEU D 336 12.31 70.83 -0.35
C LEU D 336 13.55 71.12 0.48
N LYS D 337 14.45 71.95 -0.04
CA LYS D 337 15.70 72.29 0.62
C LYS D 337 15.61 73.70 1.18
N ALA D 338 15.95 73.84 2.47
CA ALA D 338 15.78 75.11 3.16
C ALA D 338 16.85 76.12 2.72
N GLY D 339 16.53 77.39 2.91
CA GLY D 339 17.44 78.47 2.58
C GLY D 339 17.61 79.42 3.74
N GLN D 340 18.47 80.42 3.53
CA GLN D 340 18.79 81.41 4.55
C GLN D 340 18.46 82.79 4.01
N ILE D 341 17.65 83.53 4.77
CA ILE D 341 17.33 84.92 4.44
C ILE D 341 17.58 85.78 5.68
N PRO D 342 18.81 86.26 5.90
CA PRO D 342 19.09 87.04 7.12
C PRO D 342 18.23 88.30 7.18
N GLY D 343 17.78 88.62 8.39
CA GLY D 343 16.96 89.79 8.61
C GLY D 343 15.49 89.60 8.32
N PHE D 344 15.05 88.39 7.99
CA PHE D 344 13.65 88.18 7.63
C PHE D 344 12.74 88.21 8.84
N ARG D 345 13.16 87.57 9.94
CA ARG D 345 12.30 87.44 11.10
C ARG D 345 12.00 88.80 11.75
N GLU D 346 12.99 89.68 11.79
CA GLU D 346 12.77 91.01 12.35
C GLU D 346 11.74 91.79 11.53
N PHE D 347 11.88 91.73 10.21
CA PHE D 347 10.90 92.37 9.34
C PHE D 347 9.52 91.77 9.54
N LEU D 348 9.44 90.45 9.72
CA LEU D 348 8.15 89.81 9.99
C LEU D 348 7.56 90.32 11.30
N LYS D 349 8.41 90.50 12.31
CA LYS D 349 7.96 90.89 13.63
C LYS D 349 7.71 92.39 13.78
N LYS D 350 8.06 93.19 12.78
CA LYS D 350 7.81 94.64 12.84
C LYS D 350 6.55 95.04 12.08
N VAL D 351 5.51 94.20 12.08
CA VAL D 351 4.26 94.50 11.38
C VAL D 351 3.31 95.21 12.34
N HIS D 352 2.39 95.99 11.78
CA HIS D 352 1.42 96.75 12.55
C HIS D 352 0.30 97.22 11.62
N PRO D 353 -0.95 97.22 12.08
CA PRO D 353 -2.05 97.68 11.22
C PRO D 353 -2.18 99.19 11.09
N ARG D 354 -1.19 99.96 11.54
CA ARG D 354 -1.20 101.41 11.40
C ARG D 354 0.01 101.95 10.65
N LYS D 355 1.20 101.41 10.92
CA LYS D 355 2.38 101.86 10.19
C LYS D 355 2.43 101.31 8.77
N SER D 356 1.80 100.15 8.54
CA SER D 356 1.76 99.54 7.22
C SER D 356 0.73 100.29 6.37
N VAL D 357 1.17 101.43 5.83
CA VAL D 357 0.31 102.22 4.96
C VAL D 357 0.09 101.49 3.63
N HIS D 358 1.11 100.80 3.14
CA HIS D 358 1.08 100.18 1.83
C HIS D 358 0.54 98.76 1.83
N ASN D 359 0.21 98.20 2.98
CA ASN D 359 -0.28 96.83 3.09
C ASN D 359 -1.70 96.84 3.63
N GLY D 360 -2.66 96.52 2.78
CA GLY D 360 -4.06 96.48 3.15
C GLY D 360 -4.52 95.18 3.78
N PHE D 361 -3.67 94.17 3.82
CA PHE D 361 -4.00 92.88 4.42
C PHE D 361 -3.60 92.80 5.88
N ALA D 362 -3.04 93.87 6.45
CA ALA D 362 -2.55 93.83 7.82
C ALA D 362 -3.66 93.89 8.86
N LYS D 363 -4.74 94.60 8.57
CA LYS D 363 -5.80 94.79 9.55
C LYS D 363 -6.48 93.46 9.88
N GLU D 364 -6.83 92.69 8.85
CA GLU D 364 -7.42 91.38 9.08
C GLU D 364 -6.43 90.45 9.76
N PHE D 365 -5.14 90.59 9.46
CA PHE D 365 -4.12 89.79 10.13
C PHE D 365 -4.11 90.07 11.63
N TRP D 366 -4.14 91.35 12.02
CA TRP D 366 -4.18 91.69 13.43
C TRP D 366 -5.46 91.18 14.10
N GLU D 367 -6.60 91.37 13.43
CA GLU D 367 -7.87 90.93 13.99
C GLU D 367 -7.88 89.42 14.23
N GLU D 368 -7.40 88.65 13.24
CA GLU D 368 -7.38 87.21 13.39
C GLU D 368 -6.37 86.77 14.44
N THR D 369 -5.24 87.48 14.53
CA THR D 369 -4.20 87.10 15.49
C THR D 369 -4.68 87.28 16.92
N PHE D 370 -5.31 88.42 17.23
CA PHE D 370 -5.69 88.72 18.60
C PHE D 370 -7.19 88.58 18.86
N ASN D 371 -7.94 87.99 17.93
CA ASN D 371 -9.38 87.79 18.09
C ASN D 371 -10.10 89.11 18.40
N CYS D 372 -9.65 90.17 17.73
CA CYS D 372 -10.08 91.53 18.02
C CYS D 372 -10.85 92.11 16.84
N HIS D 373 -11.22 93.38 16.98
CA HIS D 373 -11.95 94.11 15.95
C HIS D 373 -11.45 95.55 15.92
N LEU D 374 -10.87 95.96 14.80
CA LEU D 374 -10.40 97.32 14.64
C LEU D 374 -11.55 98.22 14.23
N GLN D 375 -11.68 99.36 14.90
CA GLN D 375 -12.76 100.30 14.65
C GLN D 375 -12.19 101.61 14.12
N GLU D 376 -12.75 102.08 13.01
CA GLU D 376 -12.35 103.37 12.44
C GLU D 376 -13.31 104.47 12.88
N ARG D 406 -16.44 90.38 20.48
CA ARG D 406 -15.21 90.83 19.83
C ARG D 406 -14.73 92.16 20.39
N PRO D 407 -13.79 92.13 21.34
CA PRO D 407 -13.36 93.37 21.99
C PRO D 407 -12.69 94.33 21.01
N LEU D 408 -12.60 95.58 21.45
CA LEU D 408 -11.93 96.61 20.65
C LEU D 408 -10.42 96.44 20.73
N CYS D 409 -9.74 96.93 19.68
CA CYS D 409 -8.29 96.77 19.55
C CYS D 409 -7.57 97.92 20.22
N THR D 410 -6.71 97.58 21.20
CA THR D 410 -5.85 98.59 21.81
C THR D 410 -4.70 98.96 20.88
N GLY D 411 -4.14 97.98 20.17
CA GLY D 411 -3.07 98.22 19.21
C GLY D 411 -1.68 98.16 19.77
N ASP D 412 -1.49 97.75 21.02
CA ASP D 412 -0.18 97.68 21.65
C ASP D 412 0.21 96.26 22.04
N GLU D 413 -0.48 95.26 21.50
CA GLU D 413 -0.20 93.89 21.88
C GLU D 413 1.10 93.41 21.23
N ASN D 414 1.52 92.20 21.63
CA ASN D 414 2.78 91.62 21.19
C ASN D 414 2.50 90.43 20.28
N ILE D 415 3.25 90.35 19.19
CA ILE D 415 3.06 89.24 18.24
C ILE D 415 3.47 87.93 18.87
N SER D 416 4.51 87.95 19.71
CA SER D 416 5.02 86.73 20.31
C SER D 416 4.02 86.06 21.25
N SER D 417 3.02 86.81 21.74
CA SER D 417 2.06 86.25 22.68
C SER D 417 1.23 85.15 22.05
N VAL D 418 0.83 85.32 20.79
CA VAL D 418 -0.03 84.37 20.10
C VAL D 418 0.84 83.48 19.22
N GLU D 419 0.66 82.17 19.34
CA GLU D 419 1.41 81.20 18.56
C GLU D 419 0.63 80.83 17.32
N THR D 420 1.08 81.32 16.17
CA THR D 420 0.44 81.12 14.88
C THR D 420 1.49 80.68 13.87
N PRO D 421 1.08 80.05 12.76
CA PRO D 421 2.06 79.62 11.75
C PRO D 421 2.81 80.77 11.09
N TYR D 422 2.53 82.00 11.53
CA TYR D 422 3.21 83.16 10.97
C TYR D 422 4.70 83.13 11.28
N ILE D 423 5.06 82.92 12.54
CA ILE D 423 6.46 82.93 12.96
C ILE D 423 6.78 81.64 13.71
N ASP D 424 5.89 80.65 13.63
CA ASP D 424 6.14 79.33 14.19
C ASP D 424 6.56 78.38 13.08
N TYR D 425 7.81 78.55 12.63
CA TYR D 425 8.38 77.72 11.58
C TYR D 425 9.78 77.31 11.98
N THR D 426 10.33 76.38 11.22
CA THR D 426 11.70 75.92 11.42
C THR D 426 12.59 76.18 10.21
N HIS D 427 12.08 75.96 9.01
CA HIS D 427 12.84 76.14 7.78
C HIS D 427 12.02 76.93 6.78
N LEU D 428 12.71 77.64 5.89
CA LEU D 428 12.09 78.39 4.81
C LEU D 428 12.29 77.61 3.51
N ARG D 429 11.19 77.15 2.92
CA ARG D 429 11.28 76.30 1.75
C ARG D 429 10.49 76.82 0.55
N ILE D 430 9.31 77.39 0.78
CA ILE D 430 8.54 78.01 -0.30
C ILE D 430 8.75 79.52 -0.24
N SER D 431 8.88 80.04 0.99
CA SER D 431 9.16 81.48 1.13
C SER D 431 10.54 81.84 0.63
N TYR D 432 11.43 80.86 0.45
CA TYR D 432 12.72 81.10 -0.17
C TYR D 432 12.63 81.14 -1.70
N ASN D 433 11.56 80.60 -2.28
CA ASN D 433 11.39 80.67 -3.72
C ASN D 433 10.92 82.05 -4.17
N VAL D 434 10.13 82.74 -3.34
CA VAL D 434 9.69 84.09 -3.65
C VAL D 434 10.90 85.03 -3.71
N TYR D 435 11.82 84.89 -2.76
CA TYR D 435 13.07 85.64 -2.75
C TYR D 435 13.83 85.44 -4.06
N LEU D 436 13.96 84.18 -4.49
CA LEU D 436 14.69 83.88 -5.72
C LEU D 436 13.97 84.46 -6.93
N ALA D 437 12.65 84.42 -6.95
CA ALA D 437 11.91 85.00 -8.08
C ALA D 437 12.15 86.49 -8.18
N VAL D 438 12.08 87.19 -7.04
CA VAL D 438 12.28 88.64 -7.06
C VAL D 438 13.70 88.98 -7.51
N TYR D 439 14.71 88.27 -6.99
CA TYR D 439 16.07 88.53 -7.46
C TYR D 439 16.28 88.11 -8.91
N SER D 440 15.55 87.11 -9.39
CA SER D 440 15.65 86.75 -10.80
C SER D 440 15.20 87.89 -11.69
N ILE D 441 14.05 88.47 -11.37
CA ILE D 441 13.58 89.62 -12.14
C ILE D 441 14.52 90.80 -11.98
N ALA D 442 15.05 91.00 -10.77
CA ALA D 442 15.98 92.11 -10.53
C ALA D 442 17.24 91.95 -11.37
N HIS D 443 17.77 90.74 -11.48
CA HIS D 443 18.98 90.53 -12.26
C HIS D 443 18.72 90.56 -13.76
N ALA D 444 17.54 90.16 -14.21
CA ALA D 444 17.19 90.41 -15.61
C ALA D 444 17.19 91.90 -15.91
N LEU D 445 16.81 92.73 -14.95
CA LEU D 445 16.80 94.16 -15.32
C LEU D 445 18.21 94.73 -15.18
N GLN D 446 19.10 94.16 -14.37
CA GLN D 446 20.47 94.69 -14.28
C GLN D 446 21.17 94.36 -15.57
N ASP D 447 20.97 93.17 -16.14
CA ASP D 447 21.60 92.94 -17.46
C ASP D 447 21.12 93.97 -18.49
N ILE D 448 19.86 94.34 -18.53
CA ILE D 448 19.47 95.29 -19.60
C ILE D 448 20.07 96.58 -19.17
N TYR D 449 20.07 96.79 -17.88
CA TYR D 449 20.56 98.12 -17.56
C TYR D 449 21.99 98.31 -18.03
N THR D 450 22.89 97.39 -17.70
CA THR D 450 24.30 97.51 -18.05
C THR D 450 24.60 96.60 -19.24
N CYS D 451 24.99 97.21 -20.36
CA CYS D 451 25.38 96.48 -21.55
C CYS D 451 26.19 97.44 -22.42
N LEU D 452 26.77 96.88 -23.48
CA LEU D 452 27.54 97.70 -24.40
C LEU D 452 26.98 97.58 -25.80
N PRO D 453 27.01 98.66 -26.58
CA PRO D 453 26.49 98.60 -27.95
C PRO D 453 27.21 97.54 -28.77
N GLY D 454 26.43 96.78 -29.54
CA GLY D 454 26.97 95.67 -30.29
C GLY D 454 27.09 94.38 -29.51
N ARG D 455 26.82 94.39 -28.20
CA ARG D 455 26.87 93.19 -27.36
C ARG D 455 25.53 93.08 -26.64
N GLY D 456 24.57 92.44 -27.30
CA GLY D 456 23.23 92.30 -26.74
C GLY D 456 22.51 91.13 -27.36
N LEU D 457 21.40 90.75 -26.73
CA LEU D 457 20.63 89.61 -27.17
C LEU D 457 19.67 89.92 -28.31
N PHE D 458 19.49 91.19 -28.66
CA PHE D 458 18.48 91.59 -29.62
C PHE D 458 19.08 91.73 -31.02
N THR D 459 18.29 92.29 -31.93
CA THR D 459 18.66 92.34 -33.34
C THR D 459 19.90 93.21 -33.55
N ASN D 460 20.82 92.71 -34.37
CA ASN D 460 22.05 93.39 -34.75
C ASN D 460 22.95 93.68 -33.53
N GLY D 461 22.79 92.92 -32.45
CA GLY D 461 23.60 93.13 -31.27
C GLY D 461 23.23 94.35 -30.46
N SER D 462 22.11 95.00 -30.77
CA SER D 462 21.72 96.23 -30.09
C SER D 462 21.18 95.93 -28.69
N CYS D 463 21.15 96.97 -27.87
CA CYS D 463 20.60 96.89 -26.53
C CYS D 463 19.19 97.47 -26.48
N ALA D 464 18.46 97.10 -25.43
CA ALA D 464 17.15 97.65 -25.19
C ALA D 464 17.27 98.97 -24.43
N ASP D 465 16.14 99.62 -24.17
CA ASP D 465 16.11 100.88 -23.43
C ASP D 465 15.58 100.60 -22.02
N ILE D 466 16.40 100.90 -21.02
CA ILE D 466 15.98 100.71 -19.63
C ILE D 466 14.88 101.71 -19.28
N LYS D 467 14.98 102.93 -19.80
CA LYS D 467 13.98 103.95 -19.50
C LYS D 467 12.60 103.54 -20.00
N LYS D 468 12.54 102.96 -21.20
CA LYS D 468 11.30 102.43 -21.78
C LYS D 468 11.53 100.96 -22.07
N VAL D 469 11.32 100.12 -21.07
CA VAL D 469 11.53 98.68 -21.19
C VAL D 469 10.17 98.00 -21.37
N GLU D 470 10.18 96.89 -22.09
CA GLU D 470 8.96 96.15 -22.40
C GLU D 470 9.03 94.77 -21.77
N ALA D 471 7.90 94.05 -21.82
CA ALA D 471 7.81 92.77 -21.14
C ALA D 471 8.57 91.68 -21.89
N TRP D 472 8.51 91.69 -23.22
CA TRP D 472 9.17 90.62 -23.98
C TRP D 472 10.68 90.71 -23.89
N GLN D 473 11.24 91.92 -23.72
CA GLN D 473 12.67 92.04 -23.47
C GLN D 473 13.05 91.40 -22.14
N VAL D 474 12.23 91.61 -21.12
CA VAL D 474 12.46 90.96 -19.83
C VAL D 474 12.35 89.45 -19.98
N LEU D 475 11.41 88.97 -20.78
CA LEU D 475 11.29 87.53 -21.01
C LEU D 475 12.53 86.98 -21.71
N LYS D 476 13.04 87.70 -22.71
CA LYS D 476 14.24 87.26 -23.41
C LYS D 476 15.44 87.20 -22.47
N HIS D 477 15.58 88.21 -21.61
CA HIS D 477 16.69 88.19 -20.65
C HIS D 477 16.48 87.15 -19.55
N LEU D 478 15.24 86.78 -19.25
CA LEU D 478 15.00 85.73 -18.28
C LEU D 478 15.35 84.36 -18.86
N ARG D 479 15.12 84.18 -20.16
CA ARG D 479 15.43 82.90 -20.80
C ARG D 479 16.93 82.63 -20.89
N HIS D 480 17.77 83.65 -20.68
CA HIS D 480 19.22 83.51 -20.74
C HIS D 480 19.85 84.06 -19.46
N LEU D 481 19.33 83.66 -18.32
CA LEU D 481 19.76 84.18 -17.03
C LEU D 481 20.74 83.24 -16.36
N ASN D 482 21.75 83.81 -15.70
CA ASN D 482 22.75 83.02 -14.99
C ASN D 482 23.38 83.93 -13.93
N PHE D 483 22.96 83.75 -12.67
CA PHE D 483 23.47 84.57 -11.58
C PHE D 483 23.75 83.69 -10.37
N THR D 484 24.27 84.31 -9.32
CA THR D 484 24.67 83.61 -8.10
C THR D 484 23.79 84.05 -6.94
N ASN D 485 23.33 83.08 -6.15
CA ASN D 485 22.49 83.35 -5.00
C ASN D 485 23.28 84.09 -3.92
N ASN D 486 22.55 84.49 -2.86
CA ASN D 486 23.22 85.09 -1.72
C ASN D 486 24.16 84.10 -1.05
N MET D 487 23.75 82.85 -0.92
CA MET D 487 24.57 81.82 -0.29
C MET D 487 25.40 81.04 -1.30
N GLY D 488 26.10 81.77 -2.17
CA GLY D 488 27.16 81.21 -3.00
C GLY D 488 26.82 80.04 -3.90
N GLU D 489 25.72 80.11 -4.63
CA GLU D 489 25.37 79.05 -5.56
C GLU D 489 24.69 79.64 -6.79
N GLN D 490 24.75 78.89 -7.89
CA GLN D 490 24.32 79.39 -9.19
C GLN D 490 22.88 79.05 -9.48
N VAL D 491 22.21 79.95 -10.22
CA VAL D 491 20.85 79.76 -10.68
C VAL D 491 20.78 80.08 -12.17
N THR D 492 20.20 79.17 -12.96
CA THR D 492 19.98 79.35 -14.39
C THR D 492 18.76 78.52 -14.77
N PHE D 493 17.95 78.98 -15.75
CA PHE D 493 16.70 78.27 -16.09
C PHE D 493 16.82 77.52 -17.42
N ASP D 494 16.30 76.28 -17.45
CA ASP D 494 16.28 75.42 -18.66
C ASP D 494 15.34 76.00 -19.74
N GLU D 495 15.36 75.41 -20.94
CA GLU D 495 14.48 75.96 -21.99
C GLU D 495 13.05 75.46 -21.89
N CYS D 496 12.69 74.91 -20.74
CA CYS D 496 11.29 74.70 -20.39
C CYS D 496 10.94 75.50 -19.14
N GLY D 497 11.80 76.44 -18.78
CA GLY D 497 11.58 77.30 -17.62
C GLY D 497 11.44 76.55 -16.32
N ASP D 498 12.30 75.58 -16.07
CA ASP D 498 12.23 74.75 -14.88
C ASP D 498 13.59 74.72 -14.19
N LEU D 499 13.57 74.32 -12.93
CA LEU D 499 14.78 74.17 -12.14
C LEU D 499 14.92 72.73 -11.65
N VAL D 500 16.05 72.45 -11.00
CA VAL D 500 16.32 71.14 -10.42
C VAL D 500 16.75 71.34 -8.98
N GLY D 501 16.54 70.30 -8.17
CA GLY D 501 16.89 70.38 -6.77
C GLY D 501 16.71 69.04 -6.09
N ASN D 502 17.20 68.99 -4.86
CA ASN D 502 17.14 67.77 -4.06
C ASN D 502 15.83 67.72 -3.28
N TYR D 503 15.67 66.63 -2.52
CA TYR D 503 14.51 66.43 -1.67
C TYR D 503 14.98 65.97 -0.30
N SER D 504 14.12 66.17 0.70
CA SER D 504 14.35 65.68 2.04
C SER D 504 13.16 64.85 2.47
N ILE D 505 13.42 63.67 3.03
CA ILE D 505 12.38 62.76 3.47
C ILE D 505 12.22 62.92 4.98
N ILE D 506 10.99 63.20 5.41
CA ILE D 506 10.71 63.47 6.81
C ILE D 506 9.73 62.42 7.34
N ASN D 507 9.68 62.31 8.66
CA ASN D 507 8.83 61.35 9.36
C ASN D 507 8.10 62.06 10.48
N TRP D 508 6.80 61.82 10.61
CA TRP D 508 5.98 62.51 11.60
C TRP D 508 6.13 61.81 12.95
N HIS D 509 6.59 62.56 13.95
CA HIS D 509 6.77 62.08 15.32
C HIS D 509 5.78 62.79 16.24
N LEU D 510 5.91 62.53 17.54
CA LEU D 510 5.17 63.23 18.57
C LEU D 510 6.16 63.78 19.59
N SER D 511 6.08 65.09 19.83
CA SER D 511 7.04 65.72 20.73
C SER D 511 6.70 65.39 22.18
N PRO D 512 7.63 64.81 22.95
CA PRO D 512 7.29 64.43 24.33
C PRO D 512 7.02 65.62 25.24
N GLU D 513 7.63 66.78 24.98
CA GLU D 513 7.46 67.94 25.86
C GLU D 513 6.09 68.59 25.65
N ASP D 514 5.82 69.04 24.41
CA ASP D 514 4.55 69.64 24.00
C ASP D 514 3.93 68.69 22.98
N GLY D 515 2.75 68.18 23.27
CA GLY D 515 2.16 67.29 22.27
C GLY D 515 1.82 67.99 20.95
N SER D 516 2.50 67.60 19.87
CA SER D 516 2.49 68.36 18.63
C SER D 516 3.19 67.49 17.59
N ILE D 517 2.76 67.57 16.34
CA ILE D 517 3.46 66.80 15.33
C ILE D 517 4.85 67.43 15.15
N VAL D 518 5.87 66.58 15.02
CA VAL D 518 7.24 67.00 14.73
C VAL D 518 7.77 66.20 13.54
N PHE D 519 8.33 66.88 12.54
CA PHE D 519 8.85 66.23 11.34
C PHE D 519 10.36 66.04 11.50
N LYS D 520 10.80 64.80 11.43
CA LYS D 520 12.22 64.46 11.58
C LYS D 520 12.75 63.88 10.29
N GLU D 521 13.86 64.42 9.81
CA GLU D 521 14.46 63.99 8.55
C GLU D 521 15.20 62.67 8.73
N VAL D 522 14.94 61.73 7.84
CA VAL D 522 15.61 60.43 7.89
C VAL D 522 16.47 60.15 6.66
N GLY D 523 16.27 60.85 5.55
CA GLY D 523 17.06 60.59 4.37
C GLY D 523 16.75 61.58 3.28
N TYR D 524 17.52 61.49 2.19
CA TYR D 524 17.41 62.43 1.09
C TYR D 524 17.29 61.67 -0.23
N TYR D 525 17.12 62.44 -1.31
CA TYR D 525 16.97 61.89 -2.66
C TYR D 525 17.82 62.77 -3.59
N ASN D 526 19.07 62.36 -3.78
CA ASN D 526 20.02 63.11 -4.60
C ASN D 526 19.64 62.97 -6.07
N VAL D 527 19.00 64.00 -6.62
CA VAL D 527 18.54 63.96 -8.00
C VAL D 527 19.66 64.06 -9.01
N TYR D 528 20.89 64.31 -8.57
CA TYR D 528 22.02 64.49 -9.46
C TYR D 528 22.79 63.20 -9.72
N ALA D 529 22.33 62.07 -9.19
CA ALA D 529 23.04 60.81 -9.30
C ALA D 529 22.44 59.96 -10.42
N LYS D 530 23.09 58.83 -10.68
CA LYS D 530 22.61 57.88 -11.68
C LYS D 530 21.44 57.08 -11.14
N LYS D 531 20.73 56.42 -12.06
CA LYS D 531 19.57 55.61 -11.69
C LYS D 531 19.98 54.48 -10.77
N GLY D 532 19.24 54.31 -9.68
CA GLY D 532 19.53 53.28 -8.70
C GLY D 532 20.51 53.69 -7.61
N GLU D 533 20.98 54.94 -7.61
CA GLU D 533 21.89 55.42 -6.57
C GLU D 533 21.47 56.78 -6.03
N ARG D 534 20.19 57.14 -6.15
CA ARG D 534 19.69 58.44 -5.72
C ARG D 534 19.09 58.41 -4.32
N LEU D 535 18.41 57.33 -3.95
CA LEU D 535 17.71 57.28 -2.68
C LEU D 535 18.64 56.85 -1.55
N PHE D 536 18.51 57.51 -0.40
CA PHE D 536 19.24 57.16 0.80
C PHE D 536 18.30 57.31 1.98
N ILE D 537 18.04 56.22 2.69
CA ILE D 537 17.11 56.21 3.82
C ILE D 537 17.79 55.57 5.02
N ASN D 538 17.70 56.25 6.17
CA ASN D 538 18.22 55.73 7.43
C ASN D 538 17.07 55.13 8.21
N GLU D 539 17.04 53.81 8.33
CA GLU D 539 15.93 53.12 8.95
C GLU D 539 15.93 53.23 10.47
N GLU D 540 17.07 53.59 11.07
CA GLU D 540 17.16 53.62 12.53
C GLU D 540 16.36 54.76 13.16
N LYS D 541 15.87 55.71 12.36
CA LYS D 541 15.12 56.85 12.88
C LYS D 541 13.69 56.90 12.38
N ILE D 542 13.14 55.76 11.93
CA ILE D 542 11.78 55.68 11.43
C ILE D 542 10.94 54.95 12.46
N LEU D 543 9.86 55.58 12.90
CA LEU D 543 8.90 54.99 13.83
C LEU D 543 7.63 54.67 13.06
N TRP D 544 7.39 53.40 12.82
CA TRP D 544 6.23 52.98 12.05
C TRP D 544 4.96 53.15 12.88
N SER D 545 3.96 53.81 12.28
CA SER D 545 2.71 54.19 12.93
C SER D 545 2.93 55.07 14.15
N GLY D 546 4.13 55.62 14.32
CA GLY D 546 4.43 56.53 15.40
C GLY D 546 4.98 55.89 16.65
N PHE D 547 4.78 54.60 16.84
CA PHE D 547 5.25 53.91 18.04
C PHE D 547 6.04 52.65 17.72
N SER D 548 5.65 51.90 16.70
CA SER D 548 6.27 50.61 16.43
C SER D 548 7.63 50.78 15.79
N ARG D 549 8.50 49.80 16.02
CA ARG D 549 9.85 49.79 15.47
C ARG D 549 10.06 48.65 14.46
N GLU D 550 8.98 48.05 13.98
CA GLU D 550 9.05 46.93 13.05
C GLU D 550 8.46 47.32 11.71
N VAL D 551 9.12 46.93 10.63
CA VAL D 551 8.63 47.23 9.28
C VAL D 551 7.31 46.50 9.05
N PRO D 552 6.27 47.17 8.57
CA PRO D 552 4.99 46.48 8.35
C PRO D 552 5.04 45.51 7.18
N PHE D 553 3.88 44.91 6.87
CA PHE D 553 3.79 43.87 5.85
C PHE D 553 2.65 44.21 4.89
N SER D 554 2.92 44.13 3.59
CA SER D 554 1.87 44.32 2.58
C SER D 554 2.28 43.57 1.32
N ASN D 555 1.75 42.35 1.14
CA ASN D 555 2.09 41.55 -0.02
C ASN D 555 0.92 40.80 -0.67
N CYS D 556 -0.27 40.77 -0.07
CA CYS D 556 -1.47 40.11 -0.58
C CYS D 556 -1.38 38.59 -0.50
N SER D 557 -0.21 38.06 -0.13
CA SER D 557 -0.04 36.61 -0.12
C SER D 557 1.17 36.25 0.73
N ARG D 558 1.00 35.28 1.62
CA ARG D 558 2.11 34.79 2.39
C ARG D 558 3.09 34.03 1.51
N ASP D 559 4.38 34.25 1.75
CA ASP D 559 5.42 33.69 0.91
C ASP D 559 5.41 32.16 0.97
N CYS D 560 5.61 31.53 -0.19
CA CYS D 560 5.79 30.09 -0.24
C CYS D 560 7.13 29.73 0.41
N LEU D 561 7.11 28.75 1.31
CA LEU D 561 8.26 28.50 2.16
C LEU D 561 9.39 27.78 1.41
N ALA D 562 9.14 26.53 1.00
CA ALA D 562 10.16 25.72 0.34
C ALA D 562 9.54 24.41 -0.11
N GLY D 563 10.13 23.82 -1.15
CA GLY D 563 9.59 22.59 -1.70
C GLY D 563 8.16 22.71 -2.19
N THR D 564 7.75 23.91 -2.59
CA THR D 564 6.37 24.17 -2.98
C THR D 564 6.36 25.09 -4.20
N ARG D 565 5.20 25.15 -4.84
CA ARG D 565 5.03 25.81 -6.13
C ARG D 565 3.96 26.90 -6.03
N LYS D 566 4.10 27.92 -6.86
CA LYS D 566 3.09 28.95 -6.95
C LYS D 566 1.81 28.40 -7.57
N GLY D 567 0.70 29.10 -7.33
CA GLY D 567 -0.57 28.76 -7.89
C GLY D 567 -1.25 29.99 -8.48
N ILE D 568 -2.41 29.76 -9.07
CA ILE D 568 -3.17 30.81 -9.75
C ILE D 568 -4.56 30.89 -9.14
N ILE D 569 -4.98 32.11 -8.80
CA ILE D 569 -6.34 32.39 -8.37
C ILE D 569 -7.03 33.18 -9.48
N GLU D 570 -8.16 32.67 -9.95
CA GLU D 570 -8.83 33.25 -11.11
C GLU D 570 -9.43 34.62 -10.77
N GLY D 571 -9.26 35.56 -11.70
CA GLY D 571 -9.83 36.89 -11.54
C GLY D 571 -9.04 37.83 -10.66
N GLU D 572 -7.85 37.46 -10.22
CA GLU D 572 -7.04 38.25 -9.32
C GLU D 572 -5.66 38.47 -9.91
N PRO D 573 -4.98 39.55 -9.51
CA PRO D 573 -3.68 39.86 -10.10
C PRO D 573 -2.64 38.79 -9.80
N THR D 574 -1.56 38.81 -10.58
CA THR D 574 -0.50 37.81 -10.44
C THR D 574 0.24 37.94 -9.12
N CYS D 575 0.05 39.04 -8.39
CA CYS D 575 0.73 39.25 -7.12
C CYS D 575 0.22 38.32 -6.03
N CYS D 576 -0.90 37.62 -6.24
CA CYS D 576 -1.56 36.87 -5.19
C CYS D 576 -1.74 35.43 -5.66
N PHE D 577 -1.20 34.48 -4.90
CA PHE D 577 -1.08 33.09 -5.35
C PHE D 577 -1.51 32.15 -4.23
N GLU D 578 -1.20 30.85 -4.40
CA GLU D 578 -1.79 29.79 -3.61
C GLU D 578 -0.80 28.89 -2.88
N CYS D 579 0.45 28.78 -3.35
CA CYS D 579 1.49 27.97 -2.71
C CYS D 579 1.10 26.48 -2.68
N VAL D 580 1.05 25.87 -3.88
CA VAL D 580 0.78 24.44 -4.02
C VAL D 580 2.07 23.66 -3.85
N GLU D 581 1.97 22.39 -3.44
CA GLU D 581 3.13 21.55 -3.20
C GLU D 581 3.55 20.80 -4.46
N CYS D 582 4.83 20.43 -4.51
CA CYS D 582 5.42 19.89 -5.74
C CYS D 582 4.97 18.46 -5.99
N PRO D 583 4.94 18.02 -7.26
CA PRO D 583 4.63 16.63 -7.55
C PRO D 583 5.68 15.68 -7.00
N ASP D 584 5.27 14.44 -6.80
CA ASP D 584 6.18 13.42 -6.30
C ASP D 584 7.31 13.16 -7.29
N GLY D 585 8.52 13.03 -6.78
CA GLY D 585 9.68 12.80 -7.61
C GLY D 585 10.35 14.04 -8.15
N GLU D 586 9.99 15.23 -7.65
CA GLU D 586 10.59 16.48 -8.06
C GLU D 586 10.99 17.26 -6.82
N TYR D 587 11.67 18.39 -7.03
CA TYR D 587 12.19 19.16 -5.91
C TYR D 587 12.22 20.64 -6.24
N SER D 588 12.33 21.45 -5.18
CA SER D 588 12.47 22.90 -5.31
C SER D 588 13.15 23.41 -4.04
N ASP D 589 14.08 24.36 -4.21
CA ASP D 589 14.97 24.77 -3.13
C ASP D 589 14.52 26.07 -2.45
N GLU D 590 14.45 27.16 -3.21
CA GLU D 590 14.30 28.49 -2.62
C GLU D 590 12.82 28.89 -2.55
N THR D 591 12.57 30.15 -2.24
CA THR D 591 11.22 30.68 -2.10
C THR D 591 10.70 31.19 -3.44
N ASP D 592 9.38 31.21 -3.55
CA ASP D 592 8.68 31.74 -4.72
C ASP D 592 9.15 31.05 -6.00
N ALA D 593 8.94 29.75 -6.05
CA ALA D 593 9.31 28.95 -7.21
C ALA D 593 8.17 28.91 -8.20
N SER D 594 8.45 29.32 -9.45
CA SER D 594 7.40 29.31 -10.46
C SER D 594 7.06 27.90 -10.92
N ALA D 595 7.98 26.96 -10.78
CA ALA D 595 7.73 25.58 -11.18
C ALA D 595 8.68 24.67 -10.44
N CYS D 596 8.31 23.38 -10.38
CA CYS D 596 9.08 22.37 -9.67
C CYS D 596 10.07 21.73 -10.64
N ASN D 597 11.36 21.82 -10.31
CA ASN D 597 12.39 21.28 -11.19
C ASN D 597 12.41 19.76 -11.09
N LYS D 598 12.61 19.11 -12.23
CA LYS D 598 12.77 17.65 -12.17
C LYS D 598 14.13 17.30 -11.55
N CYS D 599 14.33 16.02 -11.31
CA CYS D 599 15.53 15.52 -10.67
C CYS D 599 16.37 14.72 -11.67
N PRO D 600 17.70 14.80 -11.59
CA PRO D 600 18.55 14.04 -12.51
C PRO D 600 18.28 12.54 -12.45
N ASP D 601 18.66 11.85 -13.53
CA ASP D 601 18.32 10.44 -13.67
C ASP D 601 18.99 9.56 -12.62
N ASP D 602 20.07 10.02 -11.99
CA ASP D 602 20.78 9.25 -11.00
C ASP D 602 20.34 9.58 -9.57
N PHE D 603 19.19 10.22 -9.41
CA PHE D 603 18.70 10.63 -8.09
C PHE D 603 17.18 10.57 -8.06
N TRP D 604 16.64 10.54 -6.85
CA TRP D 604 15.23 10.65 -6.54
C TRP D 604 15.05 11.87 -5.64
N SER D 605 13.86 12.06 -5.07
CA SER D 605 13.56 13.31 -4.31
C SER D 605 13.19 13.06 -2.86
N ASN D 606 13.73 13.86 -1.94
CA ASN D 606 13.54 13.62 -0.48
C ASN D 606 12.05 13.51 -0.15
N GLU D 607 11.68 12.91 0.98
CA GLU D 607 10.24 12.89 1.38
C GLU D 607 9.75 14.33 1.30
N ASN D 608 10.28 15.20 2.15
CA ASN D 608 9.93 16.61 1.93
C ASN D 608 10.50 16.80 0.54
N HIS D 609 9.77 17.42 -0.36
CA HIS D 609 10.22 17.45 -1.77
C HIS D 609 11.31 18.50 -1.92
N THR D 610 11.86 18.98 -0.82
CA THR D 610 12.80 20.11 -0.88
C THR D 610 14.01 19.83 -1.74
N SER D 611 14.67 18.69 -1.59
CA SER D 611 15.93 18.51 -2.36
C SER D 611 16.17 17.07 -2.81
N CYS D 612 17.17 16.86 -3.68
CA CYS D 612 17.39 15.51 -4.26
C CYS D 612 18.47 14.77 -3.50
N ILE D 613 18.27 13.46 -3.31
CA ILE D 613 19.23 12.60 -2.58
C ILE D 613 19.65 11.48 -3.53
N ALA D 614 20.54 10.59 -3.09
CA ALA D 614 21.11 9.54 -3.92
C ALA D 614 20.19 8.32 -3.97
N LYS D 615 20.17 7.66 -5.13
CA LYS D 615 19.39 6.44 -5.30
C LYS D 615 20.06 5.29 -4.56
N GLU D 616 19.30 4.21 -4.38
CA GLU D 616 19.78 3.00 -3.74
C GLU D 616 19.95 1.91 -4.78
N ILE D 617 21.09 1.22 -4.75
CA ILE D 617 21.40 0.14 -5.67
C ILE D 617 21.30 -1.18 -4.90
N GLU D 618 20.56 -2.12 -5.46
CA GLU D 618 20.31 -3.41 -4.81
C GLU D 618 20.94 -4.53 -5.62
N PHE D 619 21.55 -5.48 -4.92
CA PHE D 619 22.17 -6.66 -5.49
C PHE D 619 22.50 -7.62 -4.36
N LEU D 620 22.53 -8.92 -4.68
CA LEU D 620 22.85 -9.93 -3.69
C LEU D 620 24.30 -9.76 -3.26
N SER D 621 24.50 -9.30 -2.03
CA SER D 621 25.82 -8.96 -1.52
C SER D 621 26.36 -10.08 -0.63
N TRP D 622 27.63 -9.93 -0.24
CA TRP D 622 28.30 -10.90 0.61
C TRP D 622 27.99 -10.70 2.09
N THR D 623 27.25 -9.65 2.46
CA THR D 623 26.91 -9.38 3.84
C THR D 623 25.43 -9.60 4.15
N GLU D 624 24.59 -9.81 3.14
CA GLU D 624 23.19 -10.09 3.39
C GLU D 624 23.05 -11.40 4.16
N PRO D 625 22.14 -11.47 5.13
CA PRO D 625 22.04 -12.70 5.94
C PRO D 625 21.69 -13.95 5.13
N PHE D 626 21.13 -13.80 3.93
CA PHE D 626 20.69 -14.91 3.12
C PHE D 626 21.78 -15.41 2.16
N GLY D 627 22.95 -14.77 2.14
CA GLY D 627 24.05 -15.21 1.33
C GLY D 627 25.12 -15.89 2.13
N ILE D 628 25.20 -15.59 3.43
CA ILE D 628 26.15 -16.26 4.30
C ILE D 628 25.86 -17.75 4.38
N ALA D 629 24.57 -18.11 4.39
CA ALA D 629 24.22 -19.53 4.39
C ALA D 629 24.71 -20.21 3.15
N LEU D 630 24.53 -19.57 2.00
CA LEU D 630 25.05 -20.13 0.76
C LEU D 630 26.59 -20.21 0.76
N THR D 631 27.25 -19.14 1.19
CA THR D 631 28.71 -19.21 1.27
C THR D 631 29.15 -20.33 2.22
N LEU D 632 28.55 -20.38 3.41
CA LEU D 632 28.90 -21.42 4.37
C LEU D 632 28.61 -22.82 3.84
N PHE D 633 27.46 -22.99 3.18
CA PHE D 633 27.13 -24.31 2.64
C PHE D 633 28.18 -24.73 1.64
N ALA D 634 28.53 -23.84 0.71
CA ALA D 634 29.47 -24.22 -0.34
C ALA D 634 30.80 -24.63 0.28
N VAL D 635 31.38 -23.75 1.09
CA VAL D 635 32.66 -24.04 1.73
C VAL D 635 32.65 -25.43 2.35
N LEU D 636 31.53 -25.80 2.97
CA LEU D 636 31.42 -27.15 3.51
C LEU D 636 31.55 -28.22 2.42
N GLY D 637 30.89 -28.00 1.28
CA GLY D 637 31.02 -28.95 0.18
C GLY D 637 32.45 -29.07 -0.34
N ILE D 638 33.14 -27.93 -0.44
CA ILE D 638 34.53 -27.92 -0.90
C ILE D 638 35.40 -28.73 0.06
N PHE D 639 35.21 -28.51 1.37
CA PHE D 639 35.98 -29.25 2.37
C PHE D 639 35.68 -30.74 2.29
N LEU D 640 34.42 -31.10 2.07
CA LEU D 640 34.05 -32.51 1.98
C LEU D 640 34.72 -33.18 0.79
N THR D 641 34.73 -32.50 -0.37
CA THR D 641 35.40 -33.05 -1.54
C THR D 641 36.90 -33.20 -1.29
N ALA D 642 37.52 -32.21 -0.64
CA ALA D 642 38.94 -32.32 -0.32
C ALA D 642 39.21 -33.53 0.59
N PHE D 643 38.35 -33.73 1.59
CA PHE D 643 38.52 -34.89 2.47
C PHE D 643 38.39 -36.21 1.71
N VAL D 644 37.41 -36.29 0.80
CA VAL D 644 37.20 -37.52 0.06
C VAL D 644 38.40 -37.85 -0.81
N LEU D 645 38.89 -36.84 -1.56
CA LEU D 645 40.07 -37.09 -2.36
C LEU D 645 41.24 -37.46 -1.48
N GLY D 646 41.24 -37.00 -0.22
CA GLY D 646 42.22 -37.45 0.74
C GLY D 646 42.23 -38.96 0.90
N VAL D 647 41.10 -39.51 1.34
CA VAL D 647 41.10 -40.95 1.64
C VAL D 647 41.46 -41.76 0.40
N PHE D 648 40.88 -41.42 -0.76
CA PHE D 648 41.19 -42.26 -1.93
C PHE D 648 42.66 -42.20 -2.35
N ILE D 649 43.30 -41.03 -2.31
CA ILE D 649 44.71 -41.01 -2.72
C ILE D 649 45.65 -41.35 -1.57
N LYS D 650 45.12 -41.57 -0.35
CA LYS D 650 45.93 -42.07 0.76
C LYS D 650 45.84 -43.59 0.89
N PHE D 651 44.62 -44.09 1.16
CA PHE D 651 44.37 -45.52 1.08
C PHE D 651 44.23 -45.87 -0.39
N ARG D 652 45.27 -45.56 -1.17
CA ARG D 652 45.27 -45.88 -2.59
C ARG D 652 45.75 -47.30 -2.87
N ASN D 653 46.47 -47.91 -1.94
CA ASN D 653 46.96 -49.27 -2.10
C ASN D 653 46.00 -50.29 -1.47
N THR D 654 44.73 -50.21 -1.85
CA THR D 654 43.71 -51.11 -1.36
C THR D 654 42.88 -51.65 -2.52
N PRO D 655 42.31 -52.84 -2.38
CA PRO D 655 41.51 -53.41 -3.47
C PRO D 655 40.29 -52.59 -3.85
N ILE D 656 39.66 -51.91 -2.90
CA ILE D 656 38.40 -51.22 -3.19
C ILE D 656 38.65 -50.04 -4.15
N VAL D 657 39.69 -49.25 -3.88
CA VAL D 657 39.96 -48.10 -4.75
C VAL D 657 40.49 -48.56 -6.11
N LYS D 658 41.33 -49.60 -6.11
CA LYS D 658 41.87 -50.11 -7.37
C LYS D 658 40.81 -50.83 -8.21
N ALA D 659 39.70 -51.24 -7.59
CA ALA D 659 38.64 -51.87 -8.36
C ALA D 659 38.04 -50.90 -9.37
N THR D 660 37.82 -49.66 -8.97
CA THR D 660 37.42 -48.61 -9.89
C THR D 660 38.64 -47.93 -10.48
N ASN D 661 38.42 -47.19 -11.56
CA ASN D 661 39.51 -46.48 -12.21
C ASN D 661 39.90 -45.26 -11.39
N ARG D 662 41.20 -45.14 -11.10
CA ARG D 662 41.67 -44.04 -10.26
C ARG D 662 41.66 -42.72 -11.01
N GLU D 663 42.08 -42.73 -12.28
CA GLU D 663 42.13 -41.48 -13.05
C GLU D 663 40.75 -40.87 -13.23
N LEU D 664 39.75 -41.70 -13.53
CA LEU D 664 38.39 -41.19 -13.67
C LEU D 664 37.87 -40.65 -12.35
N SER D 665 38.22 -41.30 -11.24
CA SER D 665 37.82 -40.79 -9.93
C SER D 665 38.45 -39.44 -9.66
N TYR D 666 39.73 -39.27 -9.99
CA TYR D 666 40.38 -37.97 -9.82
C TYR D 666 39.72 -36.90 -10.68
N LEU D 667 39.40 -37.23 -11.93
CA LEU D 667 38.73 -36.27 -12.80
C LEU D 667 37.36 -35.87 -12.25
N LEU D 668 36.60 -36.86 -11.78
CA LEU D 668 35.28 -36.57 -11.23
C LEU D 668 35.38 -35.70 -9.98
N LEU D 669 36.34 -36.00 -9.11
CA LEU D 669 36.52 -35.18 -7.91
C LEU D 669 36.93 -33.75 -8.27
N PHE D 670 37.78 -33.60 -9.28
CA PHE D 670 38.16 -32.25 -9.73
C PHE D 670 36.95 -31.48 -10.27
N SER D 671 36.11 -32.16 -11.06
CA SER D 671 34.91 -31.50 -11.59
C SER D 671 33.97 -31.09 -10.45
N LEU D 672 33.77 -31.98 -9.48
CA LEU D 672 32.92 -31.65 -8.35
C LEU D 672 33.49 -30.48 -7.55
N LEU D 673 34.81 -30.44 -7.38
CA LEU D 673 35.41 -29.30 -6.67
C LEU D 673 35.15 -28.00 -7.42
N CYS D 674 35.17 -28.06 -8.75
CA CYS D 674 34.86 -26.82 -9.44
C CYS D 674 33.36 -26.44 -9.39
N CYS D 675 32.41 -27.37 -9.25
CA CYS D 675 31.00 -26.93 -9.26
C CYS D 675 30.64 -26.05 -8.06
N PHE D 676 30.96 -26.52 -6.84
CA PHE D 676 30.74 -25.73 -5.63
C PHE D 676 31.48 -24.39 -5.71
N SER D 677 32.77 -24.45 -6.11
CA SER D 677 33.47 -23.18 -6.25
C SER D 677 32.81 -22.31 -7.31
N SER D 678 32.26 -22.91 -8.37
CA SER D 678 31.61 -22.11 -9.41
C SER D 678 30.46 -21.34 -8.83
N SER D 679 29.68 -22.00 -7.97
CA SER D 679 28.55 -21.32 -7.37
C SER D 679 29.01 -20.06 -6.69
N LEU D 680 30.17 -20.13 -6.05
CA LEU D 680 30.69 -18.86 -5.51
C LEU D 680 30.78 -17.76 -6.57
N PHE D 681 30.79 -18.10 -7.86
CA PHE D 681 30.84 -17.05 -8.86
C PHE D 681 29.51 -16.36 -9.08
N PHE D 682 28.44 -16.77 -8.40
CA PHE D 682 27.11 -16.21 -8.62
C PHE D 682 26.68 -15.22 -7.55
N ILE D 683 27.58 -14.82 -6.65
CA ILE D 683 27.25 -13.93 -5.54
C ILE D 683 28.16 -12.72 -5.60
N GLY D 684 27.57 -11.52 -5.49
CA GLY D 684 28.32 -10.29 -5.41
C GLY D 684 27.86 -9.31 -6.46
N GLU D 685 28.60 -8.22 -6.59
CA GLU D 685 28.30 -7.15 -7.52
C GLU D 685 28.63 -7.61 -8.95
N PRO D 686 27.64 -7.73 -9.85
CA PRO D 686 27.94 -8.26 -11.18
C PRO D 686 28.85 -7.33 -11.96
N GLN D 687 30.00 -7.86 -12.36
CA GLN D 687 30.95 -7.13 -13.19
C GLN D 687 30.76 -7.55 -14.64
N ASP D 688 31.61 -6.98 -15.52
CA ASP D 688 31.48 -7.26 -16.95
C ASP D 688 31.86 -8.70 -17.27
N TRP D 689 32.99 -9.17 -16.74
CA TRP D 689 33.48 -10.50 -17.09
C TRP D 689 32.73 -11.60 -16.36
N THR D 690 32.21 -11.32 -15.16
CA THR D 690 31.49 -12.35 -14.40
C THR D 690 30.24 -12.81 -15.14
N CYS D 691 29.53 -11.88 -15.78
CA CYS D 691 28.31 -12.27 -16.50
C CYS D 691 28.64 -13.23 -17.63
N ARG D 692 29.84 -13.13 -18.20
CA ARG D 692 30.26 -14.07 -19.25
C ARG D 692 30.64 -15.42 -18.69
N LEU D 693 31.25 -15.46 -17.51
CA LEU D 693 31.73 -16.71 -16.92
C LEU D 693 30.69 -17.40 -16.05
N ARG D 694 29.51 -16.83 -15.89
CA ARG D 694 28.50 -17.41 -15.01
C ARG D 694 28.08 -18.80 -15.50
N GLN D 695 27.49 -18.87 -16.68
CA GLN D 695 26.92 -20.12 -17.18
C GLN D 695 27.97 -21.10 -17.70
N PRO D 696 28.88 -20.69 -18.59
CA PRO D 696 29.76 -21.70 -19.23
C PRO D 696 30.62 -22.48 -18.27
N ALA D 697 31.06 -21.88 -17.16
CA ALA D 697 31.88 -22.62 -16.21
C ALA D 697 31.13 -23.80 -15.61
N PHE D 698 29.92 -23.56 -15.11
CA PHE D 698 29.12 -24.64 -14.57
C PHE D 698 28.77 -25.65 -15.65
N GLY D 699 28.44 -25.18 -16.85
CA GLY D 699 28.12 -26.10 -17.93
C GLY D 699 29.26 -27.04 -18.24
N ILE D 700 30.47 -26.50 -18.35
CA ILE D 700 31.64 -27.31 -18.67
C ILE D 700 31.93 -28.30 -17.54
N SER D 701 31.89 -27.84 -16.29
CA SER D 701 32.17 -28.72 -15.17
C SER D 701 31.16 -29.86 -15.11
N PHE D 702 29.88 -29.56 -15.31
CA PHE D 702 28.85 -30.58 -15.23
C PHE D 702 28.95 -31.56 -16.39
N VAL D 703 29.27 -31.07 -17.59
CA VAL D 703 29.47 -31.97 -18.71
C VAL D 703 30.64 -32.90 -18.45
N LEU D 704 31.73 -32.37 -17.87
CA LEU D 704 32.88 -33.22 -17.55
C LEU D 704 32.53 -34.31 -16.54
N CYS D 705 31.82 -33.92 -15.47
CA CYS D 705 31.48 -34.91 -14.45
C CYS D 705 30.52 -35.96 -15.01
N ILE D 706 29.53 -35.55 -15.81
CA ILE D 706 28.60 -36.52 -16.39
C ILE D 706 29.33 -37.47 -17.35
N SER D 707 30.26 -36.94 -18.12
CA SER D 707 31.01 -37.78 -19.03
C SER D 707 31.82 -38.86 -18.32
N CYS D 708 32.35 -38.60 -17.12
CA CYS D 708 33.06 -39.69 -16.46
C CYS D 708 32.11 -40.85 -16.14
N ILE D 709 30.92 -40.56 -15.59
CA ILE D 709 29.98 -41.62 -15.22
C ILE D 709 29.56 -42.41 -16.46
N LEU D 710 29.44 -41.73 -17.60
CA LEU D 710 29.03 -42.41 -18.82
C LEU D 710 30.08 -43.43 -19.26
N VAL D 711 31.36 -43.03 -19.24
CA VAL D 711 32.43 -43.93 -19.66
C VAL D 711 32.55 -45.09 -18.69
N LYS D 712 31.82 -45.02 -17.56
CA LYS D 712 31.97 -46.07 -16.55
C LYS D 712 30.75 -47.00 -16.31
N THR D 713 29.66 -46.92 -17.08
CA THR D 713 28.43 -47.67 -16.72
C THR D 713 28.36 -49.06 -17.32
N ASN D 714 29.02 -50.01 -16.63
CA ASN D 714 28.97 -51.46 -16.85
C ASN D 714 29.72 -51.97 -18.09
N ARG D 715 30.40 -51.09 -18.81
CA ARG D 715 31.32 -51.42 -19.90
C ARG D 715 30.60 -51.94 -21.13
N VAL D 716 29.28 -52.13 -21.07
CA VAL D 716 28.55 -52.41 -22.29
C VAL D 716 28.73 -51.24 -23.26
N LEU D 717 28.72 -50.02 -22.71
CA LEU D 717 29.03 -48.85 -23.53
C LEU D 717 30.45 -48.93 -24.07
N LEU D 718 31.38 -49.42 -23.27
CA LEU D 718 32.78 -49.45 -23.65
C LEU D 718 33.19 -50.71 -24.41
N VAL D 719 32.29 -51.69 -24.56
CA VAL D 719 32.67 -52.96 -25.17
C VAL D 719 33.12 -52.73 -26.61
N PHE D 720 32.35 -51.93 -27.36
CA PHE D 720 32.71 -51.59 -28.73
C PHE D 720 34.05 -50.88 -28.77
N GLU D 721 34.31 -50.07 -27.73
CA GLU D 721 35.49 -49.21 -27.58
C GLU D 721 35.21 -47.91 -28.32
N ASN D 736 44.09 -43.69 -22.65
CA ASN D 736 43.58 -44.73 -23.55
C ASN D 736 42.34 -44.24 -24.30
N LEU D 737 41.37 -45.13 -24.47
CA LEU D 737 40.14 -44.75 -25.16
C LEU D 737 39.22 -43.92 -24.28
N GLN D 738 39.23 -44.16 -22.97
CA GLN D 738 38.35 -43.44 -22.06
C GLN D 738 38.65 -41.95 -22.08
N PHE D 739 39.94 -41.58 -22.04
CA PHE D 739 40.30 -40.17 -22.06
C PHE D 739 39.87 -39.52 -23.37
N LEU D 740 40.04 -40.22 -24.49
CA LEU D 740 39.62 -39.69 -25.77
C LEU D 740 38.11 -39.45 -25.81
N LEU D 741 37.33 -40.40 -25.27
CA LEU D 741 35.88 -40.24 -25.27
C LEU D 741 35.46 -39.07 -24.36
N VAL D 742 36.10 -38.93 -23.20
CA VAL D 742 35.77 -37.82 -22.32
C VAL D 742 36.11 -36.49 -22.99
N PHE D 743 37.27 -36.42 -23.65
CA PHE D 743 37.66 -35.20 -24.35
C PHE D 743 36.68 -34.87 -25.47
N LEU D 744 36.24 -35.88 -26.22
CA LEU D 744 35.27 -35.64 -27.27
C LEU D 744 33.94 -35.16 -26.70
N CYS D 745 33.53 -35.71 -25.56
CA CYS D 745 32.29 -35.26 -24.93
C CYS D 745 32.38 -33.81 -24.48
N THR D 746 33.51 -33.42 -23.89
CA THR D 746 33.66 -32.06 -23.40
C THR D 746 33.88 -31.05 -24.53
N PHE D 747 34.46 -31.49 -25.64
CA PHE D 747 34.85 -30.55 -26.69
C PHE D 747 33.64 -29.90 -27.36
N MET D 748 32.50 -30.59 -27.44
CA MET D 748 31.32 -30.01 -28.11
C MET D 748 30.70 -28.88 -27.27
N GLN D 749 30.79 -29.00 -25.95
CA GLN D 749 30.40 -27.90 -25.07
C GLN D 749 31.42 -26.77 -25.11
N ILE D 750 32.71 -27.10 -25.17
CA ILE D 750 33.73 -26.05 -25.28
C ILE D 750 33.51 -25.24 -26.56
N VAL D 751 33.24 -25.92 -27.66
CA VAL D 751 33.05 -25.26 -28.94
C VAL D 751 31.83 -24.35 -28.90
N ILE D 752 30.70 -24.85 -28.37
CA ILE D 752 29.52 -24.02 -28.36
C ILE D 752 29.74 -22.79 -27.48
N CYS D 753 30.48 -22.94 -26.38
CA CYS D 753 30.78 -21.74 -25.61
C CYS D 753 31.54 -20.72 -26.45
N VAL D 754 32.51 -21.16 -27.24
CA VAL D 754 33.35 -20.18 -27.93
C VAL D 754 32.58 -19.45 -29.02
N ILE D 755 31.91 -20.17 -29.91
CA ILE D 755 31.19 -19.42 -30.94
C ILE D 755 30.32 -18.39 -30.23
N TRP D 756 29.72 -18.76 -29.10
CA TRP D 756 28.86 -17.82 -28.38
C TRP D 756 29.60 -16.58 -27.86
N LEU D 757 30.76 -16.76 -27.23
CA LEU D 757 31.42 -15.57 -26.69
C LEU D 757 31.79 -14.61 -27.82
N TYR D 758 32.20 -15.14 -28.98
CA TYR D 758 32.45 -14.23 -30.10
C TYR D 758 31.19 -13.49 -30.51
N THR D 759 30.11 -14.23 -30.77
CA THR D 759 28.98 -13.60 -31.45
C THR D 759 28.10 -12.78 -30.50
N ALA D 760 28.17 -12.98 -29.18
CA ALA D 760 27.46 -12.03 -28.28
C ALA D 760 27.86 -12.16 -26.81
N PRO D 761 28.90 -11.46 -26.29
CA PRO D 761 29.27 -11.68 -24.88
C PRO D 761 28.23 -11.10 -23.93
N PRO D 762 28.06 -11.67 -22.75
CA PRO D 762 27.21 -11.02 -21.74
C PRO D 762 27.93 -9.87 -21.04
N SER D 763 27.12 -8.97 -20.48
CA SER D 763 27.66 -7.82 -19.75
C SER D 763 26.57 -7.27 -18.83
N SER D 764 26.96 -6.31 -18.00
CA SER D 764 26.04 -5.71 -17.04
C SER D 764 24.98 -4.89 -17.78
N TYR D 765 23.89 -4.60 -17.06
CA TYR D 765 22.74 -3.92 -17.63
C TYR D 765 22.38 -2.64 -16.90
N ARG D 766 22.48 -2.61 -15.57
CA ARG D 766 22.10 -1.46 -14.75
C ARG D 766 20.65 -1.04 -15.04
N ASN D 767 19.73 -1.95 -14.75
CA ASN D 767 18.32 -1.73 -15.06
C ASN D 767 17.77 -0.60 -14.21
N GLN D 768 16.88 0.19 -14.81
CA GLN D 768 16.20 1.26 -14.09
C GLN D 768 14.70 1.23 -14.32
N GLU D 769 14.18 0.09 -14.78
CA GLU D 769 12.76 -0.04 -15.12
C GLU D 769 12.01 -0.99 -14.20
N LEU D 770 12.58 -1.38 -13.07
CA LEU D 770 11.85 -2.19 -12.10
C LEU D 770 11.31 -1.37 -10.93
N GLU D 771 12.18 -0.65 -10.24
CA GLU D 771 11.79 0.25 -9.16
C GLU D 771 12.31 1.64 -9.49
N ASP D 772 11.43 2.63 -9.46
CA ASP D 772 11.87 3.97 -9.83
C ASP D 772 12.97 4.45 -8.89
N GLU D 773 12.78 4.24 -7.58
CA GLU D 773 13.77 4.66 -6.59
C GLU D 773 15.01 3.77 -6.55
N ILE D 774 14.89 2.48 -6.86
CA ILE D 774 15.97 1.51 -6.69
C ILE D 774 16.57 1.11 -8.03
N ILE D 775 17.90 1.13 -8.13
CA ILE D 775 18.59 0.71 -9.34
C ILE D 775 18.97 -0.76 -9.22
N PHE D 776 18.67 -1.54 -10.25
CA PHE D 776 18.93 -2.98 -10.27
C PHE D 776 20.11 -3.28 -11.18
N ILE D 777 21.07 -4.05 -10.66
CA ILE D 777 22.25 -4.47 -11.42
C ILE D 777 22.06 -5.95 -11.76
N THR D 778 22.14 -6.28 -13.04
CA THR D 778 21.79 -7.63 -13.51
C THR D 778 22.74 -7.98 -14.66
N CYS D 779 22.55 -9.16 -15.25
CA CYS D 779 23.32 -9.55 -16.42
C CYS D 779 22.38 -9.75 -17.60
N HIS D 780 22.81 -9.35 -18.78
CA HIS D 780 22.07 -9.59 -20.01
C HIS D 780 22.68 -10.82 -20.68
N GLU D 781 21.90 -11.88 -20.82
CA GLU D 781 22.48 -13.15 -21.24
C GLU D 781 22.68 -13.26 -22.75
N GLY D 782 23.34 -12.27 -23.36
CA GLY D 782 23.64 -12.33 -24.78
C GLY D 782 22.48 -12.76 -25.66
N SER D 783 22.62 -13.93 -26.28
CA SER D 783 21.57 -14.54 -27.09
C SER D 783 20.95 -15.70 -26.33
N LEU D 784 19.86 -16.24 -26.90
CA LEU D 784 19.15 -17.35 -26.28
C LEU D 784 19.39 -18.69 -26.96
N MET D 785 19.75 -18.70 -28.24
CA MET D 785 19.99 -19.96 -28.95
C MET D 785 21.14 -20.73 -28.31
N ALA D 786 22.22 -20.02 -27.98
CA ALA D 786 23.38 -20.69 -27.37
C ALA D 786 23.02 -21.30 -26.03
N LEU D 787 22.30 -20.56 -25.18
CA LEU D 787 21.88 -21.10 -23.89
C LEU D 787 20.97 -22.31 -24.06
N GLY D 788 20.02 -22.22 -24.99
CA GLY D 788 19.14 -23.34 -25.24
C GLY D 788 19.88 -24.58 -25.68
N PHE D 789 20.85 -24.41 -26.59
CA PHE D 789 21.65 -25.55 -27.04
C PHE D 789 22.49 -26.13 -25.90
N LEU D 790 23.05 -25.26 -25.05
CA LEU D 790 23.84 -25.75 -23.93
C LEU D 790 22.98 -26.59 -22.99
N ILE D 791 21.79 -26.09 -22.64
CA ILE D 791 20.89 -26.85 -21.78
C ILE D 791 20.49 -28.16 -22.45
N GLY D 792 20.17 -28.11 -23.73
CA GLY D 792 19.75 -29.31 -24.43
C GLY D 792 20.83 -30.38 -24.44
N TYR D 793 22.07 -30.00 -24.68
CA TYR D 793 23.15 -30.98 -24.69
C TYR D 793 23.41 -31.54 -23.30
N THR D 794 23.45 -30.66 -22.29
CA THR D 794 23.68 -31.14 -20.92
C THR D 794 22.57 -32.06 -20.43
N CYS D 795 21.35 -31.90 -20.94
CA CYS D 795 20.27 -32.80 -20.57
C CYS D 795 20.28 -34.09 -21.40
N LEU D 796 20.63 -33.99 -22.69
CA LEU D 796 20.63 -35.17 -23.56
C LEU D 796 21.72 -36.18 -23.16
N LEU D 797 22.89 -35.67 -22.75
CA LEU D 797 23.91 -36.58 -22.25
C LEU D 797 23.45 -37.31 -21.00
N ALA D 798 22.84 -36.57 -20.06
CA ALA D 798 22.37 -37.17 -18.82
C ALA D 798 21.26 -38.18 -19.07
N ALA D 799 20.42 -37.94 -20.08
CA ALA D 799 19.37 -38.89 -20.41
C ALA D 799 19.96 -40.24 -20.84
N ILE D 800 20.97 -40.20 -21.71
CA ILE D 800 21.60 -41.45 -22.13
C ILE D 800 22.27 -42.16 -20.95
N CYS D 801 22.98 -41.40 -20.11
CA CYS D 801 23.65 -42.00 -18.95
C CYS D 801 22.64 -42.67 -18.04
N PHE D 802 21.53 -41.99 -17.77
CA PHE D 802 20.50 -42.57 -16.94
C PHE D 802 19.90 -43.83 -17.55
N PHE D 803 19.82 -43.91 -18.90
CA PHE D 803 19.14 -45.08 -19.45
C PHE D 803 19.99 -46.32 -19.40
N PHE D 804 21.23 -46.25 -19.93
CA PHE D 804 22.03 -47.47 -19.86
C PHE D 804 22.12 -47.92 -18.42
N ALA D 805 22.25 -46.98 -17.47
CA ALA D 805 22.42 -47.46 -16.08
C ALA D 805 21.15 -48.12 -15.54
N PHE D 806 19.96 -47.55 -15.79
CA PHE D 806 18.74 -48.29 -15.50
C PHE D 806 18.87 -49.69 -16.04
N LYS D 807 19.29 -49.75 -17.31
CA LYS D 807 19.37 -51.01 -18.01
C LYS D 807 20.27 -51.94 -17.25
N SER D 808 21.37 -51.42 -16.71
CA SER D 808 22.34 -52.23 -15.96
C SER D 808 22.21 -52.02 -14.46
N ARG D 809 20.98 -51.79 -13.98
CA ARG D 809 20.79 -51.46 -12.58
C ARG D 809 20.92 -52.66 -11.65
N LYS D 810 20.66 -53.87 -12.14
CA LYS D 810 20.59 -55.05 -11.28
C LYS D 810 21.90 -55.80 -11.17
N LEU D 811 22.98 -55.31 -11.79
CA LEU D 811 24.27 -55.99 -11.71
C LEU D 811 25.02 -55.52 -10.48
N PRO D 812 25.34 -56.39 -9.53
CA PRO D 812 26.02 -55.99 -8.29
C PRO D 812 27.53 -55.86 -8.44
N GLU D 813 27.95 -54.88 -9.23
CA GLU D 813 29.37 -54.60 -9.44
C GLU D 813 29.75 -53.39 -8.60
N ASN D 814 30.75 -53.57 -7.74
CA ASN D 814 31.23 -52.52 -6.83
C ASN D 814 30.07 -51.97 -5.99
N PHE D 815 29.48 -52.86 -5.19
CA PHE D 815 28.41 -52.52 -4.26
C PHE D 815 27.22 -51.89 -4.99
N ASN D 816 26.91 -52.42 -6.18
CA ASN D 816 25.77 -51.97 -6.98
C ASN D 816 25.84 -50.48 -7.27
N GLU D 817 26.90 -50.09 -7.96
CA GLU D 817 27.17 -48.66 -8.18
C GLU D 817 26.24 -48.07 -9.24
N ALA D 818 25.72 -48.89 -10.15
CA ALA D 818 24.85 -48.38 -11.20
C ALA D 818 23.55 -47.82 -10.63
N LYS D 819 23.00 -48.48 -9.60
CA LYS D 819 21.78 -48.01 -8.97
C LYS D 819 21.97 -46.61 -8.38
N PHE D 820 23.13 -46.36 -7.76
CA PHE D 820 23.39 -45.04 -7.22
C PHE D 820 23.52 -44.01 -8.33
N ILE D 821 24.07 -44.40 -9.49
CA ILE D 821 24.17 -43.48 -10.62
C ILE D 821 22.79 -43.09 -11.11
N THR D 822 21.88 -44.07 -11.25
CA THR D 822 20.54 -43.72 -11.70
C THR D 822 19.79 -42.91 -10.64
N PHE D 823 20.07 -43.15 -9.36
CA PHE D 823 19.49 -42.30 -8.30
C PHE D 823 19.97 -40.87 -8.45
N SER D 824 21.27 -40.66 -8.71
CA SER D 824 21.79 -39.31 -8.88
C SER D 824 21.17 -38.63 -10.09
N MET D 825 21.03 -39.36 -11.20
CA MET D 825 20.41 -38.77 -12.38
C MET D 825 18.96 -38.38 -12.12
N LEU D 826 18.22 -39.22 -11.39
CA LEU D 826 16.85 -38.87 -11.04
C LEU D 826 16.81 -37.64 -10.15
N ILE D 827 17.74 -37.54 -9.20
CA ILE D 827 17.80 -36.36 -8.33
C ILE D 827 18.04 -35.11 -9.15
N PHE D 828 18.97 -35.19 -10.11
CA PHE D 828 19.27 -34.05 -10.97
C PHE D 828 18.05 -33.61 -11.76
N PHE D 829 17.33 -34.56 -12.35
CA PHE D 829 16.11 -34.14 -13.07
C PHE D 829 15.14 -33.48 -12.10
N ILE D 830 14.80 -34.12 -10.99
CA ILE D 830 13.79 -33.53 -10.12
C ILE D 830 14.18 -32.12 -9.74
N VAL D 831 15.46 -31.91 -9.41
CA VAL D 831 15.92 -30.60 -8.99
C VAL D 831 15.71 -29.58 -10.11
N TRP D 832 16.09 -29.92 -11.34
CA TRP D 832 15.96 -28.90 -12.40
C TRP D 832 14.57 -28.81 -13.04
N ILE D 833 13.75 -29.86 -13.07
CA ILE D 833 12.36 -29.66 -13.50
C ILE D 833 11.66 -28.65 -12.59
N SER D 834 12.01 -28.66 -11.29
CA SER D 834 11.48 -27.66 -10.32
C SER D 834 12.07 -26.28 -10.49
N PHE D 835 13.33 -26.19 -10.88
CA PHE D 835 13.86 -24.86 -11.14
C PHE D 835 12.93 -24.08 -12.06
N ILE D 836 12.08 -24.73 -12.85
CA ILE D 836 11.39 -23.88 -13.80
C ILE D 836 10.51 -22.91 -13.02
N PRO D 837 9.44 -23.31 -12.31
CA PRO D 837 8.58 -22.26 -11.74
C PRO D 837 9.24 -21.37 -10.67
N ALA D 838 10.22 -21.86 -9.90
CA ALA D 838 10.81 -20.99 -8.88
C ALA D 838 11.35 -19.71 -9.51
N TYR D 839 12.25 -19.86 -10.49
CA TYR D 839 12.89 -18.70 -11.15
C TYR D 839 11.86 -17.91 -11.93
N ALA D 840 10.87 -18.59 -12.49
CA ALA D 840 9.89 -17.91 -13.36
C ALA D 840 9.02 -16.95 -12.55
N SER D 841 9.13 -16.96 -11.22
CA SER D 841 8.25 -16.12 -10.40
C SER D 841 9.04 -15.41 -9.32
N THR D 842 10.38 -15.39 -9.38
CA THR D 842 11.10 -14.57 -8.42
C THR D 842 11.61 -13.32 -9.14
N TYR D 843 11.16 -12.18 -8.65
CA TYR D 843 11.47 -10.94 -9.34
C TYR D 843 12.28 -10.04 -8.41
N GLY D 844 13.55 -9.86 -8.72
CA GLY D 844 14.39 -9.06 -7.85
C GLY D 844 15.80 -9.61 -7.76
N LYS D 845 16.33 -9.67 -6.54
CA LYS D 845 17.69 -10.14 -6.30
C LYS D 845 17.73 -11.55 -5.72
N PHE D 846 16.78 -12.40 -6.11
CA PHE D 846 16.79 -13.79 -5.65
C PHE D 846 16.94 -14.81 -6.79
N VAL D 847 17.07 -14.34 -8.04
CA VAL D 847 17.35 -15.27 -9.13
C VAL D 847 18.71 -15.94 -8.92
N SER D 848 19.70 -15.16 -8.48
CA SER D 848 21.01 -15.73 -8.16
C SER D 848 20.88 -16.75 -7.04
N ALA D 849 20.04 -16.46 -6.04
CA ALA D 849 19.81 -17.40 -4.95
C ALA D 849 19.22 -18.70 -5.46
N VAL D 850 18.23 -18.62 -6.35
CA VAL D 850 17.61 -19.84 -6.89
C VAL D 850 18.64 -20.66 -7.65
N GLU D 851 19.43 -19.99 -8.50
CA GLU D 851 20.44 -20.71 -9.28
C GLU D 851 21.46 -21.38 -8.37
N VAL D 852 21.93 -20.67 -7.34
CA VAL D 852 22.92 -21.22 -6.41
C VAL D 852 22.34 -22.43 -5.69
N ILE D 853 21.09 -22.32 -5.24
CA ILE D 853 20.45 -23.43 -4.52
C ILE D 853 20.38 -24.66 -5.41
N ALA D 854 19.96 -24.48 -6.67
CA ALA D 854 19.84 -25.62 -7.57
C ALA D 854 21.20 -26.28 -7.82
N ILE D 855 22.23 -25.46 -8.07
CA ILE D 855 23.55 -25.99 -8.38
C ILE D 855 24.10 -26.77 -7.19
N LEU D 856 23.96 -26.19 -5.98
CA LEU D 856 24.47 -26.85 -4.79
C LEU D 856 23.77 -28.19 -4.56
N ALA D 857 22.44 -28.23 -4.77
CA ALA D 857 21.71 -29.48 -4.52
C ALA D 857 22.28 -30.59 -5.41
N ALA D 858 22.35 -30.35 -6.72
CA ALA D 858 22.72 -31.43 -7.64
C ALA D 858 24.19 -31.84 -7.51
N SER D 859 25.06 -30.89 -7.16
CA SER D 859 26.44 -31.28 -6.93
C SER D 859 26.55 -32.26 -5.76
N PHE D 860 25.91 -31.94 -4.63
CA PHE D 860 25.87 -32.90 -3.53
C PHE D 860 25.23 -34.20 -4.01
N GLY D 861 24.23 -34.09 -4.90
CA GLY D 861 23.58 -35.28 -5.42
C GLY D 861 24.53 -36.23 -6.11
N LEU D 862 25.42 -35.70 -6.96
CA LEU D 862 26.40 -36.61 -7.57
C LEU D 862 27.46 -37.06 -6.57
N LEU D 863 27.91 -36.17 -5.66
CA LEU D 863 29.00 -36.58 -4.78
C LEU D 863 28.56 -37.68 -3.81
N ALA D 864 27.39 -37.49 -3.17
CA ALA D 864 26.93 -38.33 -2.06
C ALA D 864 26.63 -39.74 -2.52
N CYS D 865 25.78 -39.84 -3.52
CA CYS D 865 25.33 -41.12 -4.03
C CYS D 865 26.51 -41.98 -4.38
N ILE D 866 27.39 -41.42 -5.19
CA ILE D 866 28.47 -42.22 -5.74
C ILE D 866 29.60 -42.35 -4.77
N PHE D 867 29.70 -41.52 -3.75
CA PHE D 867 30.93 -41.67 -3.01
C PHE D 867 30.74 -42.15 -1.59
N PHE D 868 29.64 -41.80 -0.91
CA PHE D 868 29.63 -41.99 0.54
C PHE D 868 29.61 -43.47 0.95
N ASN D 869 28.94 -44.33 0.20
CA ASN D 869 28.99 -45.74 0.57
C ASN D 869 30.43 -46.27 0.57
N LYS D 870 31.16 -46.04 -0.53
CA LYS D 870 32.54 -46.49 -0.59
C LYS D 870 33.43 -45.77 0.41
N ILE D 871 33.14 -44.49 0.70
CA ILE D 871 33.89 -43.77 1.72
C ILE D 871 33.71 -44.46 3.07
N TYR D 872 32.49 -44.87 3.40
CA TYR D 872 32.26 -45.60 4.64
C TYR D 872 32.99 -46.94 4.63
N ILE D 873 32.95 -47.65 3.50
CA ILE D 873 33.55 -48.98 3.45
C ILE D 873 35.06 -48.90 3.64
N ILE D 874 35.71 -47.93 2.99
CA ILE D 874 37.17 -47.85 3.08
C ILE D 874 37.60 -47.41 4.49
N LEU D 875 36.87 -46.46 5.08
CA LEU D 875 37.29 -45.90 6.36
C LEU D 875 37.03 -46.83 7.53
N PHE D 876 35.94 -47.60 7.49
CA PHE D 876 35.55 -48.46 8.61
C PHE D 876 35.30 -49.87 8.10
N LYS D 877 35.39 -50.84 9.01
CA LYS D 877 35.20 -52.26 8.67
C LYS D 877 36.19 -52.71 7.62
N PRO D 878 37.52 -52.76 7.90
CA PRO D 878 38.44 -53.29 6.88
C PRO D 878 38.35 -54.80 6.76
N SER D 879 37.24 -55.29 6.21
CA SER D 879 37.02 -56.73 6.09
C SER D 879 36.71 -57.19 4.68
N ARG D 880 36.68 -56.29 3.70
CA ARG D 880 36.40 -56.63 2.31
C ARG D 880 37.66 -56.39 1.48
N ASN D 881 38.21 -57.47 0.93
CA ASN D 881 39.45 -57.39 0.14
C ASN D 881 39.36 -58.42 -0.98
N THR D 882 39.06 -57.96 -2.20
CA THR D 882 38.96 -58.81 -3.38
C THR D 882 37.97 -59.93 -3.20
N ILE D 883 36.95 -59.73 -2.36
CA ILE D 883 35.92 -60.73 -2.15
C ILE D 883 34.57 -60.13 -2.49
N GLU D 884 34.19 -59.08 -1.77
CA GLU D 884 32.95 -58.36 -2.03
C GLU D 884 33.13 -57.20 -3.01
N GLU D 885 34.36 -56.94 -3.45
CA GLU D 885 34.63 -55.83 -4.35
C GLU D 885 34.48 -56.27 -5.81
N LYS E 10 4.00 -60.00 62.36
CA LYS E 10 3.96 -59.51 60.99
C LYS E 10 4.45 -60.57 60.03
N ALA E 11 4.34 -61.83 60.46
CA ALA E 11 4.96 -62.93 59.73
C ALA E 11 4.29 -63.16 58.38
N ALA E 12 2.95 -63.25 58.37
CA ALA E 12 2.24 -63.69 57.18
C ALA E 12 2.46 -62.73 56.02
N VAL E 13 2.31 -61.42 56.29
CA VAL E 13 2.40 -60.44 55.20
C VAL E 13 3.82 -60.41 54.62
N GLU E 14 4.84 -60.42 55.47
CA GLU E 14 6.22 -60.37 54.98
C GLU E 14 6.56 -61.63 54.18
N ARG E 15 6.19 -62.80 54.71
CA ARG E 15 6.48 -64.04 53.99
C ARG E 15 5.78 -64.06 52.65
N SER E 16 4.50 -63.68 52.61
CA SER E 16 3.76 -63.68 51.36
C SER E 16 4.34 -62.69 50.37
N LYS E 17 4.68 -61.49 50.82
CA LYS E 17 5.22 -60.48 49.92
C LYS E 17 6.56 -60.93 49.33
N MET E 18 7.45 -61.46 50.18
CA MET E 18 8.74 -61.90 49.68
C MET E 18 8.58 -63.05 48.69
N ILE E 19 7.71 -64.01 49.00
CA ILE E 19 7.53 -65.15 48.10
C ILE E 19 6.94 -64.68 46.77
N ASP E 20 5.96 -63.79 46.80
CA ASP E 20 5.36 -63.30 45.57
C ASP E 20 6.39 -62.53 44.74
N ARG E 21 7.21 -61.70 45.39
CA ARG E 21 8.22 -60.94 44.65
C ARG E 21 9.23 -61.88 43.99
N ASN E 22 9.71 -62.88 44.72
CA ASN E 22 10.67 -63.81 44.15
C ASN E 22 10.05 -64.60 43.00
N LEU E 23 8.80 -65.04 43.17
CA LEU E 23 8.14 -65.80 42.11
C LEU E 23 7.94 -64.95 40.86
N ARG E 24 7.55 -63.69 41.03
CA ARG E 24 7.38 -62.81 39.88
C ARG E 24 8.71 -62.54 39.19
N ARG E 25 9.77 -62.37 39.96
CA ARG E 25 11.09 -62.18 39.36
C ARG E 25 11.51 -63.40 38.56
N ASP E 26 11.27 -64.60 39.09
CA ASP E 26 11.59 -65.82 38.37
C ASP E 26 10.76 -65.94 37.09
N LYS E 27 9.47 -65.62 37.17
CA LYS E 27 8.61 -65.69 36.00
C LYS E 27 9.06 -64.71 34.92
N ARG E 28 9.43 -63.49 35.32
CA ARG E 28 9.95 -62.52 34.36
C ARG E 28 11.25 -63.00 33.73
N ASP E 29 12.14 -63.58 34.54
CA ASP E 29 13.42 -64.07 34.02
C ASP E 29 13.24 -65.26 33.10
N ALA E 30 12.19 -66.05 33.29
CA ALA E 30 11.93 -67.22 32.46
C ALA E 30 11.18 -66.89 31.17
N ARG E 31 11.23 -65.63 30.73
CA ARG E 31 10.51 -65.24 29.51
C ARG E 31 11.18 -65.82 28.27
N ARG E 32 12.51 -65.91 28.26
CA ARG E 32 13.27 -66.38 27.10
C ARG E 32 13.63 -67.85 27.30
N GLU E 33 12.82 -68.73 26.73
CA GLU E 33 13.08 -70.17 26.77
C GLU E 33 12.32 -70.84 25.65
N LEU E 34 12.77 -72.04 25.30
CA LEU E 34 12.13 -72.83 24.26
C LEU E 34 12.30 -74.30 24.56
N LYS E 35 11.35 -75.11 24.08
CA LYS E 35 11.36 -76.55 24.31
C LYS E 35 11.14 -77.28 23.00
N LEU E 36 11.90 -78.35 22.80
CA LEU E 36 11.76 -79.22 21.65
C LEU E 36 11.95 -80.66 22.10
N LEU E 37 11.30 -81.58 21.41
CA LEU E 37 11.37 -83.00 21.74
C LEU E 37 12.05 -83.77 20.61
N LEU E 38 12.95 -84.67 20.99
CA LEU E 38 13.67 -85.51 20.03
C LEU E 38 12.98 -86.87 19.99
N LEU E 39 11.84 -86.91 19.33
CA LEU E 39 11.05 -88.14 19.20
C LEU E 39 11.60 -88.93 18.02
N GLY E 40 12.33 -90.01 18.31
CA GLY E 40 12.94 -90.79 17.26
C GLY E 40 12.78 -92.28 17.52
N THR E 41 12.92 -93.05 16.45
CA THR E 41 12.81 -94.49 16.52
C THR E 41 14.07 -95.09 17.14
N GLY E 42 13.98 -96.38 17.48
CA GLY E 42 15.12 -97.06 18.05
C GLY E 42 16.23 -97.27 17.03
N GLU E 43 17.46 -97.39 17.56
CA GLU E 43 18.65 -97.60 16.74
C GLU E 43 18.82 -96.48 15.71
N SER E 44 18.50 -95.25 16.12
CA SER E 44 18.65 -94.08 15.27
C SER E 44 19.89 -93.27 15.60
N GLY E 45 20.76 -93.77 16.48
CA GLY E 45 21.94 -93.03 16.88
C GLY E 45 21.64 -91.76 17.64
N LYS E 46 20.72 -91.81 18.61
CA LYS E 46 20.38 -90.62 19.38
C LYS E 46 21.59 -90.08 20.14
N SER E 47 22.32 -90.98 20.83
CA SER E 47 23.50 -90.55 21.56
C SER E 47 24.58 -90.02 20.61
N THR E 48 24.78 -90.70 19.47
CA THR E 48 25.77 -90.25 18.51
C THR E 48 25.42 -88.87 17.95
N PHE E 49 24.15 -88.66 17.63
CA PHE E 49 23.73 -87.36 17.11
C PHE E 49 23.86 -86.27 18.17
N ILE E 50 23.51 -86.58 19.42
CA ILE E 50 23.55 -85.58 20.48
C ILE E 50 25.00 -85.21 20.81
N LYS E 51 25.91 -86.19 20.76
CA LYS E 51 27.29 -85.93 21.16
C LYS E 51 27.95 -84.89 20.26
N GLN E 52 27.69 -84.95 18.95
CA GLN E 52 28.32 -84.04 18.01
C GLN E 52 27.95 -82.59 18.32
N MET E 53 26.66 -82.33 18.56
CA MET E 53 26.24 -80.97 18.87
C MET E 53 26.60 -80.56 20.28
N ARG E 54 26.71 -81.53 21.21
CA ARG E 54 27.07 -81.19 22.58
C ARG E 54 28.56 -80.87 22.72
N ILE E 55 29.39 -81.41 21.83
CA ILE E 55 30.83 -81.13 21.89
C ILE E 55 31.08 -79.64 21.70
N ILE E 56 30.43 -79.04 20.69
CA ILE E 56 30.59 -77.62 20.41
C ILE E 56 29.43 -77.19 19.54
N HIS E 57 29.07 -75.92 19.65
CA HIS E 57 28.01 -75.33 18.86
C HIS E 57 26.77 -76.08 19.05
N THR E 181 16.40 -94.68 31.63
CA THR E 181 15.07 -94.64 31.03
C THR E 181 14.35 -93.35 31.40
N GLY E 182 14.99 -92.55 32.25
CA GLY E 182 14.39 -91.30 32.68
C GLY E 182 14.37 -90.26 31.58
N ILE E 183 13.48 -89.29 31.74
CA ILE E 183 13.35 -88.19 30.79
C ILE E 183 14.44 -87.17 31.10
N ILE E 184 15.40 -87.04 30.20
CA ILE E 184 16.54 -86.15 30.38
C ILE E 184 16.45 -85.02 29.36
N GLU E 185 16.65 -83.79 29.82
CA GLU E 185 16.60 -82.61 28.99
C GLU E 185 17.99 -81.99 28.89
N TYR E 186 18.36 -81.58 27.67
CA TYR E 186 19.67 -81.00 27.43
C TYR E 186 19.55 -79.48 27.33
N PRO E 187 20.11 -78.73 28.26
CA PRO E 187 19.96 -77.26 28.22
C PRO E 187 20.93 -76.58 27.29
N PHE E 188 20.58 -76.48 26.00
CA PHE E 188 21.45 -75.80 25.06
C PHE E 188 21.54 -74.31 25.38
N ASP E 189 22.68 -73.71 25.00
CA ASP E 189 22.99 -72.33 25.38
C ASP E 189 23.17 -71.46 24.16
N LEU E 190 22.24 -71.53 23.21
CA LEU E 190 22.32 -70.73 21.99
C LEU E 190 22.21 -69.25 22.30
N GLN E 191 22.36 -68.41 21.28
CA GLN E 191 22.45 -66.97 21.47
C GLN E 191 21.14 -66.41 22.00
N SER E 192 21.19 -65.81 23.18
CA SER E 192 20.10 -65.02 23.76
C SER E 192 18.88 -65.88 24.07
N VAL E 193 18.91 -67.18 23.75
CA VAL E 193 17.83 -68.11 24.05
C VAL E 193 18.45 -69.39 24.57
N ILE E 194 17.90 -69.90 25.68
CA ILE E 194 18.35 -71.17 26.26
C ILE E 194 17.43 -72.25 25.70
N PHE E 195 17.93 -72.99 24.72
CA PHE E 195 17.15 -74.08 24.15
C PHE E 195 17.12 -75.28 25.09
N ARG E 196 16.02 -76.02 25.05
CA ARG E 196 15.85 -77.22 25.87
C ARG E 196 15.35 -78.35 24.98
N MET E 197 16.16 -79.38 24.82
CA MET E 197 15.80 -80.58 24.09
C MET E 197 15.58 -81.71 25.07
N VAL E 198 14.44 -82.38 24.95
CA VAL E 198 14.05 -83.45 25.88
C VAL E 198 14.06 -84.78 25.13
N ASP E 199 14.64 -85.79 25.75
CA ASP E 199 14.65 -87.14 25.21
C ASP E 199 13.42 -87.89 25.70
N VAL E 200 12.59 -88.34 24.76
CA VAL E 200 11.33 -89.00 25.10
C VAL E 200 11.20 -90.38 24.50
N GLY E 201 12.11 -90.79 23.62
CA GLY E 201 12.00 -92.09 22.99
C GLY E 201 12.07 -93.24 23.98
N GLY E 202 12.94 -93.12 24.98
CA GLY E 202 13.11 -94.18 25.95
C GLY E 202 12.07 -94.17 27.06
N GLN E 203 10.85 -94.58 26.72
CA GLN E 203 9.75 -94.64 27.70
C GLN E 203 9.22 -96.05 27.89
N ARG E 204 8.96 -96.77 26.79
CA ARG E 204 8.47 -98.15 26.83
C ARG E 204 7.15 -98.25 27.60
N SER E 205 6.19 -97.41 27.21
CA SER E 205 4.86 -97.42 27.80
C SER E 205 3.91 -96.73 26.82
N GLU E 206 2.68 -96.49 27.27
CA GLU E 206 1.71 -95.79 26.45
C GLU E 206 2.16 -94.34 26.23
N ARG E 207 1.92 -93.83 25.03
CA ARG E 207 2.35 -92.48 24.66
C ARG E 207 1.24 -91.45 24.80
N ARG E 208 0.00 -91.81 24.48
CA ARG E 208 -1.09 -90.85 24.55
C ARG E 208 -1.36 -90.40 25.98
N LYS E 209 -1.01 -91.22 26.96
CA LYS E 209 -1.34 -90.90 28.35
C LYS E 209 -0.46 -89.80 28.93
N TRP E 210 0.73 -89.59 28.37
CA TRP E 210 1.60 -88.51 28.84
C TRP E 210 1.99 -87.54 27.73
N ILE E 211 1.49 -87.71 26.51
CA ILE E 211 1.80 -86.76 25.45
C ILE E 211 1.13 -85.42 25.67
N HIS E 212 0.14 -85.35 26.56
CA HIS E 212 -0.52 -84.09 26.85
C HIS E 212 0.38 -83.08 27.54
N CYS E 213 1.46 -83.55 28.18
CA CYS E 213 2.37 -82.64 28.86
C CYS E 213 3.03 -81.67 27.89
N PHE E 214 3.43 -82.18 26.73
CA PHE E 214 4.08 -81.36 25.70
C PHE E 214 2.99 -80.81 24.78
N GLU E 215 2.61 -79.55 24.98
CA GLU E 215 1.65 -78.90 24.11
C GLU E 215 2.18 -77.56 23.64
N ASN E 216 3.03 -76.92 24.44
CA ASN E 216 3.64 -75.65 24.08
C ASN E 216 4.90 -75.83 23.23
N VAL E 217 5.32 -77.06 22.97
CA VAL E 217 6.49 -77.30 22.14
C VAL E 217 6.23 -76.82 20.72
N THR E 218 7.19 -76.11 20.15
CA THR E 218 7.02 -75.47 18.86
C THR E 218 7.54 -76.27 17.68
N SER E 219 8.20 -77.40 17.91
CA SER E 219 8.75 -78.18 16.81
C SER E 219 8.95 -79.62 17.26
N ILE E 220 8.94 -80.53 16.28
CA ILE E 220 9.19 -81.95 16.51
C ILE E 220 10.42 -82.33 15.69
N MET E 221 11.46 -82.80 16.37
CA MET E 221 12.71 -83.20 15.71
C MET E 221 12.72 -84.70 15.48
N PHE E 222 11.82 -85.13 14.60
CA PHE E 222 11.66 -86.55 14.32
C PHE E 222 12.87 -87.07 13.53
N LEU E 223 13.27 -88.30 13.83
CA LEU E 223 14.50 -88.87 13.28
C LEU E 223 14.25 -90.25 12.71
N VAL E 224 14.89 -90.54 11.57
CA VAL E 224 14.84 -91.86 10.95
C VAL E 224 16.24 -92.26 10.50
N ALA E 225 16.40 -93.55 10.21
CA ALA E 225 17.62 -94.09 9.65
C ALA E 225 17.32 -94.63 8.25
N LEU E 226 18.18 -94.31 7.29
CA LEU E 226 17.93 -94.66 5.90
C LEU E 226 18.35 -96.08 5.55
N SER E 227 19.00 -96.80 6.47
CA SER E 227 19.49 -98.13 6.19
C SER E 227 18.50 -99.24 6.54
N GLU E 228 17.28 -98.87 6.95
CA GLU E 228 16.29 -99.86 7.36
C GLU E 228 15.50 -100.42 6.18
N TYR E 229 15.74 -99.94 4.96
CA TYR E 229 15.00 -100.45 3.81
C TYR E 229 15.33 -101.92 3.56
N ASP E 230 16.59 -102.31 3.74
CA ASP E 230 17.01 -103.70 3.59
C ASP E 230 17.31 -104.39 4.91
N GLN E 231 17.36 -103.64 6.02
CA GLN E 231 17.57 -104.22 7.34
C GLN E 231 16.25 -104.75 7.86
N VAL E 232 15.89 -105.95 7.39
CA VAL E 232 14.61 -106.55 7.75
C VAL E 232 14.59 -106.89 9.23
N LEU E 233 13.39 -106.90 9.81
CA LEU E 233 13.19 -107.22 11.22
C LEU E 233 12.38 -108.50 11.32
N VAL E 234 12.84 -109.42 12.17
CA VAL E 234 12.16 -110.70 12.38
C VAL E 234 11.92 -111.01 13.85
N GLU E 235 12.36 -110.13 14.76
CA GLU E 235 12.19 -110.37 16.18
C GLU E 235 10.73 -110.23 16.60
N ASP E 237 7.45 -111.00 14.05
CA ASP E 237 6.97 -110.10 12.99
C ASP E 237 8.04 -109.91 11.93
N ASN E 238 7.78 -110.43 10.72
CA ASN E 238 8.73 -110.32 9.61
C ASN E 238 8.35 -109.12 8.74
N GLU E 239 8.54 -107.94 9.31
CA GLU E 239 8.25 -106.68 8.63
C GLU E 239 9.43 -105.73 8.80
N ASN E 240 9.76 -105.01 7.73
CA ASN E 240 10.90 -104.12 7.75
C ASN E 240 10.64 -102.93 8.66
N ARG E 241 11.71 -102.44 9.30
CA ARG E 241 11.57 -101.35 10.25
C ARG E 241 11.14 -100.04 9.59
N MET E 242 11.24 -99.95 8.26
CA MET E 242 10.74 -98.77 7.57
C MET E 242 9.22 -98.65 7.74
N GLU E 243 8.50 -99.78 7.70
CA GLU E 243 7.07 -99.73 7.92
C GLU E 243 6.74 -99.22 9.32
N GLU E 244 7.48 -99.69 10.33
CA GLU E 244 7.25 -99.22 11.70
C GLU E 244 7.57 -97.73 11.83
N SER E 245 8.66 -97.28 11.20
CA SER E 245 9.00 -95.87 11.26
C SER E 245 7.95 -95.01 10.58
N LYS E 246 7.44 -95.47 9.44
CA LYS E 246 6.37 -94.74 8.75
C LYS E 246 5.10 -94.68 9.60
N ALA E 247 4.76 -95.81 10.25
CA ALA E 247 3.59 -95.82 11.11
C ALA E 247 3.75 -94.85 12.28
N LEU E 248 4.94 -94.82 12.89
CA LEU E 248 5.18 -93.90 14.00
C LEU E 248 5.11 -92.45 13.53
N PHE E 249 5.69 -92.15 12.36
CA PHE E 249 5.60 -90.79 11.82
C PHE E 249 4.16 -90.39 11.56
N ARG E 250 3.37 -91.29 10.97
CA ARG E 250 1.98 -90.98 10.70
C ARG E 250 1.20 -90.75 11.99
N THR E 251 1.46 -91.59 13.01
CA THR E 251 0.77 -91.41 14.29
C THR E 251 1.13 -90.08 14.93
N ILE E 252 2.41 -89.71 14.90
CA ILE E 252 2.83 -88.47 15.55
C ILE E 252 2.28 -87.26 14.81
N ILE E 253 2.34 -87.26 13.47
CA ILE E 253 1.86 -86.11 12.70
C ILE E 253 0.35 -86.00 12.80
N THR E 254 -0.35 -87.13 12.80
CA THR E 254 -1.81 -87.13 12.77
C THR E 254 -2.43 -86.56 14.05
N TYR E 255 -1.64 -86.43 15.12
CA TYR E 255 -2.16 -85.96 16.39
C TYR E 255 -2.80 -84.58 16.24
N PRO E 256 -4.07 -84.42 16.60
CA PRO E 256 -4.69 -83.08 16.53
C PRO E 256 -4.05 -82.07 17.46
N TRP E 257 -3.44 -82.52 18.56
CA TRP E 257 -2.81 -81.59 19.49
C TRP E 257 -1.65 -80.85 18.83
N PHE E 258 -0.83 -81.56 18.06
CA PHE E 258 0.32 -80.96 17.37
C PHE E 258 -0.18 -80.33 16.07
N GLN E 259 -0.75 -79.14 16.21
CA GLN E 259 -1.26 -78.39 15.07
C GLN E 259 -0.54 -77.08 14.84
N ASN E 260 0.04 -76.47 15.87
CA ASN E 260 0.78 -75.22 15.74
C ASN E 260 2.27 -75.41 15.94
N SER E 261 2.78 -76.60 15.61
CA SER E 261 4.19 -76.93 15.79
C SER E 261 4.76 -77.43 14.47
N SER E 262 5.98 -76.99 14.16
CA SER E 262 6.65 -77.39 12.93
C SER E 262 7.22 -78.80 13.08
N VAL E 263 7.65 -79.36 11.95
CA VAL E 263 8.18 -80.72 11.91
C VAL E 263 9.56 -80.67 11.28
N ILE E 264 10.54 -81.23 11.98
CA ILE E 264 11.91 -81.35 11.48
C ILE E 264 12.19 -82.84 11.29
N LEU E 265 12.57 -83.22 10.08
CA LEU E 265 12.77 -84.63 9.71
C LEU E 265 14.24 -84.85 9.39
N PHE E 266 15.02 -85.17 10.42
CA PHE E 266 16.42 -85.50 10.23
C PHE E 266 16.56 -86.91 9.67
N LEU E 267 17.40 -87.06 8.66
CA LEU E 267 17.73 -88.37 8.09
C LEU E 267 19.20 -88.64 8.33
N ASN E 268 19.48 -89.71 9.06
CA ASN E 268 20.84 -90.05 9.46
C ASN E 268 21.31 -91.32 8.74
N LYS E 269 22.60 -91.62 8.91
CA LYS E 269 23.23 -92.81 8.34
C LYS E 269 23.05 -92.86 6.82
N LYS E 270 23.33 -91.72 6.18
CA LYS E 270 23.23 -91.62 4.72
C LYS E 270 24.32 -92.41 4.02
N ASP E 271 25.48 -92.58 4.67
CA ASP E 271 26.61 -93.23 4.02
C ASP E 271 26.28 -94.68 3.63
N LEU E 272 25.58 -95.39 4.51
CA LEU E 272 25.24 -96.79 4.22
C LEU E 272 24.34 -96.87 3.00
N LEU E 273 23.31 -96.02 2.93
CA LEU E 273 22.42 -96.03 1.77
C LEU E 273 23.16 -95.65 0.50
N GLU E 274 24.05 -94.65 0.59
CA GLU E 274 24.81 -94.23 -0.59
C GLU E 274 25.73 -95.34 -1.07
N GLU E 275 26.36 -96.07 -0.15
CA GLU E 275 27.35 -97.06 -0.53
C GLU E 275 26.72 -98.38 -0.94
N LYS E 276 26.01 -99.04 -0.03
CA LYS E 276 25.50 -100.39 -0.26
C LYS E 276 24.12 -100.31 -0.89
N ILE E 277 24.08 -100.18 -2.22
CA ILE E 277 22.82 -100.22 -2.94
C ILE E 277 22.93 -101.16 -4.13
N MET E 278 24.17 -101.54 -4.48
CA MET E 278 24.37 -102.45 -5.60
C MET E 278 23.90 -103.86 -5.27
N TYR E 279 23.80 -104.21 -3.98
CA TYR E 279 23.32 -105.51 -3.56
C TYR E 279 21.99 -105.43 -2.82
N SER E 280 21.37 -104.25 -2.76
CA SER E 280 20.16 -104.05 -1.97
C SER E 280 19.12 -103.24 -2.75
N HIS E 281 18.85 -103.63 -4.00
CA HIS E 281 17.85 -102.93 -4.78
C HIS E 281 16.48 -103.05 -4.13
N LEU E 282 15.70 -101.98 -4.20
CA LEU E 282 14.43 -101.88 -3.49
C LEU E 282 13.23 -102.10 -4.40
N VAL E 283 13.43 -102.71 -5.57
CA VAL E 283 12.30 -102.99 -6.45
C VAL E 283 11.39 -104.04 -5.81
N ASP E 284 11.96 -105.00 -5.10
CA ASP E 284 11.16 -106.01 -4.42
C ASP E 284 10.87 -105.64 -2.97
N TYR E 285 11.86 -105.11 -2.25
CA TYR E 285 11.66 -104.73 -0.86
C TYR E 285 10.73 -103.52 -0.73
N PHE E 286 10.53 -102.76 -1.79
CA PHE E 286 9.61 -101.64 -1.80
C PHE E 286 8.84 -101.62 -3.11
N PRO E 287 7.59 -101.16 -3.10
CA PRO E 287 6.75 -101.28 -4.30
C PRO E 287 6.72 -100.04 -5.18
N GLU E 288 7.32 -98.94 -4.73
CA GLU E 288 7.23 -97.65 -5.42
C GLU E 288 8.60 -97.11 -5.79
N TYR E 289 9.48 -97.97 -6.30
CA TYR E 289 10.82 -97.60 -6.72
C TYR E 289 11.14 -98.20 -8.08
N ASP E 290 10.21 -98.03 -9.03
CA ASP E 290 10.47 -98.46 -10.40
C ASP E 290 11.30 -97.37 -11.08
N GLY E 291 12.58 -97.34 -10.73
CA GLY E 291 13.49 -96.35 -11.24
C GLY E 291 14.33 -96.87 -12.39
N PRO E 292 15.62 -96.52 -12.40
CA PRO E 292 16.48 -96.92 -13.52
C PRO E 292 16.67 -98.42 -13.65
N GLN E 293 17.15 -99.08 -12.60
CA GLN E 293 17.46 -100.51 -12.66
C GLN E 293 17.55 -101.03 -11.24
N ARG E 294 18.02 -102.28 -11.10
CA ARG E 294 18.17 -102.90 -9.79
C ARG E 294 19.19 -102.16 -8.95
N ALA E 296 22.80 -99.18 -8.74
CA ALA E 296 23.70 -98.14 -8.27
C ALA E 296 23.05 -96.77 -8.40
N GLN E 297 23.87 -95.73 -8.25
CA GLN E 297 23.41 -94.33 -8.35
C GLN E 297 22.25 -94.05 -7.39
N ALA E 298 22.56 -94.16 -6.10
CA ALA E 298 21.54 -94.03 -5.08
C ALA E 298 20.86 -92.67 -5.14
N ALA E 299 19.55 -92.67 -4.91
CA ALA E 299 18.76 -91.44 -4.90
C ALA E 299 17.85 -91.48 -3.67
N ARG E 300 18.21 -90.68 -2.67
CA ARG E 300 17.47 -90.58 -1.41
C ARG E 300 16.12 -89.88 -1.57
N GLU E 301 15.90 -89.22 -2.72
CA GLU E 301 14.66 -88.48 -2.94
C GLU E 301 13.45 -89.40 -2.93
N PHE E 302 13.63 -90.69 -3.24
CA PHE E 302 12.49 -91.61 -3.21
C PHE E 302 11.96 -91.80 -1.79
N ILE E 303 12.86 -92.06 -0.84
CA ILE E 303 12.43 -92.17 0.55
C ILE E 303 11.94 -90.82 1.07
N LEU E 304 12.56 -89.73 0.62
CA LEU E 304 12.05 -88.41 0.97
C LEU E 304 10.59 -88.25 0.55
N LYS E 305 10.29 -88.63 -0.69
CA LYS E 305 8.92 -88.53 -1.19
C LYS E 305 7.99 -89.45 -0.42
N MET E 306 8.46 -90.65 -0.07
CA MET E 306 7.62 -91.58 0.68
C MET E 306 7.24 -91.01 2.04
N PHE E 307 8.19 -90.38 2.74
CA PHE E 307 7.85 -89.75 4.02
C PHE E 307 6.99 -88.51 3.82
N VAL E 308 7.27 -87.71 2.79
CA VAL E 308 6.55 -86.45 2.62
C VAL E 308 5.09 -86.69 2.25
N ASP E 309 4.83 -87.70 1.41
CA ASP E 309 3.47 -87.98 0.98
C ASP E 309 2.57 -88.42 2.13
N LEU E 310 3.16 -88.87 3.24
CA LEU E 310 2.39 -89.28 4.41
C LEU E 310 2.07 -88.08 5.30
N ASN E 311 1.28 -87.17 4.75
CA ASN E 311 0.91 -85.94 5.44
C ASN E 311 -0.37 -85.40 4.81
N PRO E 312 -1.20 -84.70 5.59
CA PRO E 312 -2.42 -84.13 5.01
C PRO E 312 -2.11 -82.94 4.10
N ASP E 313 -3.14 -82.52 3.38
CA ASP E 313 -3.00 -81.39 2.47
C ASP E 313 -2.80 -80.10 3.24
N SER E 314 -2.28 -79.09 2.53
CA SER E 314 -1.96 -77.79 3.13
C SER E 314 -0.98 -77.95 4.30
N ASP E 315 -0.09 -78.93 4.19
CA ASP E 315 0.87 -79.19 5.25
C ASP E 315 1.88 -78.06 5.35
N LYS E 316 2.34 -77.81 6.58
CA LYS E 316 3.38 -76.82 6.79
C LYS E 316 4.70 -77.32 6.20
N ILE E 317 5.64 -76.39 6.06
CA ILE E 317 6.93 -76.73 5.45
C ILE E 317 7.66 -77.71 6.34
N ILE E 318 8.08 -78.83 5.77
CA ILE E 318 8.83 -79.86 6.48
C ILE E 318 10.30 -79.66 6.20
N TYR E 319 11.06 -79.38 7.25
CA TYR E 319 12.49 -79.09 7.12
C TYR E 319 13.28 -80.37 7.33
N SER E 320 13.93 -80.85 6.27
CA SER E 320 14.65 -82.12 6.29
C SER E 320 16.02 -81.91 5.65
N HIS E 321 17.08 -82.10 6.44
CA HIS E 321 18.44 -82.02 5.94
C HIS E 321 19.18 -83.29 6.29
N PHE E 322 19.71 -83.97 5.27
CA PHE E 322 20.38 -85.25 5.47
C PHE E 322 21.71 -85.04 6.18
N THR E 323 21.95 -85.83 7.21
CA THR E 323 23.15 -85.71 8.03
C THR E 323 23.99 -86.98 7.91
N CYS E 324 25.11 -87.00 8.63
CA CYS E 324 26.01 -88.14 8.65
C CYS E 324 26.55 -88.29 10.06
N ALA E 325 27.59 -89.13 10.20
CA ALA E 325 28.16 -89.37 11.52
C ALA E 325 28.81 -88.12 12.09
N THR E 326 29.52 -87.37 11.25
CA THR E 326 30.25 -86.18 11.71
C THR E 326 29.80 -84.91 10.99
N ASP E 327 28.58 -84.89 10.45
CA ASP E 327 28.06 -83.71 9.78
C ASP E 327 27.84 -82.61 10.80
N THR E 328 28.71 -81.60 10.78
CA THR E 328 28.66 -80.53 11.78
C THR E 328 27.47 -79.59 11.55
N GLU E 329 27.09 -79.37 10.30
CA GLU E 329 26.07 -78.37 9.95
C GLU E 329 24.69 -78.94 10.22
N ASN E 330 24.34 -79.00 11.50
CA ASN E 330 22.99 -79.38 11.89
C ASN E 330 22.39 -78.40 12.89
N ILE E 331 23.19 -77.93 13.86
CA ILE E 331 22.64 -76.98 14.82
C ILE E 331 22.20 -75.73 14.11
N ARG E 332 23.00 -75.29 13.16
CA ARG E 332 22.51 -74.15 12.43
C ARG E 332 21.33 -74.52 11.53
N PHE E 333 21.12 -75.78 11.14
CA PHE E 333 19.86 -76.04 10.37
C PHE E 333 18.69 -75.92 11.34
N VAL E 334 18.90 -76.36 12.58
CA VAL E 334 17.82 -76.28 13.60
C VAL E 334 17.44 -74.81 13.81
N PHE E 335 18.39 -73.89 13.96
CA PHE E 335 18.05 -72.49 14.27
C PHE E 335 17.35 -71.98 13.04
N ALA E 336 17.81 -72.37 11.87
CA ALA E 336 17.05 -71.91 10.71
C ALA E 336 15.58 -72.32 10.82
N ALA E 337 15.26 -73.58 11.05
CA ALA E 337 13.82 -73.87 11.13
C ALA E 337 13.19 -73.15 12.32
N VAL E 338 13.86 -73.01 13.44
CA VAL E 338 13.14 -72.33 14.55
C VAL E 338 12.81 -70.90 14.10
N LYS E 339 13.74 -70.17 13.50
CA LYS E 339 13.43 -68.77 13.19
C LYS E 339 12.31 -68.88 12.22
N ASP E 340 12.46 -69.72 11.24
CA ASP E 340 11.31 -69.69 10.33
C ASP E 340 10.03 -70.13 11.04
N THR E 341 10.06 -71.11 11.95
CA THR E 341 8.76 -71.52 12.53
C THR E 341 8.11 -70.35 13.27
N ILE E 342 8.87 -69.60 14.04
CA ILE E 342 8.30 -68.40 14.67
C ILE E 342 7.91 -67.31 13.68
N LEU E 343 8.78 -66.89 12.78
CA LEU E 343 8.38 -65.73 11.96
C LEU E 343 7.07 -66.05 11.29
N GLN E 344 6.94 -67.23 10.79
CA GLN E 344 5.69 -67.44 10.08
C GLN E 344 4.54 -67.23 11.06
N LEU E 345 4.67 -67.70 12.29
CA LEU E 345 3.52 -67.60 13.23
C LEU E 345 3.21 -66.14 13.56
N ASN E 346 4.22 -65.35 13.90
CA ASN E 346 3.89 -63.98 14.35
C ASN E 346 3.35 -63.27 13.14
N LEU E 347 3.87 -63.59 11.99
CA LEU E 347 3.38 -62.81 10.85
C LEU E 347 1.91 -63.16 10.69
N LYS E 348 1.53 -64.38 11.06
CA LYS E 348 0.09 -64.76 11.04
C LYS E 348 -0.69 -63.99 12.11
N GLU E 349 -0.12 -63.87 13.31
CA GLU E 349 -0.79 -63.17 14.43
C GLU E 349 -0.95 -61.66 14.18
N TYR E 350 0.05 -60.94 13.67
CA TYR E 350 -0.15 -59.48 13.54
C TYR E 350 -1.01 -59.28 12.29
N ASN E 351 -1.41 -60.37 11.65
CA ASN E 351 -2.32 -60.31 10.50
C ASN E 351 -1.69 -59.71 9.26
N LEU E 352 -0.38 -59.50 9.26
CA LEU E 352 0.30 -58.99 8.07
C LEU E 352 0.30 -60.02 6.94
N VAL E 353 0.01 -61.28 7.25
CA VAL E 353 -0.02 -62.38 6.29
C VAL E 353 1.37 -62.69 5.75
#